data_7SQ9
#
_entry.id   7SQ9
#
_cell.length_a   1.00
_cell.length_b   1.00
_cell.length_c   1.00
_cell.angle_alpha   90.00
_cell.angle_beta   90.00
_cell.angle_gamma   90.00
#
_symmetry.space_group_name_H-M   'P 1'
#
loop_
_entity.id
_entity.type
_entity.pdbx_description
1 polymer Mucolipin-1
2 branched 2-acetamido-2-deoxy-beta-D-glucopyranose-(1-4)-2-acetamido-2-deoxy-beta-D-glucopyranose
3 non-polymer '(2R)-3-{[(S)-hydroxy{[(1S,2R,3R,4S,5S,6R)-2,4,6-trihydroxy-3,5-bis(phosphonooxy)cyclohexyl]oxy}phosphoryl]oxy}propane-1,2-diyl dioctanoate'
4 non-polymer '(1R,2R,4S)-4-{(2R)-2-[(3S,6R,7E,9R,10R,12R,14S,15E,17E,19E,21S,23S,26R,27R,30S,34aS)-9,27-dihydroxy-10,21-dimethoxy-6,8,12,14,20,26-hexamethyl-1,5,11,28,29-pentaoxo-1,4,5,6,9,10,11,12,13,14,21,22,23,24,25,26,27,28,29,31,32,33,34,34a-tetracosahydro-3H-23,27-epoxypyrido[2,1-c][1,4]oxazacyclohentriacontin-3-yl]propyl}-2-methoxycyclohexyl 3-hydroxy-2-(hydroxymethyl)-2-methylpropanoate'
5 non-polymer 'SODIUM ION'
6 water water
#
_entity_poly.entity_id   1
_entity_poly.type   'polypeptide(L)'
_entity_poly.pdbx_seq_one_letter_code
;MATPAGRRASETERLLTPNPGYGTQVGTSPAPTTPTEEEDLRRRLKYFFMSPCDKFRAKGRKPCKLMLQVVKILVVTVQL
ILFGLSNQLVVTFREENTIAFRHLFLLGYSDGSDDTFAAYTQEQLYQAIFYAVDQYLILPEISLGRYAYVRGGGGPWANG
SALALCQRYYHRGHVDPANDTFDIDPRVVTDCIQVDPPDRPPDIPSEDLDFLDGSASYKNLTLKFHKLINVTIHFQLKTI
NLQSLINNEIPDCYTFSILITFDNKAHSGRIPIRLETKTHIQECKHPSVSRHGDNSFRLLFDVVVILTCSLSFLLCARSL
LRGFLLQNEFVVFMWRRRGREISLWERLEFVNGWYILLVTSDVLTISGTVMKIGIEAKNLASYDVCSILLGTSTLLVWVG
VIRYLTFFHKYNILIATLRVALPSVMRFCCCVAVIYLGYCFCGWIVLGPYHVKFRSLSMVSECLFSLINGDDMFVTFAAM
QAQQGHSSLVWLFSQLYLYSFISLFIYMVLSLFIALITGAYDTIKHPGGTGTEKSELQAYIEQCQDSPTSGKFRRGSGSA
CSLFCCCGRDSPEDHSLLVN
;
_entity_poly.pdbx_strand_id   A,B,C,D
#
# COMPACT_ATOMS: atom_id res chain seq x y z
N ASP A 40 -10.34 -5.53 67.69
CA ASP A 40 -10.51 -4.86 66.41
C ASP A 40 -10.51 -5.87 65.26
N LEU A 41 -11.70 -6.40 64.95
CA LEU A 41 -11.80 -7.40 63.89
C LEU A 41 -11.43 -6.79 62.53
N ARG A 42 -11.75 -5.50 62.35
CA ARG A 42 -11.43 -4.78 61.09
C ARG A 42 -12.05 -5.29 59.80
N ARG A 43 -13.34 -5.62 59.82
CA ARG A 43 -14.01 -6.02 58.59
C ARG A 43 -14.10 -4.87 57.60
N ARG A 44 -13.80 -3.64 58.02
CA ARG A 44 -13.92 -2.50 57.12
C ARG A 44 -12.89 -2.54 55.99
N LEU A 45 -11.71 -3.08 56.27
CA LEU A 45 -10.69 -3.21 55.24
C LEU A 45 -11.22 -4.11 54.14
N LYS A 46 -11.76 -5.27 54.51
CA LYS A 46 -12.31 -6.19 53.53
C LYS A 46 -13.50 -5.57 52.81
N TYR A 47 -14.30 -4.77 53.52
CA TYR A 47 -15.44 -4.10 52.90
C TYR A 47 -14.96 -3.16 51.83
N PHE A 48 -13.88 -2.45 52.08
CA PHE A 48 -13.38 -1.45 51.14
C PHE A 48 -13.03 -2.09 49.80
N PHE A 49 -12.31 -3.21 49.82
CA PHE A 49 -11.87 -3.87 48.60
C PHE A 49 -12.89 -4.92 48.16
N MET A 50 -14.14 -4.44 48.06
CA MET A 50 -15.21 -5.32 47.66
C MET A 50 -15.84 -4.85 46.37
N SER A 51 -16.44 -5.76 45.63
CA SER A 51 -17.12 -5.44 44.39
C SER A 51 -18.46 -4.78 44.67
N PRO A 52 -19.02 -4.06 43.69
CA PRO A 52 -20.33 -3.42 43.92
C PRO A 52 -21.42 -4.40 44.31
N CYS A 53 -21.44 -5.59 43.70
CA CYS A 53 -22.43 -6.60 44.10
C CYS A 53 -22.22 -7.04 45.55
N ASP A 54 -20.96 -7.26 45.93
CA ASP A 54 -20.67 -7.66 47.31
C ASP A 54 -21.05 -6.57 48.29
N LYS A 55 -20.74 -5.31 47.95
CA LYS A 55 -21.14 -4.20 48.80
C LYS A 55 -22.65 -4.07 48.92
N PHE A 56 -23.38 -4.30 47.83
CA PHE A 56 -24.83 -4.28 47.91
C PHE A 56 -25.36 -5.39 48.81
N ARG A 57 -24.79 -6.58 48.69
CA ARG A 57 -25.21 -7.71 49.53
C ARG A 57 -24.89 -7.42 50.99
N ALA A 58 -23.82 -6.67 51.24
CA ALA A 58 -23.40 -6.41 52.62
C ALA A 58 -24.31 -5.37 53.28
N LYS A 59 -24.35 -4.16 52.74
CA LYS A 59 -25.15 -3.07 53.29
C LYS A 59 -26.20 -2.67 52.26
N GLY A 60 -26.96 -1.62 52.61
CA GLY A 60 -27.90 -1.04 51.66
C GLY A 60 -27.20 -0.08 50.72
N ARG A 61 -26.18 -0.57 50.02
CA ARG A 61 -25.34 0.26 49.16
C ARG A 61 -25.77 0.07 47.72
N LYS A 62 -26.52 1.02 47.17
CA LYS A 62 -26.86 0.94 45.76
C LYS A 62 -25.71 1.52 44.95
N PRO A 63 -25.35 0.88 43.81
CA PRO A 63 -24.20 1.41 43.07
C PRO A 63 -24.56 2.68 42.30
N CYS A 64 -24.14 3.83 42.82
CA CYS A 64 -24.40 5.09 42.15
C CYS A 64 -23.30 5.44 41.15
N LYS A 65 -22.05 5.16 41.49
CA LYS A 65 -20.96 5.47 40.58
C LYS A 65 -21.07 4.71 39.28
N LEU A 66 -21.49 3.44 39.31
CA LEU A 66 -21.57 2.65 38.10
C LEU A 66 -22.65 3.17 37.16
N MET A 67 -23.85 3.39 37.68
CA MET A 67 -24.93 3.91 36.84
C MET A 67 -24.59 5.31 36.37
N LEU A 68 -23.88 6.07 37.19
CA LEU A 68 -23.44 7.39 36.79
C LEU A 68 -22.54 7.24 35.60
N GLN A 69 -21.59 6.32 35.69
CA GLN A 69 -20.63 6.14 34.60
C GLN A 69 -21.35 5.77 33.29
N VAL A 70 -22.37 4.91 33.39
CA VAL A 70 -23.12 4.56 32.17
C VAL A 70 -23.80 5.78 31.57
N VAL A 71 -24.48 6.56 32.42
CA VAL A 71 -25.11 7.79 31.97
C VAL A 71 -24.07 8.74 31.39
N LYS A 72 -22.91 8.83 32.04
CA LYS A 72 -21.84 9.69 31.56
C LYS A 72 -21.38 9.28 30.18
N ILE A 73 -21.20 7.98 29.96
CA ILE A 73 -20.80 7.51 28.64
C ILE A 73 -21.80 7.99 27.59
N LEU A 74 -23.09 7.73 27.87
CA LEU A 74 -24.11 8.11 26.89
C LEU A 74 -24.08 9.61 26.61
N VAL A 75 -24.14 10.44 27.65
CA VAL A 75 -24.30 11.87 27.46
C VAL A 75 -23.03 12.50 26.87
N VAL A 76 -21.85 12.05 27.32
CA VAL A 76 -20.62 12.61 26.80
C VAL A 76 -20.43 12.24 25.33
N THR A 77 -20.76 11.00 24.95
CA THR A 77 -20.65 10.63 23.55
C THR A 77 -21.60 11.46 22.69
N VAL A 78 -22.84 11.63 23.15
CA VAL A 78 -23.80 12.41 22.39
C VAL A 78 -23.32 13.86 22.27
N GLN A 79 -22.79 14.42 23.35
CA GLN A 79 -22.29 15.78 23.30
C GLN A 79 -21.14 15.92 22.31
N LEU A 80 -20.23 14.95 22.30
CA LEU A 80 -19.13 14.98 21.33
C LEU A 80 -19.67 15.01 19.91
N ILE A 81 -20.64 14.14 19.60
CA ILE A 81 -21.18 14.10 18.24
C ILE A 81 -21.88 15.43 17.89
N LEU A 82 -22.67 15.96 18.82
CA LEU A 82 -23.36 17.21 18.57
C LEU A 82 -22.36 18.33 18.29
N PHE A 83 -21.30 18.43 19.09
CA PHE A 83 -20.26 19.41 18.82
C PHE A 83 -19.61 19.16 17.47
N GLY A 84 -19.43 17.88 17.11
CA GLY A 84 -18.78 17.55 15.87
C GLY A 84 -19.53 18.10 14.66
N LEU A 85 -20.85 18.14 14.73
CA LEU A 85 -21.60 18.79 13.65
C LEU A 85 -21.04 20.19 13.32
N SER A 86 -21.04 21.07 14.31
CA SER A 86 -20.52 22.43 14.12
C SER A 86 -19.04 22.43 13.73
N ASN A 87 -18.24 21.61 14.41
CA ASN A 87 -16.81 21.60 14.14
C ASN A 87 -16.54 21.24 12.68
N GLN A 88 -17.26 20.23 12.19
CA GLN A 88 -17.10 19.83 10.81
C GLN A 88 -17.50 20.96 9.87
N LEU A 89 -18.60 21.64 10.16
CA LEU A 89 -18.97 22.77 9.32
C LEU A 89 -17.84 23.79 9.22
N VAL A 90 -17.22 24.13 10.35
CA VAL A 90 -16.16 25.14 10.35
C VAL A 90 -14.96 24.66 9.53
N VAL A 91 -14.52 23.44 9.76
CA VAL A 91 -13.35 22.94 9.05
C VAL A 91 -13.63 22.93 7.54
N THR A 92 -14.80 22.41 7.15
CA THR A 92 -15.13 22.34 5.73
C THR A 92 -15.13 23.73 5.10
N PHE A 93 -15.70 24.72 5.80
CA PHE A 93 -15.68 26.08 5.25
C PHE A 93 -14.25 26.52 4.98
N ARG A 94 -13.37 26.35 5.97
CA ARG A 94 -11.99 26.78 5.80
C ARG A 94 -11.33 26.08 4.60
N GLU A 95 -11.41 24.75 4.57
CA GLU A 95 -10.72 24.01 3.51
C GLU A 95 -11.25 24.35 2.13
N GLU A 96 -12.57 24.43 1.98
CA GLU A 96 -13.14 24.67 0.66
C GLU A 96 -12.85 26.08 0.18
N ASN A 97 -12.84 27.06 1.09
CA ASN A 97 -12.44 28.40 0.69
C ASN A 97 -10.99 28.43 0.23
N THR A 98 -10.11 27.71 0.93
CA THR A 98 -8.71 27.70 0.52
C THR A 98 -8.54 27.09 -0.86
N ILE A 99 -9.24 25.98 -1.13
CA ILE A 99 -9.17 25.37 -2.45
C ILE A 99 -9.68 26.33 -3.51
N ALA A 100 -10.79 27.03 -3.22
CA ALA A 100 -11.33 27.98 -4.16
C ALA A 100 -10.31 29.09 -4.46
N PHE A 101 -9.63 29.58 -3.42
CA PHE A 101 -8.60 30.59 -3.64
C PHE A 101 -7.48 30.06 -4.53
N ARG A 102 -7.07 28.82 -4.31
CA ARG A 102 -6.02 28.25 -5.15
C ARG A 102 -6.45 28.21 -6.61
N HIS A 103 -7.71 27.87 -6.87
CA HIS A 103 -8.18 27.87 -8.25
C HIS A 103 -8.36 29.28 -8.80
N LEU A 104 -8.68 30.26 -7.94
CA LEU A 104 -8.94 31.60 -8.41
C LEU A 104 -7.67 32.39 -8.70
N PHE A 105 -6.60 32.16 -7.95
CA PHE A 105 -5.45 33.05 -7.99
C PHE A 105 -4.17 32.42 -8.53
N LEU A 106 -4.09 31.09 -8.63
CA LEU A 106 -2.89 30.42 -9.10
C LEU A 106 -3.07 30.05 -10.56
N LEU A 107 -2.35 30.73 -11.43
CA LEU A 107 -2.47 30.50 -12.86
C LEU A 107 -2.18 29.05 -13.21
N GLY A 108 -3.09 28.43 -13.95
CA GLY A 108 -2.91 27.05 -14.38
C GLY A 108 -2.95 26.02 -13.30
N TYR A 109 -3.45 26.36 -12.11
CA TYR A 109 -3.46 25.41 -11.00
C TYR A 109 -4.46 24.28 -11.27
N SER A 110 -4.07 23.06 -10.90
CA SER A 110 -4.96 21.91 -10.93
C SER A 110 -4.80 21.12 -9.63
N ASP A 111 -5.88 20.48 -9.20
CA ASP A 111 -5.86 19.75 -7.93
C ASP A 111 -4.81 18.64 -7.97
N GLY A 112 -4.06 18.52 -6.88
CA GLY A 112 -3.04 17.51 -6.74
C GLY A 112 -1.63 17.96 -7.11
N SER A 113 -1.50 19.08 -7.82
CA SER A 113 -0.20 19.55 -8.26
C SER A 113 0.50 20.41 -7.22
N ASP A 114 -0.10 20.60 -6.05
CA ASP A 114 0.36 21.55 -5.06
C ASP A 114 1.85 21.49 -4.73
N ASP A 115 2.44 20.30 -4.65
CA ASP A 115 3.83 20.22 -4.21
C ASP A 115 4.83 20.30 -5.36
N THR A 116 4.38 20.19 -6.61
CA THR A 116 5.22 20.41 -7.77
C THR A 116 4.91 21.71 -8.50
N PHE A 117 3.89 22.44 -8.07
CA PHE A 117 3.49 23.67 -8.74
C PHE A 117 4.60 24.71 -8.66
N ALA A 118 5.13 25.10 -9.81
CA ALA A 118 6.29 25.98 -9.82
C ALA A 118 6.40 26.66 -11.17
N ALA A 119 7.15 27.77 -11.19
CA ALA A 119 7.52 28.47 -12.41
C ALA A 119 8.97 28.17 -12.75
N TYR A 120 9.27 28.20 -14.05
CA TYR A 120 10.60 27.88 -14.54
C TYR A 120 11.19 28.91 -15.48
N THR A 121 10.42 29.92 -15.90
CA THR A 121 10.93 30.99 -16.74
C THR A 121 10.47 32.33 -16.19
N GLN A 122 11.18 33.38 -16.58
CA GLN A 122 10.81 34.72 -16.15
C GLN A 122 9.40 35.08 -16.62
N GLU A 123 9.07 34.70 -17.86
CA GLU A 123 7.74 34.96 -18.38
C GLU A 123 6.67 34.25 -17.55
N GLN A 124 6.93 32.99 -17.19
CA GLN A 124 5.97 32.25 -16.37
C GLN A 124 5.75 32.91 -15.02
N LEU A 125 6.84 33.34 -14.40
CA LEU A 125 6.73 34.01 -13.11
C LEU A 125 5.90 35.27 -13.23
N TYR A 126 6.23 36.12 -14.20
CA TYR A 126 5.50 37.37 -14.39
C TYR A 126 4.02 37.11 -14.65
N GLN A 127 3.73 36.11 -15.50
CA GLN A 127 2.35 35.79 -15.80
C GLN A 127 1.59 35.32 -14.56
N ALA A 128 2.24 34.51 -13.72
CA ALA A 128 1.59 34.04 -12.51
C ALA A 128 1.27 35.20 -11.58
N ILE A 129 2.25 36.08 -11.34
CA ILE A 129 2.03 37.21 -10.43
C ILE A 129 0.91 38.09 -10.95
N PHE A 130 0.97 38.43 -12.23
CA PHE A 130 -0.04 39.32 -12.81
C PHE A 130 -1.41 38.67 -12.81
N TYR A 131 -1.48 37.36 -13.03
CA TYR A 131 -2.75 36.65 -12.98
C TYR A 131 -3.35 36.74 -11.59
N ALA A 132 -2.53 36.52 -10.56
CA ALA A 132 -3.04 36.64 -9.19
C ALA A 132 -3.63 38.02 -8.97
N VAL A 133 -2.88 39.07 -9.29
CA VAL A 133 -3.37 40.42 -9.03
C VAL A 133 -4.62 40.73 -9.84
N ASP A 134 -4.62 40.37 -11.14
CA ASP A 134 -5.76 40.64 -12.00
C ASP A 134 -7.02 39.93 -11.50
N GLN A 135 -6.90 38.67 -11.12
CA GLN A 135 -8.05 37.95 -10.58
C GLN A 135 -8.53 38.60 -9.30
N TYR A 136 -7.62 39.07 -8.46
CA TYR A 136 -8.04 39.78 -7.26
C TYR A 136 -8.88 41.01 -7.61
N LEU A 137 -8.46 41.76 -8.62
CA LEU A 137 -9.16 43.00 -8.93
C LEU A 137 -10.55 42.79 -9.50
N ILE A 138 -10.87 41.62 -10.05
CA ILE A 138 -12.20 41.35 -10.59
C ILE A 138 -12.92 40.25 -9.81
N LEU A 139 -12.56 40.04 -8.55
CA LEU A 139 -13.15 38.96 -7.77
C LEU A 139 -14.67 39.01 -7.72
N PRO A 140 -15.31 40.14 -7.40
CA PRO A 140 -16.78 40.14 -7.30
C PRO A 140 -17.48 39.72 -8.57
N GLU A 141 -16.91 40.02 -9.73
CA GLU A 141 -17.54 39.70 -11.00
C GLU A 141 -17.46 38.22 -11.36
N ILE A 142 -16.55 37.46 -10.76
CA ILE A 142 -16.25 36.11 -11.21
C ILE A 142 -16.51 35.07 -10.12
N SER A 143 -16.19 35.37 -8.87
CA SER A 143 -16.22 34.34 -7.84
C SER A 143 -17.65 33.88 -7.55
N LEU A 144 -17.78 32.59 -7.26
CA LEU A 144 -19.06 32.04 -6.84
C LEU A 144 -19.37 32.36 -5.38
N GLY A 145 -18.35 32.54 -4.56
CA GLY A 145 -18.57 32.99 -3.20
C GLY A 145 -18.74 34.49 -3.11
N ARG A 146 -19.36 34.94 -2.03
CA ARG A 146 -19.59 36.37 -1.79
C ARG A 146 -18.48 36.88 -0.88
N TYR A 147 -17.41 37.36 -1.49
CA TYR A 147 -16.27 37.89 -0.75
C TYR A 147 -16.33 39.42 -0.72
N ALA A 148 -15.84 39.98 0.37
CA ALA A 148 -15.66 41.41 0.50
C ALA A 148 -14.19 41.72 0.69
N TYR A 149 -13.71 42.77 0.04
CA TYR A 149 -12.35 43.23 0.25
C TYR A 149 -12.20 43.75 1.67
N VAL A 150 -10.97 43.75 2.15
CA VAL A 150 -10.68 44.30 3.48
C VAL A 150 -9.69 45.44 3.28
N ARG A 151 -10.18 46.67 3.33
CA ARG A 151 -9.33 47.82 3.14
C ARG A 151 -8.30 47.90 4.25
N GLY A 152 -7.03 48.07 3.89
CA GLY A 152 -5.97 48.08 4.86
C GLY A 152 -5.53 46.71 5.35
N GLY A 153 -5.99 45.64 4.70
CA GLY A 153 -5.61 44.30 5.11
C GLY A 153 -4.47 43.72 4.30
N GLY A 154 -3.69 44.58 3.66
CA GLY A 154 -2.62 44.17 2.77
C GLY A 154 -1.35 43.72 3.45
N GLY A 155 -1.34 43.60 4.77
CA GLY A 155 -0.18 43.15 5.50
C GLY A 155 0.67 44.28 6.04
N PRO A 156 1.70 43.93 6.83
CA PRO A 156 2.50 44.98 7.47
C PRO A 156 3.20 45.91 6.50
N TRP A 157 3.62 45.42 5.33
CA TRP A 157 4.28 46.25 4.33
C TRP A 157 3.29 47.03 3.49
N ALA A 158 1.99 46.78 3.66
CA ALA A 158 0.96 47.64 3.11
C ALA A 158 0.92 48.94 3.90
N ASN A 159 0.61 50.03 3.19
CA ASN A 159 0.53 51.33 3.84
C ASN A 159 -0.91 51.82 3.80
N GLY A 160 -1.85 50.93 4.11
CA GLY A 160 -3.26 51.20 4.01
C GLY A 160 -3.94 50.60 2.80
N SER A 161 -3.18 50.01 1.88
CA SER A 161 -3.76 49.39 0.70
C SER A 161 -4.23 47.97 1.02
N ALA A 162 -5.19 47.47 0.25
CA ALA A 162 -5.75 46.15 0.53
C ALA A 162 -4.92 44.99 0.00
N LEU A 163 -4.07 45.23 -0.99
CA LEU A 163 -3.19 44.18 -1.47
C LEU A 163 -1.76 44.71 -1.54
N ALA A 164 -0.83 43.92 -1.03
CA ALA A 164 0.59 44.24 -1.08
C ALA A 164 1.30 43.23 -1.98
N LEU A 165 2.06 43.75 -2.94
CA LEU A 165 2.86 42.93 -3.86
C LEU A 165 4.32 43.24 -3.58
N CYS A 166 4.97 42.37 -2.80
CA CYS A 166 6.32 42.60 -2.30
C CYS A 166 7.31 41.65 -2.96
N GLN A 167 8.45 42.20 -3.37
CA GLN A 167 9.61 41.39 -3.75
C GLN A 167 10.75 41.71 -2.81
N ARG A 168 11.46 40.67 -2.38
CA ARG A 168 12.59 40.80 -1.48
C ARG A 168 13.86 40.30 -2.17
N TYR A 169 14.93 41.07 -2.04
CA TYR A 169 16.18 40.73 -2.69
C TYR A 169 17.35 41.18 -1.82
N TYR A 170 18.53 40.66 -2.13
CA TYR A 170 19.72 41.04 -1.39
C TYR A 170 20.05 42.51 -1.62
N HIS A 171 20.54 43.18 -0.58
CA HIS A 171 20.88 44.58 -0.69
C HIS A 171 21.87 44.82 -1.83
N ARG A 172 22.90 44.00 -1.91
CA ARG A 172 23.84 44.02 -3.03
C ARG A 172 23.98 42.61 -3.57
N GLY A 173 23.78 42.44 -4.87
CA GLY A 173 23.97 41.17 -5.53
C GLY A 173 24.71 41.31 -6.84
N HIS A 174 25.84 40.65 -6.98
CA HIS A 174 26.70 40.73 -8.15
C HIS A 174 27.09 39.34 -8.63
N VAL A 175 26.10 38.48 -8.82
CA VAL A 175 26.32 37.08 -9.14
C VAL A 175 26.82 36.98 -10.58
N ASP A 176 28.07 36.55 -10.75
CA ASP A 176 28.71 36.44 -12.05
C ASP A 176 29.33 35.06 -12.18
N PRO A 177 28.52 34.03 -12.42
CA PRO A 177 29.09 32.68 -12.55
C PRO A 177 30.09 32.56 -13.68
N ALA A 178 29.95 33.37 -14.73
CA ALA A 178 30.86 33.29 -15.86
C ALA A 178 32.32 33.38 -15.40
N ASN A 179 32.59 34.27 -14.44
CA ASN A 179 33.94 34.44 -13.91
C ASN A 179 34.13 33.79 -12.54
N ASP A 180 33.20 32.95 -12.11
CA ASP A 180 33.28 32.29 -10.80
C ASP A 180 33.48 33.32 -9.69
N THR A 181 32.76 34.44 -9.80
CA THR A 181 32.85 35.53 -8.86
C THR A 181 31.46 35.93 -8.38
N PHE A 182 31.39 36.44 -7.16
CA PHE A 182 30.17 37.07 -6.67
C PHE A 182 30.54 38.09 -5.60
N ASP A 183 29.64 39.06 -5.40
CA ASP A 183 29.82 40.10 -4.38
C ASP A 183 28.42 40.25 -3.80
N ILE A 184 28.21 39.88 -2.54
CA ILE A 184 26.89 39.84 -1.93
C ILE A 184 26.90 40.62 -0.62
N ASP A 185 25.89 41.47 -0.44
CA ASP A 185 25.53 41.98 0.86
C ASP A 185 24.23 41.28 1.27
N PRO A 186 24.27 40.31 2.18
CA PRO A 186 23.09 39.45 2.41
C PRO A 186 21.90 40.18 3.04
N ARG A 187 22.00 41.48 3.28
CA ARG A 187 20.87 42.24 3.81
C ARG A 187 19.66 42.08 2.90
N VAL A 188 18.50 41.87 3.50
CA VAL A 188 17.26 41.64 2.76
C VAL A 188 16.55 42.97 2.57
N VAL A 189 16.34 43.35 1.31
CA VAL A 189 15.61 44.57 0.97
C VAL A 189 14.21 44.20 0.51
N THR A 190 13.22 44.89 1.04
CA THR A 190 11.82 44.66 0.67
C THR A 190 11.33 45.84 -0.15
N ASP A 191 10.85 45.55 -1.35
CA ASP A 191 10.28 46.54 -2.26
C ASP A 191 8.81 46.22 -2.46
N CYS A 192 7.94 47.15 -2.09
CA CYS A 192 6.51 46.89 -2.01
C CYS A 192 5.73 47.73 -3.00
N ILE A 193 4.72 47.13 -3.60
CA ILE A 193 3.77 47.82 -4.47
C ILE A 193 2.38 47.67 -3.87
N GLN A 194 1.68 48.78 -3.70
CA GLN A 194 0.35 48.79 -3.10
C GLN A 194 -0.70 48.75 -4.20
N VAL A 195 -1.68 47.87 -4.05
CA VAL A 195 -2.79 47.74 -4.98
C VAL A 195 -4.09 47.90 -4.20
N ASP A 196 -5.04 48.63 -4.77
CA ASP A 196 -6.33 48.80 -4.14
C ASP A 196 -7.45 48.31 -5.06
N PRO A 197 -8.50 47.71 -4.51
CA PRO A 197 -9.62 47.27 -5.35
C PRO A 197 -10.40 48.44 -5.87
N PRO A 198 -11.10 48.34 -7.01
CA PRO A 198 -11.96 49.43 -7.42
C PRO A 198 -13.14 49.53 -6.47
N ASP A 199 -13.49 50.74 -6.08
CA ASP A 199 -14.59 50.93 -5.16
C ASP A 199 -15.95 50.77 -5.85
N ARG A 200 -15.95 50.29 -7.08
CA ARG A 200 -17.17 50.09 -7.86
C ARG A 200 -18.12 51.27 -7.75
N ALA A 216 -1.61 48.41 -14.51
CA ALA A 216 -1.51 49.62 -13.69
C ALA A 216 -0.13 49.72 -13.07
N SER A 217 -0.07 50.20 -11.83
CA SER A 217 1.22 50.32 -11.15
C SER A 217 1.89 48.97 -11.00
N TYR A 218 1.13 47.94 -10.61
CA TYR A 218 1.71 46.62 -10.45
C TYR A 218 2.15 46.02 -11.78
N LYS A 219 1.59 46.49 -12.90
CA LYS A 219 1.98 45.95 -14.20
C LYS A 219 3.43 46.29 -14.55
N ASN A 220 4.01 47.29 -13.90
CA ASN A 220 5.38 47.71 -14.18
C ASN A 220 6.40 47.03 -13.28
N LEU A 221 6.01 45.96 -12.59
CA LEU A 221 6.94 45.27 -11.71
C LEU A 221 8.15 44.77 -12.50
N THR A 222 9.33 45.05 -11.98
CA THR A 222 10.59 44.57 -12.55
C THR A 222 11.31 43.76 -11.48
N LEU A 223 11.38 42.46 -11.66
CA LEU A 223 11.98 41.57 -10.68
C LEU A 223 13.49 41.50 -10.88
N LYS A 224 14.22 41.58 -9.77
CA LYS A 224 15.67 41.41 -9.77
C LYS A 224 15.99 39.92 -9.62
N PHE A 225 15.90 39.21 -10.75
CA PHE A 225 15.92 37.75 -10.71
C PHE A 225 17.20 37.21 -10.10
N HIS A 226 18.35 37.79 -10.46
CA HIS A 226 19.62 37.19 -10.07
C HIS A 226 19.84 37.27 -8.56
N LYS A 227 19.20 38.21 -7.87
CA LYS A 227 19.34 38.32 -6.43
C LYS A 227 17.99 38.24 -5.72
N LEU A 228 16.95 37.79 -6.42
CA LEU A 228 15.63 37.69 -5.83
C LEU A 228 15.59 36.59 -4.76
N ILE A 229 14.97 36.90 -3.63
CA ILE A 229 14.75 35.92 -2.57
C ILE A 229 13.35 35.33 -2.66
N ASN A 230 12.32 36.16 -2.64
CA ASN A 230 10.96 35.70 -2.87
C ASN A 230 10.09 36.87 -3.27
N VAL A 231 8.90 36.56 -3.77
CA VAL A 231 7.83 37.51 -4.00
C VAL A 231 6.60 37.01 -3.24
N THR A 232 5.88 37.94 -2.63
CA THR A 232 4.69 37.59 -1.87
C THR A 232 3.55 38.53 -2.25
N ILE A 233 2.33 38.00 -2.17
CA ILE A 233 1.10 38.76 -2.35
C ILE A 233 0.25 38.54 -1.12
N HIS A 234 -0.04 39.63 -0.39
CA HIS A 234 -0.81 39.56 0.84
C HIS A 234 -2.11 40.32 0.65
N PHE A 235 -3.23 39.68 0.98
CA PHE A 235 -4.51 40.37 1.01
C PHE A 235 -5.49 39.56 1.85
N GLN A 236 -6.61 40.18 2.18
CA GLN A 236 -7.61 39.59 3.05
C GLN A 236 -8.97 39.61 2.37
N LEU A 237 -9.77 38.58 2.64
CA LEU A 237 -11.13 38.48 2.14
C LEU A 237 -12.06 38.09 3.27
N LYS A 238 -13.28 38.62 3.24
CA LYS A 238 -14.27 38.38 4.27
C LYS A 238 -15.48 37.68 3.67
N THR A 239 -15.98 36.65 4.34
CA THR A 239 -17.15 35.93 3.87
C THR A 239 -17.90 35.35 5.07
N ILE A 240 -19.17 35.01 4.85
CA ILE A 240 -20.06 34.54 5.89
C ILE A 240 -20.30 33.04 5.70
N ASN A 241 -20.18 32.28 6.78
CA ASN A 241 -20.42 30.83 6.75
C ASN A 241 -21.92 30.58 6.93
N LEU A 242 -22.65 30.72 5.83
CA LEU A 242 -24.11 30.58 5.89
C LEU A 242 -24.55 29.16 6.21
N GLN A 243 -23.72 28.16 5.90
CA GLN A 243 -24.13 26.77 6.10
C GLN A 243 -24.40 26.45 7.56
N SER A 244 -23.91 27.28 8.50
CA SER A 244 -24.18 27.04 9.90
C SER A 244 -25.68 27.09 10.22
N LEU A 245 -26.48 27.68 9.32
CA LEU A 245 -27.93 27.72 9.53
C LEU A 245 -28.52 26.32 9.62
N ILE A 246 -27.95 25.35 8.91
CA ILE A 246 -28.46 23.98 8.98
C ILE A 246 -28.34 23.41 10.38
N ASN A 247 -27.52 24.03 11.22
CA ASN A 247 -27.35 23.56 12.60
C ASN A 247 -28.04 24.51 13.56
N ASN A 248 -28.96 25.34 13.04
CA ASN A 248 -29.69 26.30 13.86
C ASN A 248 -28.74 27.22 14.62
N GLU A 249 -27.63 27.55 13.97
CA GLU A 249 -26.70 28.49 14.56
C GLU A 249 -26.66 29.75 13.72
N ILE A 250 -26.28 30.86 14.33
CA ILE A 250 -26.15 32.11 13.61
C ILE A 250 -24.79 32.13 12.94
N PRO A 251 -24.75 32.42 11.63
CA PRO A 251 -23.48 32.46 10.91
C PRO A 251 -22.44 33.44 11.44
N ASP A 252 -21.18 33.05 11.40
CA ASP A 252 -20.09 33.92 11.81
C ASP A 252 -19.44 34.59 10.61
N CYS A 253 -18.71 35.66 10.89
CA CYS A 253 -17.91 36.33 9.88
C CYS A 253 -16.51 35.73 9.87
N TYR A 254 -16.07 35.28 8.71
CA TYR A 254 -14.73 34.73 8.53
C TYR A 254 -13.89 35.73 7.76
N THR A 255 -12.69 36.00 8.24
CA THR A 255 -11.70 36.80 7.53
C THR A 255 -10.54 35.90 7.16
N PHE A 256 -10.37 35.67 5.87
CA PHE A 256 -9.25 34.87 5.39
C PHE A 256 -8.09 35.80 5.05
N SER A 257 -6.93 35.50 5.63
CA SER A 257 -5.70 36.19 5.26
C SER A 257 -4.96 35.30 4.27
N ILE A 258 -4.78 35.80 3.06
CA ILE A 258 -4.26 35.02 1.95
C ILE A 258 -2.84 35.45 1.68
N LEU A 259 -1.92 34.50 1.66
CA LEU A 259 -0.52 34.76 1.34
C LEU A 259 -0.13 33.85 0.18
N ILE A 260 0.37 34.44 -0.90
CA ILE A 260 0.88 33.70 -2.05
C ILE A 260 2.38 33.96 -2.14
N THR A 261 3.15 32.88 -2.16
CA THR A 261 4.60 32.96 -2.12
C THR A 261 5.19 32.37 -3.38
N PHE A 262 6.03 33.14 -4.05
CA PHE A 262 6.88 32.67 -5.13
C PHE A 262 8.29 32.57 -4.56
N ASP A 263 8.69 31.37 -4.15
CA ASP A 263 9.87 31.18 -3.32
C ASP A 263 11.09 30.90 -4.19
N ASN A 264 12.04 31.84 -4.20
CA ASN A 264 13.31 31.66 -4.88
C ASN A 264 14.48 31.46 -3.92
N LYS A 265 14.20 31.09 -2.67
CA LYS A 265 15.27 31.00 -1.68
C LYS A 265 16.36 30.02 -2.10
N ALA A 266 16.05 29.03 -2.91
CA ALA A 266 17.07 28.07 -3.35
C ALA A 266 17.94 28.59 -4.48
N HIS A 267 17.46 29.59 -5.23
CA HIS A 267 18.18 30.11 -6.40
C HIS A 267 18.53 28.99 -7.38
N SER A 268 17.60 28.07 -7.59
CA SER A 268 17.88 26.84 -8.32
C SER A 268 17.27 26.82 -9.71
N GLY A 269 16.74 27.93 -10.20
CA GLY A 269 16.07 27.95 -11.49
C GLY A 269 14.65 27.43 -11.47
N ARG A 270 14.14 27.05 -10.31
CA ARG A 270 12.76 26.58 -10.16
C ARG A 270 12.14 27.31 -8.98
N ILE A 271 11.03 28.00 -9.22
CA ILE A 271 10.40 28.79 -8.16
C ILE A 271 9.06 28.22 -7.72
N PRO A 272 9.06 27.48 -6.60
CA PRO A 272 7.80 26.94 -6.07
C PRO A 272 6.76 28.00 -5.75
N ILE A 273 5.51 27.75 -6.10
CA ILE A 273 4.43 28.69 -5.84
C ILE A 273 3.40 28.01 -4.96
N ARG A 274 3.06 28.66 -3.85
CA ARG A 274 2.10 28.12 -2.90
C ARG A 274 1.18 29.22 -2.41
N LEU A 275 0.01 28.81 -1.92
CA LEU A 275 -0.97 29.71 -1.34
C LEU A 275 -1.36 29.19 0.03
N GLU A 276 -1.27 30.04 1.04
CA GLU A 276 -1.63 29.71 2.41
C GLU A 276 -2.66 30.71 2.92
N THR A 277 -3.51 30.25 3.83
CA THR A 277 -4.54 31.10 4.42
C THR A 277 -4.54 30.96 5.93
N LYS A 278 -4.63 32.08 6.63
CA LYS A 278 -5.02 32.13 8.03
C LYS A 278 -6.49 32.51 8.12
N THR A 279 -7.18 31.97 9.10
CA THR A 279 -8.61 32.22 9.28
C THR A 279 -8.86 32.84 10.64
N HIS A 280 -9.63 33.93 10.66
CA HIS A 280 -10.09 34.56 11.89
C HIS A 280 -11.60 34.56 11.92
N ILE A 281 -12.17 33.98 12.97
CA ILE A 281 -13.62 33.85 13.10
C ILE A 281 -14.09 34.83 14.16
N GLN A 282 -15.11 35.62 13.82
CA GLN A 282 -15.74 36.52 14.78
C GLN A 282 -17.21 36.67 14.41
N GLU A 283 -18.01 37.08 15.38
CA GLU A 283 -19.44 37.19 15.15
C GLU A 283 -19.75 38.42 14.30
N CYS A 284 -20.84 38.32 13.54
CA CYS A 284 -21.25 39.43 12.70
C CYS A 284 -21.79 40.57 13.55
N LYS A 285 -21.59 41.79 13.08
CA LYS A 285 -22.07 42.96 13.82
C LYS A 285 -23.58 43.05 13.82
N HIS A 286 -24.21 42.83 12.67
CA HIS A 286 -25.65 42.95 12.51
C HIS A 286 -26.18 41.69 11.84
N PRO A 287 -26.31 40.59 12.58
CA PRO A 287 -26.94 39.39 12.04
C PRO A 287 -28.45 39.43 12.21
N SER A 288 -29.13 38.75 11.30
CA SER A 288 -30.59 38.70 11.33
C SER A 288 -31.03 37.44 10.58
N VAL A 289 -31.58 36.48 11.31
CA VAL A 289 -32.15 35.26 10.75
C VAL A 289 -33.61 35.20 11.17
N SER A 290 -34.51 34.90 10.23
CA SER A 290 -35.94 34.97 10.53
C SER A 290 -36.43 33.77 11.35
N ARG A 291 -36.03 32.55 10.97
CA ARG A 291 -36.58 31.37 11.64
C ARG A 291 -36.14 31.28 13.11
N HIS A 292 -34.84 31.09 13.33
CA HIS A 292 -34.27 30.97 14.68
C HIS A 292 -35.25 30.81 15.86
N PHE A 297 -31.44 24.42 23.08
CA PHE A 297 -31.76 23.10 23.58
C PHE A 297 -30.46 22.49 24.10
N ARG A 298 -29.38 22.61 23.32
CA ARG A 298 -28.16 21.96 23.77
C ARG A 298 -27.41 22.78 24.81
N LEU A 299 -27.79 24.03 25.01
CA LEU A 299 -27.28 24.76 26.16
C LEU A 299 -27.71 24.10 27.46
N LEU A 300 -28.85 23.41 27.44
CA LEU A 300 -29.28 22.65 28.60
C LEU A 300 -28.65 21.26 28.64
N PHE A 301 -28.36 20.68 27.47
CA PHE A 301 -27.67 19.39 27.45
C PHE A 301 -26.25 19.52 27.96
N ASP A 302 -25.59 20.65 27.68
CA ASP A 302 -24.28 20.90 28.24
C ASP A 302 -24.35 21.03 29.76
N VAL A 303 -25.40 21.67 30.27
CA VAL A 303 -25.58 21.77 31.71
C VAL A 303 -25.83 20.38 32.32
N VAL A 304 -26.58 19.54 31.62
CA VAL A 304 -26.81 18.17 32.09
C VAL A 304 -25.49 17.41 32.17
N VAL A 305 -24.67 17.53 31.12
CA VAL A 305 -23.36 16.89 31.13
C VAL A 305 -22.53 17.40 32.29
N ILE A 306 -22.55 18.71 32.52
CA ILE A 306 -21.76 19.31 33.58
C ILE A 306 -22.19 18.79 34.94
N LEU A 307 -23.50 18.70 35.16
CA LEU A 307 -24.00 18.22 36.45
C LEU A 307 -23.66 16.74 36.66
N THR A 308 -23.81 15.93 35.62
CA THR A 308 -23.45 14.52 35.74
C THR A 308 -21.97 14.36 36.08
N CYS A 309 -21.10 15.12 35.40
CA CYS A 309 -19.67 15.00 35.65
C CYS A 309 -19.30 15.57 37.02
N SER A 310 -19.99 16.61 37.47
CA SER A 310 -19.77 17.12 38.83
C SER A 310 -20.14 16.07 39.87
N LEU A 311 -21.27 15.39 39.68
CA LEU A 311 -21.66 14.33 40.62
C LEU A 311 -20.63 13.22 40.65
N SER A 312 -20.19 12.78 39.47
CA SER A 312 -19.17 11.74 39.42
C SER A 312 -17.90 12.20 40.12
N PHE A 313 -17.48 13.44 39.87
CA PHE A 313 -16.28 13.97 40.51
C PHE A 313 -16.41 13.97 42.02
N LEU A 314 -17.57 14.41 42.53
CA LEU A 314 -17.76 14.46 43.98
C LEU A 314 -17.70 13.07 44.59
N LEU A 315 -18.40 12.11 43.98
CA LEU A 315 -18.40 10.76 44.52
C LEU A 315 -16.99 10.16 44.49
N CYS A 316 -16.27 10.35 43.39
CA CYS A 316 -14.93 9.79 43.29
C CYS A 316 -13.98 10.43 44.29
N ALA A 317 -14.09 11.75 44.50
CA ALA A 317 -13.24 12.41 45.49
C ALA A 317 -13.56 11.90 46.90
N ARG A 318 -14.84 11.69 47.19
CA ARG A 318 -15.20 11.12 48.49
C ARG A 318 -14.59 9.74 48.66
N SER A 319 -14.62 8.92 47.61
CA SER A 319 -13.99 7.60 47.69
C SER A 319 -12.49 7.71 47.91
N LEU A 320 -11.84 8.68 47.25
CA LEU A 320 -10.40 8.85 47.43
C LEU A 320 -10.06 9.27 48.86
N LEU A 321 -10.84 10.19 49.42
CA LEU A 321 -10.62 10.59 50.81
C LEU A 321 -10.85 9.42 51.76
N ARG A 322 -11.83 8.60 51.45
CA ARG A 322 -12.10 7.43 52.27
C ARG A 322 -10.92 6.50 52.23
N GLY A 323 -10.37 6.27 51.04
CA GLY A 323 -9.21 5.41 50.91
C GLY A 323 -8.01 5.95 51.67
N PHE A 324 -7.80 7.26 51.59
CA PHE A 324 -6.69 7.88 52.34
C PHE A 324 -6.85 7.66 53.84
N LEU A 325 -8.06 7.89 54.35
CA LEU A 325 -8.30 7.71 55.79
C LEU A 325 -8.09 6.26 56.19
N LEU A 326 -8.63 5.32 55.40
CA LEU A 326 -8.47 3.91 55.69
C LEU A 326 -6.99 3.51 55.69
N GLN A 327 -6.24 4.01 54.71
CA GLN A 327 -4.82 3.71 54.65
C GLN A 327 -4.10 4.21 55.88
N ASN A 328 -4.45 5.43 56.32
CA ASN A 328 -3.81 6.02 57.48
C ASN A 328 -4.13 5.28 58.77
N GLU A 329 -5.37 4.84 58.93
CA GLU A 329 -5.74 4.07 60.11
C GLU A 329 -5.09 2.69 60.11
N PHE A 330 -5.11 1.99 58.97
CA PHE A 330 -4.47 0.69 58.88
C PHE A 330 -2.97 0.78 59.13
N VAL A 331 -2.35 1.82 58.59
CA VAL A 331 -0.90 1.97 58.71
C VAL A 331 -0.50 2.22 60.15
N VAL A 332 -1.26 3.02 60.90
CA VAL A 332 -0.92 3.21 62.30
C VAL A 332 -1.22 1.97 63.12
N PHE A 333 -2.30 1.25 62.80
CA PHE A 333 -2.54 0.01 63.52
C PHE A 333 -1.42 -0.99 63.28
N MET A 334 -0.87 -1.03 62.06
CA MET A 334 0.24 -1.92 61.77
C MET A 334 1.48 -1.48 62.52
N TRP A 335 1.74 -0.18 62.56
CA TRP A 335 2.87 0.31 63.33
C TRP A 335 2.72 -0.05 64.80
N ARG A 336 1.49 -0.21 65.27
CA ARG A 336 1.27 -0.69 66.63
C ARG A 336 1.49 -2.20 66.73
N ARG A 337 1.11 -2.96 65.70
CA ARG A 337 1.24 -4.42 65.77
C ARG A 337 2.69 -4.84 65.74
N ARG A 338 3.54 -4.09 65.04
CA ARG A 338 4.96 -4.41 64.93
C ARG A 338 5.72 -3.10 65.05
N GLY A 339 6.97 -3.08 64.62
CA GLY A 339 7.71 -1.85 64.63
C GLY A 339 7.01 -0.69 63.95
N ARG A 340 7.43 0.49 64.25
CA ARG A 340 6.85 1.64 63.57
C ARG A 340 7.48 1.92 62.22
N GLU A 341 6.68 2.43 61.29
CA GLU A 341 7.15 2.71 59.92
C GLU A 341 7.46 1.43 59.14
N ILE A 342 6.57 0.44 59.25
CA ILE A 342 6.76 -0.78 58.47
C ILE A 342 6.43 -0.56 57.00
N SER A 343 5.32 0.12 56.72
CA SER A 343 4.76 0.15 55.39
C SER A 343 5.34 1.31 54.58
N LEU A 344 5.85 1.00 53.40
CA LEU A 344 6.39 2.02 52.49
C LEU A 344 5.57 2.21 51.22
N TRP A 345 5.06 1.12 50.64
CA TRP A 345 4.38 1.22 49.35
C TRP A 345 2.93 0.75 49.34
N GLU A 346 2.54 -0.09 50.29
CA GLU A 346 1.15 -0.52 50.35
C GLU A 346 0.22 0.68 50.54
N ARG A 347 0.72 1.74 51.16
CA ARG A 347 -0.02 3.00 51.18
C ARG A 347 -0.47 3.37 49.78
N LEU A 348 0.42 3.28 48.81
CA LEU A 348 0.06 3.59 47.43
C LEU A 348 -0.94 2.58 46.89
N GLU A 349 -0.81 1.32 47.31
CA GLU A 349 -1.77 0.30 46.89
C GLU A 349 -3.18 0.70 47.35
N PHE A 350 -3.29 1.40 48.48
CA PHE A 350 -4.61 1.85 48.91
C PHE A 350 -5.21 2.83 47.91
N VAL A 351 -4.39 3.50 47.11
CA VAL A 351 -4.88 4.46 46.13
C VAL A 351 -5.28 3.70 44.87
N ASN A 352 -6.53 3.81 44.47
CA ASN A 352 -7.02 3.20 43.24
C ASN A 352 -7.03 4.24 42.14
N GLY A 353 -6.27 3.98 41.07
CA GLY A 353 -6.10 4.92 39.99
C GLY A 353 -7.28 5.08 39.08
N TRP A 354 -8.27 4.22 39.20
CA TRP A 354 -9.43 4.40 38.38
C TRP A 354 -10.22 5.63 38.78
N TYR A 355 -10.28 5.93 40.07
CA TYR A 355 -10.98 7.13 40.53
C TYR A 355 -10.20 8.36 40.16
N ILE A 356 -8.88 8.27 40.17
CA ILE A 356 -8.08 9.38 39.69
C ILE A 356 -8.34 9.63 38.21
N LEU A 357 -8.42 8.55 37.43
CA LEU A 357 -8.70 8.67 36.00
C LEU A 357 -10.06 9.29 35.81
N LEU A 358 -11.03 8.89 36.62
CA LEU A 358 -12.39 9.39 36.48
C LEU A 358 -12.42 10.86 36.79
N VAL A 359 -11.75 11.27 37.87
CA VAL A 359 -11.72 12.68 38.24
C VAL A 359 -11.08 13.51 37.14
N THR A 360 -9.98 13.01 36.57
CA THR A 360 -9.34 13.71 35.46
C THR A 360 -10.30 13.84 34.27
N SER A 361 -11.00 12.75 33.95
CA SER A 361 -11.95 12.78 32.85
C SER A 361 -13.09 13.76 33.13
N ASP A 362 -13.58 13.81 34.38
CA ASP A 362 -14.63 14.76 34.73
C ASP A 362 -14.15 16.18 34.54
N VAL A 363 -12.94 16.49 34.99
CA VAL A 363 -12.41 17.84 34.85
C VAL A 363 -12.26 18.21 33.38
N LEU A 364 -11.73 17.28 32.59
CA LEU A 364 -11.57 17.55 31.15
C LEU A 364 -12.92 17.74 30.48
N THR A 365 -13.91 16.91 30.83
CA THR A 365 -15.23 17.05 30.24
C THR A 365 -15.88 18.37 30.61
N ILE A 366 -15.74 18.80 31.87
CA ILE A 366 -16.30 20.08 32.28
C ILE A 366 -15.63 21.22 31.54
N SER A 367 -14.30 21.18 31.43
CA SER A 367 -13.59 22.24 30.72
C SER A 367 -14.02 22.28 29.26
N GLY A 368 -14.11 21.13 28.62
CA GLY A 368 -14.58 21.08 27.24
C GLY A 368 -15.99 21.61 27.09
N THR A 369 -16.88 21.23 28.01
CA THR A 369 -18.26 21.69 27.94
C THR A 369 -18.35 23.20 28.11
N VAL A 370 -17.57 23.76 29.04
CA VAL A 370 -17.57 25.20 29.24
C VAL A 370 -17.04 25.92 28.00
N MET A 371 -15.96 25.39 27.41
CA MET A 371 -15.44 25.99 26.19
C MET A 371 -16.44 25.90 25.05
N LYS A 372 -17.15 24.78 24.95
CA LYS A 372 -18.18 24.63 23.93
C LYS A 372 -19.31 25.64 24.13
N ILE A 373 -19.72 25.85 25.37
CA ILE A 373 -20.73 26.86 25.67
C ILE A 373 -20.24 28.25 25.28
N GLY A 374 -18.97 28.54 25.56
CA GLY A 374 -18.41 29.81 25.14
C GLY A 374 -18.39 29.98 23.64
N ILE A 375 -18.05 28.91 22.91
CA ILE A 375 -18.04 28.98 21.46
C ILE A 375 -19.44 29.22 20.91
N GLU A 376 -20.43 28.50 21.44
CA GLU A 376 -21.81 28.70 21.02
C GLU A 376 -22.24 30.12 21.34
N ALA A 377 -21.90 30.61 22.51
CA ALA A 377 -22.21 31.98 22.90
C ALA A 377 -21.45 33.00 22.07
N LYS A 378 -20.49 32.55 21.26
CA LYS A 378 -19.71 33.40 20.37
C LYS A 378 -18.64 34.21 21.10
N ASN A 379 -18.35 33.84 22.35
CA ASN A 379 -17.24 34.46 23.08
C ASN A 379 -15.91 33.78 22.79
N LEU A 380 -15.91 32.66 22.07
CA LEU A 380 -14.71 31.90 21.80
C LEU A 380 -14.82 31.27 20.42
N ALA A 381 -13.71 31.24 19.68
CA ALA A 381 -13.59 30.41 18.50
C ALA A 381 -12.27 29.65 18.61
N SER A 382 -12.29 28.57 19.38
CA SER A 382 -11.18 27.61 19.43
C SER A 382 -11.81 26.24 19.28
N TYR A 383 -12.10 25.87 18.04
CA TYR A 383 -12.81 24.62 17.79
C TYR A 383 -11.89 23.42 17.98
N ASP A 384 -10.61 23.55 17.63
CA ASP A 384 -9.70 22.42 17.74
C ASP A 384 -9.43 22.08 19.21
N VAL A 385 -9.20 23.08 20.04
CA VAL A 385 -8.97 22.82 21.47
C VAL A 385 -10.20 22.16 22.08
N CYS A 386 -11.38 22.68 21.78
CA CYS A 386 -12.60 22.10 22.33
C CYS A 386 -12.81 20.68 21.84
N SER A 387 -12.56 20.44 20.55
CA SER A 387 -12.72 19.10 20.01
C SER A 387 -11.76 18.13 20.69
N ILE A 388 -10.52 18.57 20.93
CA ILE A 388 -9.55 17.69 21.58
C ILE A 388 -9.98 17.39 23.01
N LEU A 389 -10.42 18.41 23.76
CA LEU A 389 -10.87 18.18 25.13
C LEU A 389 -12.03 17.20 25.16
N LEU A 390 -13.03 17.43 24.31
CA LEU A 390 -14.21 16.58 24.31
C LEU A 390 -13.88 15.15 23.86
N GLY A 391 -13.05 15.00 22.83
CA GLY A 391 -12.70 13.67 22.36
C GLY A 391 -11.88 12.88 23.35
N THR A 392 -10.87 13.52 23.96
CA THR A 392 -10.10 12.85 25.00
C THR A 392 -10.99 12.46 26.17
N SER A 393 -11.91 13.35 26.53
CA SER A 393 -12.83 13.06 27.62
C SER A 393 -13.66 11.84 27.25
N THR A 394 -14.18 11.79 26.03
CA THR A 394 -15.00 10.66 25.60
C THR A 394 -14.22 9.35 25.69
N LEU A 395 -12.97 9.36 25.20
CA LEU A 395 -12.14 8.17 25.29
C LEU A 395 -11.96 7.74 26.73
N LEU A 396 -11.64 8.68 27.61
CA LEU A 396 -11.39 8.35 29.00
C LEU A 396 -12.66 7.87 29.69
N VAL A 397 -13.81 8.45 29.36
CA VAL A 397 -15.07 8.04 29.96
C VAL A 397 -15.39 6.61 29.56
N TRP A 398 -15.17 6.27 28.28
CA TRP A 398 -15.39 4.89 27.85
C TRP A 398 -14.42 3.94 28.56
N VAL A 399 -13.16 4.33 28.69
CA VAL A 399 -12.16 3.45 29.29
C VAL A 399 -12.46 3.23 30.78
N GLY A 400 -12.89 4.26 31.48
CA GLY A 400 -13.05 4.18 32.92
C GLY A 400 -14.03 3.12 33.38
N VAL A 401 -14.98 2.72 32.54
CA VAL A 401 -15.94 1.71 32.93
C VAL A 401 -15.26 0.36 33.17
N ILE A 402 -14.03 0.19 32.67
CA ILE A 402 -13.26 -1.02 32.91
C ILE A 402 -13.02 -1.25 34.39
N ARG A 403 -13.17 -0.21 35.22
CA ARG A 403 -12.98 -0.38 36.66
C ARG A 403 -13.82 -1.54 37.20
N TYR A 404 -15.08 -1.62 36.78
CA TYR A 404 -16.00 -2.62 37.31
C TYR A 404 -15.80 -4.00 36.71
N LEU A 405 -14.97 -4.13 35.67
CA LEU A 405 -14.61 -5.44 35.16
C LEU A 405 -13.41 -6.05 35.89
N THR A 406 -12.66 -5.25 36.64
CA THR A 406 -11.47 -5.76 37.32
C THR A 406 -11.80 -6.62 38.52
N PHE A 407 -13.06 -6.64 38.98
CA PHE A 407 -13.46 -7.50 40.07
C PHE A 407 -13.67 -8.95 39.65
N PHE A 408 -13.60 -9.24 38.36
CA PHE A 408 -13.86 -10.59 37.85
C PHE A 408 -12.68 -11.00 36.98
N HIS A 409 -11.90 -11.97 37.47
CA HIS A 409 -10.62 -12.29 36.85
C HIS A 409 -10.78 -12.75 35.40
N LYS A 410 -11.91 -13.38 35.08
CA LYS A 410 -12.11 -13.82 33.70
C LYS A 410 -12.25 -12.64 32.75
N TYR A 411 -12.76 -11.51 33.23
CA TYR A 411 -12.92 -10.31 32.41
C TYR A 411 -11.77 -9.34 32.54
N ASN A 412 -10.77 -9.63 33.37
CA ASN A 412 -9.70 -8.71 33.67
C ASN A 412 -8.35 -9.15 33.08
N ILE A 413 -8.37 -10.00 32.05
CA ILE A 413 -7.12 -10.54 31.51
C ILE A 413 -6.19 -9.41 31.07
N LEU A 414 -6.72 -8.46 30.30
CA LEU A 414 -5.87 -7.40 29.76
C LEU A 414 -5.22 -6.61 30.88
N ILE A 415 -6.02 -6.11 31.83
CA ILE A 415 -5.51 -5.24 32.89
C ILE A 415 -4.50 -5.98 33.76
N ALA A 416 -4.84 -7.19 34.18
CA ALA A 416 -3.94 -7.97 35.04
C ALA A 416 -2.63 -8.27 34.32
N THR A 417 -2.70 -8.71 33.07
CA THR A 417 -1.48 -8.97 32.31
C THR A 417 -0.65 -7.70 32.26
N LEU A 418 -1.27 -6.58 31.88
CA LEU A 418 -0.53 -5.34 31.75
C LEU A 418 0.16 -4.96 33.05
N ARG A 419 -0.52 -5.09 34.16
CA ARG A 419 0.07 -4.71 35.42
C ARG A 419 1.24 -5.62 35.77
N VAL A 420 1.21 -6.86 35.38
CA VAL A 420 2.34 -7.71 35.71
C VAL A 420 3.47 -7.53 34.70
N ALA A 421 3.15 -7.23 33.44
CA ALA A 421 4.16 -7.08 32.38
C ALA A 421 4.84 -5.76 32.29
N LEU A 422 4.22 -4.70 32.80
CA LEU A 422 4.78 -3.37 32.56
C LEU A 422 6.20 -3.18 33.06
N PRO A 423 6.59 -3.63 34.26
CA PRO A 423 7.98 -3.41 34.68
C PRO A 423 9.01 -4.01 33.73
N SER A 424 8.83 -5.28 33.35
CA SER A 424 9.79 -5.90 32.44
C SER A 424 9.74 -5.23 31.07
N VAL A 425 8.55 -4.84 30.62
CA VAL A 425 8.44 -4.17 29.33
C VAL A 425 9.19 -2.86 29.32
N MET A 426 9.05 -2.06 30.39
CA MET A 426 9.76 -0.79 30.48
C MET A 426 11.27 -1.01 30.55
N ARG A 427 11.70 -2.01 31.32
CA ARG A 427 13.12 -2.29 31.42
C ARG A 427 13.70 -2.68 30.06
N PHE A 428 13.00 -3.52 29.30
CA PHE A 428 13.42 -3.90 27.95
C PHE A 428 13.43 -2.71 27.01
N CYS A 429 12.40 -1.86 27.09
CA CYS A 429 12.34 -0.69 26.23
C CYS A 429 13.45 0.29 26.52
N CYS A 430 13.99 0.29 27.74
CA CYS A 430 15.15 1.14 28.02
C CYS A 430 16.27 0.85 27.03
N CYS A 431 16.60 -0.43 26.83
CA CYS A 431 17.66 -0.78 25.88
C CYS A 431 17.20 -0.62 24.44
N VAL A 432 15.93 -0.83 24.13
CA VAL A 432 15.54 -0.70 22.75
C VAL A 432 15.54 0.76 22.32
N ALA A 433 15.32 1.68 23.26
CA ALA A 433 15.21 3.09 22.91
C ALA A 433 16.50 3.65 22.33
N VAL A 434 17.65 3.27 22.89
CA VAL A 434 18.92 3.82 22.38
C VAL A 434 19.13 3.38 20.93
N ILE A 435 18.89 2.10 20.63
CA ILE A 435 19.03 1.62 19.27
C ILE A 435 18.07 2.36 18.35
N TYR A 436 16.82 2.51 18.78
CA TYR A 436 15.82 3.15 17.95
C TYR A 436 16.18 4.60 17.66
N LEU A 437 16.66 5.33 18.67
CA LEU A 437 17.02 6.74 18.48
C LEU A 437 18.26 6.88 17.62
N GLY A 438 19.24 6.00 17.79
CA GLY A 438 20.40 6.02 16.91
C GLY A 438 20.00 5.85 15.45
N TYR A 439 19.13 4.86 15.18
CA TYR A 439 18.64 4.68 13.83
C TYR A 439 17.87 5.90 13.35
N CYS A 440 17.04 6.47 14.20
CA CYS A 440 16.24 7.63 13.80
C CYS A 440 17.13 8.77 13.35
N PHE A 441 18.11 9.14 14.17
CA PHE A 441 18.98 10.26 13.80
C PHE A 441 19.80 9.93 12.55
N CYS A 442 20.36 8.71 12.48
CA CYS A 442 21.15 8.35 11.32
C CYS A 442 20.34 8.45 10.03
N GLY A 443 19.13 7.86 10.03
CA GLY A 443 18.30 7.91 8.85
C GLY A 443 17.82 9.31 8.52
N TRP A 444 17.53 10.12 9.54
CA TRP A 444 17.06 11.47 9.31
C TRP A 444 18.11 12.30 8.59
N ILE A 445 19.37 12.21 9.03
CA ILE A 445 20.38 13.06 8.41
C ILE A 445 20.90 12.46 7.12
N VAL A 446 21.24 11.17 7.13
CA VAL A 446 21.88 10.55 5.96
C VAL A 446 20.89 10.45 4.79
N LEU A 447 19.67 9.98 5.06
CA LEU A 447 18.71 9.68 4.00
C LEU A 447 17.63 10.75 3.83
N GLY A 448 17.53 11.69 4.76
CA GLY A 448 16.50 12.71 4.69
C GLY A 448 16.51 13.49 3.39
N PRO A 449 17.70 13.90 2.94
CA PRO A 449 17.79 14.60 1.65
C PRO A 449 17.34 13.78 0.46
N TYR A 450 17.49 12.46 0.50
CA TYR A 450 17.22 11.61 -0.66
C TYR A 450 15.91 10.86 -0.59
N HIS A 451 15.32 10.70 0.59
CA HIS A 451 14.19 9.80 0.79
C HIS A 451 12.99 10.60 1.27
N VAL A 452 11.88 10.48 0.55
CA VAL A 452 10.69 11.27 0.87
C VAL A 452 10.21 10.97 2.29
N LYS A 453 10.33 9.71 2.71
CA LYS A 453 9.84 9.29 4.03
C LYS A 453 10.83 9.53 5.17
N PHE A 454 11.94 10.19 4.90
CA PHE A 454 12.91 10.52 5.94
C PHE A 454 13.16 12.02 6.03
N ARG A 455 12.17 12.83 5.64
CA ARG A 455 12.39 14.27 5.50
C ARG A 455 12.53 14.97 6.85
N SER A 456 11.75 14.56 7.84
CA SER A 456 11.76 15.21 9.15
C SER A 456 11.88 14.15 10.24
N LEU A 457 12.21 14.61 11.44
CA LEU A 457 12.38 13.67 12.55
C LEU A 457 11.09 12.92 12.84
N SER A 458 9.96 13.62 12.90
CA SER A 458 8.69 12.95 13.16
C SER A 458 8.34 11.99 12.04
N MET A 459 8.62 12.38 10.79
CA MET A 459 8.34 11.48 9.67
C MET A 459 9.28 10.28 9.69
N VAL A 460 10.55 10.47 10.06
CA VAL A 460 11.46 9.34 10.19
C VAL A 460 10.95 8.38 11.26
N SER A 461 10.48 8.93 12.38
CA SER A 461 9.91 8.07 13.43
C SER A 461 8.69 7.30 12.92
N GLU A 462 7.81 7.97 12.17
CA GLU A 462 6.66 7.27 11.61
C GLU A 462 7.09 6.15 10.68
N CYS A 463 8.08 6.42 9.81
CA CYS A 463 8.56 5.41 8.88
C CYS A 463 9.14 4.21 9.62
N LEU A 464 9.97 4.46 10.64
CA LEU A 464 10.59 3.37 11.37
C LEU A 464 9.57 2.58 12.17
N PHE A 465 8.62 3.28 12.81
CA PHE A 465 7.58 2.59 13.57
C PHE A 465 6.74 1.71 12.67
N SER A 466 6.37 2.21 11.49
CA SER A 466 5.64 1.39 10.54
C SER A 466 6.47 0.20 10.05
N LEU A 467 7.77 0.41 9.81
CA LEU A 467 8.62 -0.69 9.40
C LEU A 467 8.66 -1.78 10.47
N ILE A 468 8.74 -1.39 11.74
CA ILE A 468 8.70 -2.36 12.82
C ILE A 468 7.47 -3.25 12.71
N ASN A 469 6.36 -2.65 12.27
CA ASN A 469 5.11 -3.38 12.16
C ASN A 469 4.91 -4.00 10.78
N GLY A 470 5.95 -4.02 9.96
CA GLY A 470 5.91 -4.67 8.67
C GLY A 470 5.15 -3.92 7.59
N ASP A 471 5.04 -2.60 7.72
CA ASP A 471 4.18 -1.80 6.85
C ASP A 471 5.03 -0.94 5.92
N ASP A 472 4.66 -0.95 4.63
CA ASP A 472 5.22 -0.03 3.63
C ASP A 472 6.68 -0.35 3.32
N MET A 473 7.07 -1.62 3.46
CA MET A 473 8.46 -2.01 3.26
C MET A 473 8.97 -1.84 1.85
N PHE A 474 8.30 -2.43 0.87
CA PHE A 474 8.81 -2.37 -0.50
C PHE A 474 8.82 -0.94 -1.02
N VAL A 475 7.83 -0.13 -0.66
CA VAL A 475 7.83 1.27 -1.11
C VAL A 475 9.04 2.00 -0.53
N THR A 476 9.41 1.70 0.71
CA THR A 476 10.59 2.31 1.30
C THR A 476 11.84 1.92 0.52
N PHE A 477 11.96 0.64 0.15
CA PHE A 477 13.12 0.25 -0.68
C PHE A 477 13.08 0.91 -2.06
N ALA A 478 11.90 0.97 -2.66
CA ALA A 478 11.76 1.44 -4.04
C ALA A 478 12.05 2.94 -4.15
N ALA A 479 11.75 3.71 -3.11
CA ALA A 479 12.11 5.11 -3.13
C ALA A 479 13.60 5.29 -3.33
N MET A 480 14.42 4.42 -2.76
CA MET A 480 15.85 4.43 -2.99
C MET A 480 16.23 3.85 -4.34
N GLN A 481 15.56 2.80 -4.79
CA GLN A 481 15.83 2.29 -6.12
C GLN A 481 15.60 3.35 -7.18
N ALA A 482 14.55 4.17 -7.01
CA ALA A 482 14.17 5.12 -8.05
C ALA A 482 15.29 6.09 -8.38
N GLN A 483 15.95 6.63 -7.36
CA GLN A 483 17.00 7.61 -7.57
C GLN A 483 18.36 7.14 -7.05
N GLN A 484 18.42 6.01 -6.35
CA GLN A 484 19.69 5.48 -5.87
C GLN A 484 20.34 6.47 -4.90
N GLY A 485 19.61 7.48 -4.48
CA GLY A 485 20.23 8.60 -3.81
C GLY A 485 21.18 9.36 -4.70
N HIS A 486 21.09 9.14 -6.02
CA HIS A 486 21.94 9.83 -6.99
C HIS A 486 23.42 9.58 -6.71
N SER A 487 23.69 8.52 -5.93
CA SER A 487 25.04 8.06 -5.63
C SER A 487 24.97 6.61 -5.17
N SER A 488 25.81 5.76 -5.75
CA SER A 488 25.77 4.34 -5.39
C SER A 488 26.10 4.11 -3.92
N LEU A 489 26.95 4.97 -3.34
CA LEU A 489 27.31 4.82 -1.94
C LEU A 489 26.10 5.04 -1.03
N VAL A 490 25.31 6.09 -1.30
CA VAL A 490 24.13 6.35 -0.48
C VAL A 490 23.12 5.22 -0.62
N TRP A 491 22.96 4.69 -1.84
CA TRP A 491 22.04 3.59 -2.05
C TRP A 491 22.48 2.35 -1.28
N LEU A 492 23.77 2.03 -1.33
CA LEU A 492 24.28 0.89 -0.57
C LEU A 492 24.06 1.08 0.93
N PHE A 493 24.31 2.30 1.42
CA PHE A 493 24.06 2.57 2.83
C PHE A 493 22.59 2.38 3.16
N SER A 494 21.69 2.85 2.30
CA SER A 494 20.27 2.65 2.54
C SER A 494 19.92 1.17 2.61
N GLN A 495 20.50 0.37 1.71
CA GLN A 495 20.29 -1.07 1.75
C GLN A 495 20.68 -1.62 3.12
N LEU A 496 21.89 -1.32 3.57
CA LEU A 496 22.34 -1.86 4.86
C LEU A 496 21.45 -1.36 5.99
N TYR A 497 21.15 -0.06 6.00
CA TYR A 497 20.34 0.54 7.04
C TYR A 497 18.98 -0.15 7.14
N LEU A 498 18.29 -0.28 6.01
CA LEU A 498 16.94 -0.82 6.02
C LEU A 498 16.94 -2.31 6.36
N TYR A 499 17.79 -3.09 5.71
CA TYR A 499 17.82 -4.51 6.01
C TYR A 499 18.12 -4.75 7.48
N SER A 500 19.14 -4.08 8.01
CA SER A 500 19.52 -4.28 9.40
C SER A 500 18.41 -3.87 10.35
N PHE A 501 17.83 -2.67 10.15
CA PHE A 501 16.78 -2.22 11.06
C PHE A 501 15.59 -3.16 11.02
N ILE A 502 15.14 -3.51 9.81
CA ILE A 502 13.95 -4.35 9.70
C ILE A 502 14.19 -5.70 10.35
N SER A 503 15.30 -6.36 10.02
CA SER A 503 15.54 -7.70 10.55
C SER A 503 15.75 -7.70 12.05
N LEU A 504 16.45 -6.71 12.58
CA LEU A 504 16.60 -6.61 14.03
C LEU A 504 15.25 -6.40 14.70
N PHE A 505 14.51 -5.36 14.30
CA PHE A 505 13.35 -4.97 15.07
C PHE A 505 12.19 -5.95 14.89
N ILE A 506 11.99 -6.47 13.69
CA ILE A 506 10.89 -7.41 13.48
C ILE A 506 11.21 -8.74 14.16
N TYR A 507 12.41 -9.29 13.94
CA TYR A 507 12.67 -10.66 14.36
C TYR A 507 13.12 -10.78 15.81
N MET A 508 13.85 -9.81 16.36
CA MET A 508 14.35 -9.91 17.72
C MET A 508 13.56 -9.05 18.68
N VAL A 509 13.47 -7.75 18.43
CA VAL A 509 12.89 -6.82 19.39
C VAL A 509 11.41 -7.12 19.59
N LEU A 510 10.65 -7.20 18.49
CA LEU A 510 9.22 -7.43 18.61
C LEU A 510 8.91 -8.82 19.14
N SER A 511 9.68 -9.83 18.70
CA SER A 511 9.47 -11.17 19.23
C SER A 511 9.68 -11.21 20.74
N LEU A 512 10.74 -10.56 21.24
CA LEU A 512 10.99 -10.58 22.67
C LEU A 512 9.97 -9.76 23.44
N PHE A 513 9.52 -8.63 22.87
CA PHE A 513 8.48 -7.84 23.49
C PHE A 513 7.19 -8.65 23.67
N ILE A 514 6.81 -9.36 22.62
CA ILE A 514 5.60 -10.16 22.68
C ILE A 514 5.83 -11.30 23.68
N ALA A 515 7.02 -11.90 23.68
CA ALA A 515 7.30 -12.97 24.64
C ALA A 515 7.13 -12.48 26.07
N LEU A 516 7.57 -11.26 26.35
CA LEU A 516 7.39 -10.70 27.69
C LEU A 516 5.91 -10.55 28.02
N ILE A 517 5.11 -10.05 27.07
CA ILE A 517 3.69 -9.90 27.33
C ILE A 517 3.04 -11.25 27.62
N THR A 518 3.29 -12.24 26.76
CA THR A 518 2.66 -13.54 26.93
C THR A 518 3.19 -14.27 28.17
N GLY A 519 4.42 -13.98 28.54
CA GLY A 519 4.98 -14.56 29.76
C GLY A 519 4.22 -14.02 30.94
N ALA A 520 4.01 -12.72 31.00
CA ALA A 520 3.22 -12.11 32.08
C ALA A 520 1.83 -12.74 32.12
N TYR A 521 1.21 -12.90 30.95
CA TYR A 521 -0.11 -13.54 30.91
C TYR A 521 -0.06 -14.96 31.45
N ASP A 522 1.00 -15.69 31.13
CA ASP A 522 1.15 -17.05 31.64
C ASP A 522 1.28 -17.06 33.14
N THR A 523 1.94 -16.06 33.71
CA THR A 523 2.00 -15.96 35.17
C THR A 523 0.62 -15.69 35.77
N ILE A 524 -0.18 -14.83 35.13
CA ILE A 524 -1.45 -14.43 35.75
C ILE A 524 -2.63 -15.32 35.39
N LYS A 525 -2.55 -16.09 34.31
CA LYS A 525 -3.67 -16.96 33.98
C LYS A 525 -3.83 -18.03 35.05
N HIS A 526 -5.09 -18.35 35.36
CA HIS A 526 -5.36 -19.27 36.47
C HIS A 526 -4.61 -20.57 36.33
N PRO A 527 -4.59 -21.24 35.18
CA PRO A 527 -3.78 -22.46 35.01
C PRO A 527 -2.32 -22.16 34.64
N ASP B 40 25.56 -63.07 9.50
CA ASP B 40 25.32 -61.88 8.70
C ASP B 40 25.26 -60.64 9.57
N LEU B 41 26.43 -60.03 9.80
CA LEU B 41 26.49 -58.84 10.64
C LEU B 41 25.74 -57.67 10.01
N ARG B 42 25.75 -57.61 8.68
CA ARG B 42 25.03 -56.55 7.92
C ARG B 42 25.45 -55.10 8.16
N ARG B 43 26.74 -54.84 8.21
CA ARG B 43 27.20 -53.46 8.33
C ARG B 43 26.85 -52.62 7.10
N ARG B 44 26.41 -53.26 6.01
CA ARG B 44 26.12 -52.52 4.79
C ARG B 44 24.91 -51.62 4.96
N LEU B 45 23.93 -52.04 5.75
CA LEU B 45 22.76 -51.21 6.00
C LEU B 45 23.22 -49.91 6.65
N LYS B 46 24.02 -50.02 7.70
CA LYS B 46 24.52 -48.84 8.38
C LYS B 46 25.38 -47.99 7.46
N TYR B 47 26.14 -48.64 6.59
CA TYR B 47 26.97 -47.92 5.64
C TYR B 47 26.11 -47.09 4.70
N PHE B 48 24.99 -47.65 4.28
CA PHE B 48 24.11 -46.95 3.33
C PHE B 48 23.61 -45.62 3.90
N PHE B 49 23.14 -45.64 5.15
CA PHE B 49 22.58 -44.44 5.77
C PHE B 49 23.67 -43.68 6.52
N MET B 50 24.75 -43.41 5.79
CA MET B 50 25.86 -42.69 6.37
C MET B 50 26.09 -41.38 5.65
N SER B 51 26.69 -40.43 6.34
CA SER B 51 27.00 -39.13 5.77
C SER B 51 28.23 -39.24 4.86
N PRO B 52 28.41 -38.28 3.95
CA PRO B 52 29.59 -38.35 3.07
C PRO B 52 30.91 -38.37 3.82
N CYS B 53 31.03 -37.62 4.92
CA CYS B 53 32.24 -37.68 5.72
C CYS B 53 32.44 -39.06 6.33
N ASP B 54 31.37 -39.65 6.85
CA ASP B 54 31.46 -40.98 7.43
C ASP B 54 31.82 -42.02 6.38
N LYS B 55 31.22 -41.92 5.19
CA LYS B 55 31.56 -42.83 4.12
C LYS B 55 33.01 -42.66 3.68
N PHE B 56 33.52 -41.43 3.63
CA PHE B 56 34.93 -41.24 3.30
C PHE B 56 35.84 -41.86 4.36
N ARG B 57 35.49 -41.69 5.63
CA ARG B 57 36.29 -42.27 6.70
C ARG B 57 36.25 -43.79 6.64
N ALA B 58 35.13 -44.34 6.16
CA ALA B 58 34.98 -45.79 6.12
C ALA B 58 35.79 -46.41 4.99
N LYS B 59 35.48 -46.04 3.75
CA LYS B 59 36.15 -46.56 2.57
C LYS B 59 36.87 -45.42 1.84
N GLY B 60 37.47 -45.75 0.70
CA GLY B 60 38.05 -44.74 -0.15
C GLY B 60 37.00 -44.08 -1.02
N ARG B 61 35.97 -43.54 -0.39
CA ARG B 61 34.82 -42.98 -1.10
C ARG B 61 34.95 -41.46 -1.14
N LYS B 62 35.37 -40.92 -2.28
CA LYS B 62 35.41 -39.48 -2.40
C LYS B 62 34.01 -38.98 -2.79
N PRO B 63 33.55 -37.85 -2.20
CA PRO B 63 32.19 -37.42 -2.54
C PRO B 63 32.13 -36.78 -3.92
N CYS B 64 31.61 -37.53 -4.90
CA CYS B 64 31.48 -36.99 -6.25
C CYS B 64 30.14 -36.28 -6.45
N LYS B 65 29.07 -36.81 -5.87
CA LYS B 65 27.77 -36.19 -6.02
C LYS B 65 27.74 -34.79 -5.42
N LEU B 66 28.40 -34.58 -4.28
CA LEU B 66 28.36 -33.26 -3.64
C LEU B 66 29.09 -32.21 -4.48
N MET B 67 30.31 -32.52 -4.90
CA MET B 67 31.08 -31.57 -5.70
C MET B 67 30.37 -31.37 -7.04
N LEU B 68 29.72 -32.41 -7.55
CA LEU B 68 28.96 -32.28 -8.79
C LEU B 68 27.87 -31.27 -8.55
N GLN B 69 27.16 -31.41 -7.44
CA GLN B 69 26.04 -30.51 -7.17
C GLN B 69 26.52 -29.07 -7.07
N VAL B 70 27.68 -28.84 -6.46
CA VAL B 70 28.20 -27.47 -6.38
C VAL B 70 28.49 -26.93 -7.78
N VAL B 71 29.18 -27.73 -8.60
CA VAL B 71 29.45 -27.34 -9.98
C VAL B 71 28.15 -27.11 -10.73
N LYS B 72 27.16 -27.96 -10.50
CA LYS B 72 25.87 -27.83 -11.16
C LYS B 72 25.20 -26.51 -10.79
N ILE B 73 25.23 -26.15 -9.52
CA ILE B 73 24.65 -24.88 -9.09
C ILE B 73 25.30 -23.75 -9.87
N LEU B 74 26.64 -23.72 -9.87
CA LEU B 74 27.34 -22.64 -10.55
C LEU B 74 26.96 -22.56 -12.03
N VAL B 75 27.08 -23.68 -12.74
CA VAL B 75 26.92 -23.66 -14.19
C VAL B 75 25.45 -23.42 -14.58
N VAL B 76 24.51 -24.01 -13.85
CA VAL B 76 23.11 -23.82 -14.17
C VAL B 76 22.68 -22.39 -13.92
N THR B 77 23.15 -21.78 -12.82
CA THR B 77 22.81 -20.39 -12.57
C THR B 77 23.38 -19.49 -13.66
N VAL B 78 24.64 -19.72 -14.04
CA VAL B 78 25.24 -18.90 -15.09
C VAL B 78 24.48 -19.07 -16.39
N GLN B 79 24.10 -20.30 -16.72
CA GLN B 79 23.35 -20.53 -17.96
C GLN B 79 22.01 -19.81 -17.93
N LEU B 80 21.31 -19.84 -16.79
CA LEU B 80 20.05 -19.12 -16.67
C LEU B 80 20.25 -17.64 -16.95
N ILE B 81 21.28 -17.03 -16.34
CA ILE B 81 21.52 -15.60 -16.55
C ILE B 81 21.85 -15.31 -18.02
N LEU B 82 22.71 -16.13 -18.61
CA LEU B 82 23.07 -15.94 -20.01
C LEU B 82 21.84 -15.99 -20.91
N PHE B 83 20.99 -17.00 -20.71
CA PHE B 83 19.74 -17.07 -21.46
C PHE B 83 18.88 -15.84 -21.21
N GLY B 84 18.87 -15.36 -19.96
CA GLY B 84 18.05 -14.22 -19.62
C GLY B 84 18.39 -12.99 -20.42
N LEU B 85 19.67 -12.80 -20.74
CA LEU B 85 20.03 -11.69 -21.63
C LEU B 85 19.16 -11.67 -22.89
N SER B 86 19.19 -12.77 -23.66
CA SER B 86 18.40 -12.86 -24.89
C SER B 86 16.91 -12.77 -24.61
N ASN B 87 16.44 -13.47 -23.58
CA ASN B 87 15.01 -13.47 -23.27
C ASN B 87 14.51 -12.05 -23.00
N GLN B 88 15.28 -11.31 -22.23
CA GLN B 88 14.91 -9.93 -21.93
C GLN B 88 14.87 -9.10 -23.20
N LEU B 89 15.85 -9.27 -24.09
CA LEU B 89 15.81 -8.53 -25.34
C LEU B 89 14.51 -8.79 -26.09
N VAL B 90 14.11 -10.06 -26.19
CA VAL B 90 12.89 -10.40 -26.93
C VAL B 90 11.66 -9.75 -26.29
N VAL B 91 11.52 -9.91 -24.98
CA VAL B 91 10.34 -9.37 -24.31
C VAL B 91 10.30 -7.85 -24.51
N THR B 92 11.42 -7.17 -24.30
CA THR B 92 11.45 -5.72 -24.44
C THR B 92 11.04 -5.30 -25.84
N PHE B 93 11.55 -5.99 -26.86
CA PHE B 93 11.14 -5.66 -28.23
C PHE B 93 9.63 -5.74 -28.38
N ARG B 94 9.04 -6.84 -27.92
CA ARG B 94 7.59 -6.99 -28.05
C ARG B 94 6.85 -5.87 -27.35
N GLU B 95 7.17 -5.62 -26.07
CA GLU B 95 6.42 -4.64 -25.29
C GLU B 95 6.57 -3.24 -25.88
N GLU B 96 7.79 -2.85 -26.26
CA GLU B 96 8.01 -1.49 -26.74
C GLU B 96 7.34 -1.28 -28.09
N ASN B 97 7.35 -2.29 -28.96
CA ASN B 97 6.63 -2.15 -30.21
C ASN B 97 5.14 -2.00 -29.97
N THR B 98 4.57 -2.75 -29.02
CA THR B 98 3.15 -2.62 -28.74
C THR B 98 2.81 -1.22 -28.24
N ILE B 99 3.64 -0.68 -27.33
CA ILE B 99 3.41 0.67 -26.85
C ILE B 99 3.47 1.67 -28.00
N ALA B 100 4.46 1.51 -28.87
CA ALA B 100 4.59 2.40 -30.03
C ALA B 100 3.35 2.34 -30.91
N PHE B 101 2.82 1.13 -31.14
CA PHE B 101 1.59 1.01 -31.92
C PHE B 101 0.43 1.74 -31.24
N ARG B 102 0.32 1.61 -29.93
CA ARG B 102 -0.75 2.30 -29.24
C ARG B 102 -0.65 3.81 -29.43
N HIS B 103 0.57 4.35 -29.38
CA HIS B 103 0.72 5.78 -29.61
C HIS B 103 0.51 6.16 -31.07
N LEU B 104 0.81 5.26 -32.00
CA LEU B 104 0.70 5.57 -33.42
C LEU B 104 -0.73 5.51 -33.94
N PHE B 105 -1.56 4.59 -33.41
CA PHE B 105 -2.83 4.30 -34.03
C PHE B 105 -4.05 4.66 -33.20
N LEU B 106 -3.89 4.92 -31.90
CA LEU B 106 -5.02 5.24 -31.03
C LEU B 106 -5.08 6.75 -30.84
N LEU B 107 -6.09 7.37 -31.44
CA LEU B 107 -6.25 8.82 -31.38
C LEU B 107 -6.33 9.29 -29.93
N GLY B 108 -5.50 10.27 -29.59
CA GLY B 108 -5.50 10.85 -28.27
C GLY B 108 -5.01 9.94 -27.16
N TYR B 109 -4.36 8.83 -27.48
CA TYR B 109 -3.92 7.90 -26.46
C TYR B 109 -2.82 8.50 -25.61
N SER B 110 -2.86 8.23 -24.30
CA SER B 110 -1.80 8.57 -23.37
C SER B 110 -1.53 7.40 -22.46
N ASP B 111 -0.27 7.27 -22.02
CA ASP B 111 0.11 6.14 -21.19
C ASP B 111 -0.68 6.12 -19.89
N GLY B 112 -1.15 4.94 -19.51
CA GLY B 112 -1.90 4.73 -18.30
C GLY B 112 -3.40 4.77 -18.46
N SER B 113 -3.90 5.29 -19.59
CA SER B 113 -5.33 5.40 -19.82
C SER B 113 -5.95 4.13 -20.39
N ASP B 114 -5.15 3.08 -20.60
CA ASP B 114 -5.56 1.90 -21.33
C ASP B 114 -6.91 1.30 -20.92
N ASP B 115 -7.23 1.27 -19.63
CA ASP B 115 -8.45 0.60 -19.21
C ASP B 115 -9.67 1.52 -19.18
N THR B 116 -9.48 2.83 -19.29
CA THR B 116 -10.59 3.77 -19.42
C THR B 116 -10.69 4.35 -20.83
N PHE B 117 -9.75 4.03 -21.72
CA PHE B 117 -9.75 4.59 -23.06
C PHE B 117 -11.00 4.17 -23.83
N ALA B 118 -11.84 5.13 -24.20
CA ALA B 118 -13.11 4.79 -24.82
C ALA B 118 -13.65 5.99 -25.58
N ALA B 119 -14.57 5.71 -26.48
CA ALA B 119 -15.32 6.73 -27.20
C ALA B 119 -16.73 6.83 -26.63
N TYR B 120 -17.30 8.03 -26.71
CA TYR B 120 -18.62 8.29 -26.16
C TYR B 120 -19.59 8.96 -27.14
N THR B 121 -19.14 9.37 -28.31
CA THR B 121 -20.01 9.94 -29.32
C THR B 121 -19.70 9.31 -30.67
N GLN B 122 -20.68 9.42 -31.58
CA GLN B 122 -20.49 8.89 -32.93
C GLN B 122 -19.31 9.57 -33.61
N GLU B 123 -19.19 10.89 -33.44
CA GLU B 123 -18.06 11.61 -34.02
C GLU B 123 -16.73 11.11 -33.49
N GLN B 124 -16.65 10.88 -32.17
CA GLN B 124 -15.42 10.37 -31.58
C GLN B 124 -15.05 9.01 -32.15
N LEU B 125 -16.03 8.13 -32.27
CA LEU B 125 -15.78 6.80 -32.82
C LEU B 125 -15.25 6.92 -34.24
N TYR B 126 -15.95 7.67 -35.08
CA TYR B 126 -15.52 7.83 -36.47
C TYR B 126 -14.11 8.40 -36.56
N GLN B 127 -13.83 9.42 -35.74
CA GLN B 127 -12.50 10.03 -35.75
C GLN B 127 -11.43 9.03 -35.35
N ALA B 128 -11.70 8.21 -34.34
CA ALA B 128 -10.73 7.22 -33.91
C ALA B 128 -10.45 6.20 -35.02
N ILE B 129 -11.51 5.67 -35.63
CA ILE B 129 -11.32 4.68 -36.68
C ILE B 129 -10.53 5.27 -37.84
N PHE B 130 -10.92 6.47 -38.29
CA PHE B 130 -10.26 7.09 -39.42
C PHE B 130 -8.82 7.44 -39.08
N TYR B 131 -8.55 7.85 -37.85
CA TYR B 131 -7.19 8.14 -37.42
C TYR B 131 -6.33 6.90 -37.50
N ALA B 132 -6.85 5.76 -37.02
CA ALA B 132 -6.09 4.53 -37.12
C ALA B 132 -5.73 4.22 -38.57
N VAL B 133 -6.73 4.26 -39.46
CA VAL B 133 -6.45 3.91 -40.85
C VAL B 133 -5.49 4.90 -41.50
N ASP B 134 -5.70 6.20 -41.27
CA ASP B 134 -4.85 7.23 -41.86
C ASP B 134 -3.41 7.08 -41.40
N GLN B 135 -3.20 6.85 -40.10
CA GLN B 135 -1.84 6.65 -39.61
C GLN B 135 -1.22 5.41 -40.23
N TYR B 136 -2.01 4.35 -40.40
CA TYR B 136 -1.49 3.16 -41.07
C TYR B 136 -1.00 3.50 -42.47
N LEU B 137 -1.75 4.30 -43.22
CA LEU B 137 -1.39 4.57 -44.60
C LEU B 137 -0.13 5.43 -44.76
N ILE B 138 0.28 6.17 -43.73
CA ILE B 138 1.48 6.99 -43.80
C ILE B 138 2.55 6.53 -42.82
N LEU B 139 2.51 5.25 -42.42
CA LEU B 139 3.45 4.75 -41.42
C LEU B 139 4.91 4.99 -41.80
N PRO B 140 5.37 4.65 -43.00
CA PRO B 140 6.81 4.83 -43.30
C PRO B 140 7.28 6.26 -43.16
N GLU B 141 6.42 7.24 -43.45
CA GLU B 141 6.83 8.63 -43.39
C GLU B 141 6.95 9.17 -41.97
N ILE B 142 6.35 8.52 -40.97
CA ILE B 142 6.23 9.07 -39.64
C ILE B 142 6.91 8.23 -38.58
N SER B 143 6.82 6.90 -38.69
CA SER B 143 7.27 6.04 -37.60
C SER B 143 8.79 6.10 -37.44
N LEU B 144 9.23 6.02 -36.19
CA LEU B 144 10.65 5.92 -35.88
C LEU B 144 11.19 4.53 -36.13
N GLY B 145 10.35 3.50 -36.00
CA GLY B 145 10.78 2.17 -36.36
C GLY B 145 10.66 1.90 -37.85
N ARG B 146 11.41 0.91 -38.32
CA ARG B 146 11.42 0.53 -39.72
C ARG B 146 10.45 -0.63 -39.90
N TYR B 147 9.20 -0.31 -40.20
CA TYR B 147 8.17 -1.32 -40.39
C TYR B 147 7.93 -1.54 -41.88
N ALA B 148 7.59 -2.78 -42.23
CA ALA B 148 7.17 -3.14 -43.57
C ALA B 148 5.74 -3.65 -43.54
N TYR B 149 4.95 -3.23 -44.52
CA TYR B 149 3.61 -3.77 -44.65
C TYR B 149 3.67 -5.25 -44.99
N VAL B 150 2.59 -5.96 -44.68
CA VAL B 150 2.49 -7.38 -45.02
C VAL B 150 1.29 -7.52 -45.94
N ARG B 151 1.54 -7.66 -47.23
CA ARG B 151 0.45 -7.78 -48.19
C ARG B 151 -0.31 -9.07 -47.94
N GLY B 152 -1.63 -8.99 -47.86
CA GLY B 152 -2.44 -10.14 -47.55
C GLY B 152 -2.50 -10.51 -46.08
N GLY B 153 -2.00 -9.65 -45.20
CA GLY B 153 -2.01 -9.94 -43.78
C GLY B 153 -3.16 -9.28 -43.05
N GLY B 154 -4.22 -8.92 -43.78
CA GLY B 154 -5.35 -8.21 -43.23
C GLY B 154 -6.33 -9.06 -42.46
N GLY B 155 -6.04 -10.33 -42.22
CA GLY B 155 -6.91 -11.19 -41.45
C GLY B 155 -7.81 -12.04 -42.32
N PRO B 156 -8.56 -12.94 -41.68
CA PRO B 156 -9.40 -13.88 -42.47
C PRO B 156 -10.46 -13.19 -43.31
N TRP B 157 -11.02 -12.07 -42.85
CA TRP B 157 -12.02 -11.34 -43.61
C TRP B 157 -11.40 -10.43 -44.66
N ALA B 158 -10.08 -10.32 -44.69
CA ALA B 158 -9.37 -9.70 -45.79
C ALA B 158 -9.42 -10.63 -47.00
N ASN B 159 -9.48 -10.05 -48.19
CA ASN B 159 -9.51 -10.83 -49.41
C ASN B 159 -8.23 -10.58 -50.21
N GLY B 160 -7.10 -10.59 -49.50
CA GLY B 160 -5.82 -10.25 -50.09
C GLY B 160 -5.32 -8.87 -49.76
N SER B 161 -6.13 -8.04 -49.12
CA SER B 161 -5.71 -6.70 -48.74
C SER B 161 -4.92 -6.73 -47.43
N ALA B 162 -4.07 -5.72 -47.23
CA ALA B 162 -3.22 -5.71 -46.04
C ALA B 162 -3.90 -5.20 -44.78
N LEU B 163 -4.97 -4.42 -44.91
CA LEU B 163 -5.73 -3.98 -43.76
C LEU B 163 -7.20 -4.26 -43.97
N ALA B 164 -7.84 -4.83 -42.95
CA ALA B 164 -9.28 -5.09 -42.96
C ALA B 164 -9.96 -4.22 -41.92
N LEU B 165 -10.99 -3.50 -42.34
CA LEU B 165 -11.79 -2.65 -41.47
C LEU B 165 -13.19 -3.25 -41.42
N CYS B 166 -13.48 -4.00 -40.37
CA CYS B 166 -14.71 -4.79 -40.25
C CYS B 166 -15.62 -4.20 -39.19
N GLN B 167 -16.90 -4.09 -39.50
CA GLN B 167 -17.93 -3.84 -38.50
C GLN B 167 -18.89 -5.02 -38.47
N ARG B 168 -19.28 -5.42 -37.27
CA ARG B 168 -20.19 -6.54 -37.07
C ARG B 168 -21.45 -6.05 -36.38
N TYR B 169 -22.61 -6.48 -36.87
CA TYR B 169 -23.87 -6.03 -36.33
C TYR B 169 -24.88 -7.17 -36.44
N TYR B 170 -25.99 -7.03 -35.72
CA TYR B 170 -27.05 -8.03 -35.76
C TYR B 170 -27.68 -8.06 -37.14
N HIS B 171 -28.05 -9.26 -37.58
CA HIS B 171 -28.68 -9.41 -38.89
C HIS B 171 -29.92 -8.53 -39.01
N ARG B 172 -30.78 -8.53 -37.99
CA ARG B 172 -31.90 -7.62 -37.92
C ARG B 172 -31.89 -6.93 -36.57
N GLY B 173 -31.95 -5.61 -36.58
CA GLY B 173 -32.03 -4.83 -35.35
C GLY B 173 -33.04 -3.72 -35.46
N HIS B 174 -34.03 -3.71 -34.58
CA HIS B 174 -35.12 -2.74 -34.60
C HIS B 174 -35.34 -2.16 -33.21
N VAL B 175 -34.25 -1.68 -32.59
CA VAL B 175 -34.27 -1.22 -31.21
C VAL B 175 -35.04 0.10 -31.14
N ASP B 176 -36.19 0.08 -30.47
CA ASP B 176 -37.07 1.25 -30.34
C ASP B 176 -37.43 1.43 -28.88
N PRO B 177 -36.50 1.96 -28.08
CA PRO B 177 -36.81 2.17 -26.65
C PRO B 177 -38.00 3.08 -26.43
N ALA B 178 -38.23 4.03 -27.35
CA ALA B 178 -39.34 4.96 -27.18
C ALA B 178 -40.65 4.23 -26.92
N ASN B 179 -40.88 3.12 -27.62
CA ASN B 179 -42.09 2.32 -27.44
C ASN B 179 -41.85 1.04 -26.65
N ASP B 180 -40.70 0.91 -25.99
CA ASP B 180 -40.37 -0.28 -25.22
C ASP B 180 -40.52 -1.53 -26.08
N THR B 181 -40.08 -1.45 -27.32
CA THR B 181 -40.18 -2.53 -28.28
C THR B 181 -38.81 -2.79 -28.91
N PHE B 182 -38.58 -4.03 -29.32
CA PHE B 182 -37.43 -4.36 -30.15
C PHE B 182 -37.75 -5.60 -30.95
N ASP B 183 -37.03 -5.75 -32.07
CA ASP B 183 -37.17 -6.92 -32.95
C ASP B 183 -35.73 -7.24 -33.34
N ILE B 184 -35.20 -8.38 -32.92
CA ILE B 184 -33.79 -8.71 -33.10
C ILE B 184 -33.66 -10.09 -33.74
N ASP B 185 -32.82 -10.18 -34.75
CA ASP B 185 -32.29 -11.45 -35.21
C ASP B 185 -30.84 -11.51 -34.77
N PRO B 186 -30.49 -12.26 -33.72
CA PRO B 186 -29.14 -12.15 -33.14
C PRO B 186 -28.02 -12.63 -34.04
N ARG B 187 -28.31 -13.06 -35.26
CA ARG B 187 -27.26 -13.46 -36.18
C ARG B 187 -26.26 -12.32 -36.39
N VAL B 188 -24.97 -12.65 -36.37
CA VAL B 188 -23.91 -11.66 -36.49
C VAL B 188 -23.53 -11.53 -37.95
N VAL B 189 -23.66 -10.32 -38.48
CA VAL B 189 -23.28 -10.02 -39.86
C VAL B 189 -21.97 -9.25 -39.84
N THR B 190 -21.02 -9.66 -40.68
CA THR B 190 -19.73 -9.01 -40.79
C THR B 190 -19.66 -8.27 -42.11
N ASP B 191 -19.40 -6.97 -42.05
CA ASP B 191 -19.24 -6.12 -43.22
C ASP B 191 -17.82 -5.60 -43.24
N CYS B 192 -17.08 -5.91 -44.30
CA CYS B 192 -15.65 -5.69 -44.35
C CYS B 192 -15.27 -4.69 -45.43
N ILE B 193 -14.32 -3.83 -45.12
CA ILE B 193 -13.73 -2.89 -46.08
C ILE B 193 -12.24 -3.20 -46.17
N GLN B 194 -11.75 -3.38 -47.39
CA GLN B 194 -10.34 -3.70 -47.63
C GLN B 194 -9.57 -2.43 -47.92
N VAL B 195 -8.43 -2.27 -47.25
CA VAL B 195 -7.55 -1.14 -47.46
C VAL B 195 -6.17 -1.67 -47.82
N ASP B 196 -5.51 -1.03 -48.79
CA ASP B 196 -4.17 -1.42 -49.17
C ASP B 196 -3.21 -0.24 -49.03
N PRO B 197 -1.97 -0.49 -48.63
CA PRO B 197 -1.00 0.60 -48.51
C PRO B 197 -0.58 1.09 -49.86
N PRO B 198 -0.14 2.35 -50.02
CA PRO B 198 0.38 2.77 -51.32
C PRO B 198 1.71 2.06 -51.57
N ASP B 199 1.88 1.57 -52.79
CA ASP B 199 3.11 0.87 -53.12
C ASP B 199 4.29 1.82 -53.33
N ARG B 200 4.12 3.09 -52.97
CA ARG B 200 5.16 4.10 -53.11
C ARG B 200 5.86 4.01 -54.46
N ALA B 216 -10.85 7.81 -48.75
CA ALA B 216 -11.01 6.83 -49.83
C ALA B 216 -12.22 5.94 -49.57
N SER B 217 -12.09 4.67 -49.90
CA SER B 217 -13.20 3.75 -49.69
C SER B 217 -13.56 3.65 -48.21
N TYR B 218 -12.55 3.55 -47.34
CA TYR B 218 -12.81 3.47 -45.91
C TYR B 218 -13.40 4.76 -45.36
N LYS B 219 -13.21 5.89 -46.04
CA LYS B 219 -13.76 7.15 -45.56
C LYS B 219 -15.28 7.18 -45.61
N ASN B 220 -15.91 6.31 -46.40
CA ASN B 220 -17.35 6.26 -46.53
C ASN B 220 -18.00 5.27 -45.57
N LEU B 221 -17.27 4.82 -44.56
CA LEU B 221 -17.84 3.88 -43.59
C LEU B 221 -19.06 4.48 -42.92
N THR B 222 -20.15 3.71 -42.89
CA THR B 222 -21.37 4.09 -42.20
C THR B 222 -21.68 3.03 -41.17
N LEU B 223 -21.54 3.37 -39.89
CA LEU B 223 -21.73 2.42 -38.82
C LEU B 223 -23.20 2.33 -38.43
N LYS B 224 -23.68 1.10 -38.26
CA LYS B 224 -25.03 0.85 -37.78
C LYS B 224 -25.03 0.84 -36.24
N PHE B 225 -25.05 2.05 -35.68
CA PHE B 225 -24.78 2.21 -34.27
C PHE B 225 -25.78 1.44 -33.40
N HIS B 226 -27.06 1.50 -33.74
CA HIS B 226 -28.08 0.96 -32.86
C HIS B 226 -27.97 -0.57 -32.74
N LYS B 227 -27.40 -1.24 -33.73
CA LYS B 227 -27.24 -2.68 -33.67
C LYS B 227 -25.78 -3.10 -33.81
N LEU B 228 -24.85 -2.17 -33.67
CA LEU B 228 -23.43 -2.47 -33.80
C LEU B 228 -22.96 -3.35 -32.64
N ILE B 229 -22.18 -4.37 -32.97
CA ILE B 229 -21.56 -5.22 -31.97
C ILE B 229 -20.12 -4.78 -31.69
N ASN B 230 -19.29 -4.72 -32.73
CA ASN B 230 -17.95 -4.17 -32.59
C ASN B 230 -17.42 -3.78 -33.97
N VAL B 231 -16.34 -3.02 -33.95
CA VAL B 231 -15.54 -2.72 -35.14
C VAL B 231 -14.11 -3.16 -34.85
N THR B 232 -13.47 -3.75 -35.84
CA THR B 232 -12.09 -4.21 -35.70
C THR B 232 -11.26 -3.74 -36.89
N ILE B 233 -9.98 -3.53 -36.63
CA ILE B 233 -8.99 -3.21 -37.64
C ILE B 233 -7.87 -4.23 -37.50
N HIS B 234 -7.63 -5.02 -38.55
CA HIS B 234 -6.62 -6.06 -38.54
C HIS B 234 -5.56 -5.73 -39.58
N PHE B 235 -4.30 -5.75 -39.17
CA PHE B 235 -3.20 -5.63 -40.10
C PHE B 235 -1.92 -6.15 -39.45
N GLN B 236 -0.89 -6.32 -40.27
CA GLN B 236 0.36 -6.90 -39.83
C GLN B 236 1.51 -5.99 -40.21
N LEU B 237 2.54 -5.96 -39.35
CA LEU B 237 3.75 -5.19 -39.60
C LEU B 237 4.96 -6.07 -39.31
N LYS B 238 6.02 -5.88 -40.08
CA LYS B 238 7.25 -6.66 -39.96
C LYS B 238 8.40 -5.74 -39.62
N THR B 239 9.22 -6.16 -38.65
CA THR B 239 10.39 -5.38 -38.24
C THR B 239 11.46 -6.32 -37.73
N ILE B 240 12.69 -5.81 -37.70
CA ILE B 240 13.87 -6.59 -37.33
C ILE B 240 14.33 -6.16 -35.95
N ASN B 241 14.59 -7.13 -35.07
CA ASN B 241 15.10 -6.86 -33.74
C ASN B 241 16.62 -6.72 -33.79
N LEU B 242 17.07 -5.52 -34.18
CA LEU B 242 18.50 -5.27 -34.37
C LEU B 242 19.25 -5.31 -33.05
N GLN B 243 18.58 -5.04 -31.92
CA GLN B 243 19.30 -4.96 -30.65
C GLN B 243 19.93 -6.29 -30.25
N SER B 244 19.50 -7.39 -30.86
CA SER B 244 20.12 -8.69 -30.55
C SER B 244 21.60 -8.71 -30.91
N LEU B 245 22.07 -7.77 -31.73
CA LEU B 245 23.49 -7.70 -32.06
C LEU B 245 24.35 -7.48 -30.82
N ILE B 246 23.83 -6.78 -29.81
CA ILE B 246 24.60 -6.55 -28.59
C ILE B 246 24.90 -7.86 -27.88
N ASN B 247 24.17 -8.92 -28.23
CA ASN B 247 24.39 -10.22 -27.60
C ASN B 247 25.08 -11.14 -28.59
N ASN B 248 25.69 -10.59 -29.63
CA ASN B 248 26.38 -11.37 -30.66
C ASN B 248 25.47 -12.41 -31.28
N GLU B 249 24.19 -12.05 -31.41
CA GLU B 249 23.25 -12.92 -32.08
C GLU B 249 22.79 -12.29 -33.36
N ILE B 250 22.34 -13.11 -34.30
CA ILE B 250 21.83 -12.61 -35.57
C ILE B 250 20.37 -12.21 -35.35
N PRO B 251 20.01 -10.99 -35.74
CA PRO B 251 18.62 -10.53 -35.59
C PRO B 251 17.56 -11.38 -36.26
N ASP B 252 16.40 -11.53 -35.62
CA ASP B 252 15.28 -12.27 -36.18
C ASP B 252 14.28 -11.30 -36.81
N CYS B 253 13.43 -11.86 -37.67
CA CYS B 253 12.31 -11.13 -38.25
C CYS B 253 11.09 -11.31 -37.35
N TYR B 254 10.51 -10.20 -36.93
CA TYR B 254 9.29 -10.20 -36.13
C TYR B 254 8.13 -9.75 -36.99
N THR B 255 7.03 -10.50 -36.94
CA THR B 255 5.78 -10.10 -37.58
C THR B 255 4.77 -9.84 -36.48
N PHE B 256 4.36 -8.59 -36.34
CA PHE B 256 3.34 -8.22 -35.38
C PHE B 256 1.98 -8.24 -36.05
N SER B 257 1.05 -8.98 -35.47
CA SER B 257 -0.34 -8.97 -35.90
C SER B 257 -1.10 -8.02 -34.97
N ILE B 258 -1.62 -6.94 -35.53
CA ILE B 258 -2.20 -5.85 -34.77
C ILE B 258 -3.72 -5.92 -34.90
N LEU B 259 -4.40 -5.95 -33.78
CA LEU B 259 -5.86 -5.93 -33.76
C LEU B 259 -6.33 -4.76 -32.90
N ILE B 260 -7.13 -3.90 -33.47
CA ILE B 260 -7.74 -2.78 -32.75
C ILE B 260 -9.23 -3.01 -32.68
N THR B 261 -9.77 -2.99 -31.47
CA THR B 261 -11.17 -3.32 -31.24
C THR B 261 -11.90 -2.13 -30.65
N PHE B 262 -13.00 -1.74 -31.28
CA PHE B 262 -13.95 -0.78 -30.74
C PHE B 262 -15.16 -1.59 -30.29
N ASP B 263 -15.22 -1.90 -29.00
CA ASP B 263 -16.13 -2.92 -28.48
C ASP B 263 -17.44 -2.26 -28.03
N ASN B 264 -18.53 -2.57 -28.73
CA ASN B 264 -19.86 -2.12 -28.35
C ASN B 264 -20.73 -3.26 -27.82
N LYS B 265 -20.13 -4.37 -27.40
CA LYS B 265 -20.91 -5.52 -26.99
C LYS B 265 -21.87 -5.20 -25.84
N ALA B 266 -21.56 -4.20 -25.01
CA ALA B 266 -22.43 -3.85 -23.91
C ALA B 266 -23.61 -2.98 -24.34
N HIS B 267 -23.52 -2.29 -25.48
CA HIS B 267 -24.55 -1.37 -25.93
C HIS B 267 -24.88 -0.33 -24.87
N SER B 268 -23.86 0.17 -24.18
CA SER B 268 -24.07 1.01 -23.01
C SER B 268 -23.76 2.48 -23.24
N GLY B 269 -23.57 2.90 -24.49
CA GLY B 269 -23.22 4.26 -24.77
C GLY B 269 -21.76 4.60 -24.58
N ARG B 270 -20.93 3.62 -24.21
CA ARG B 270 -19.50 3.80 -24.03
C ARG B 270 -18.80 2.68 -24.76
N ILE B 271 -17.91 3.02 -25.69
CA ILE B 271 -17.23 2.01 -26.50
C ILE B 271 -15.74 1.92 -26.19
N PRO B 272 -15.35 0.93 -25.36
CA PRO B 272 -13.93 0.73 -25.06
C PRO B 272 -13.08 0.47 -26.28
N ILE B 273 -11.90 1.09 -26.35
CA ILE B 273 -11.00 0.92 -27.47
C ILE B 273 -9.69 0.34 -26.95
N ARG B 274 -9.24 -0.76 -27.55
CA ARG B 274 -8.02 -1.42 -27.13
C ARG B 274 -7.24 -1.88 -28.36
N LEU B 275 -5.93 -2.06 -28.17
CA LEU B 275 -5.04 -2.56 -29.20
C LEU B 275 -4.27 -3.74 -28.65
N GLU B 276 -4.32 -4.86 -29.37
CA GLU B 276 -3.60 -6.07 -28.99
C GLU B 276 -2.70 -6.52 -30.13
N THR B 277 -1.60 -7.18 -29.79
CA THR B 277 -0.65 -7.67 -30.78
C THR B 277 -0.30 -9.12 -30.49
N LYS B 278 -0.28 -9.93 -31.55
CA LYS B 278 0.39 -11.22 -31.54
C LYS B 278 1.74 -11.08 -32.23
N THR B 279 2.72 -11.83 -31.76
CA THR B 279 4.08 -11.77 -32.29
C THR B 279 4.48 -13.13 -32.83
N HIS B 280 5.03 -13.14 -34.04
CA HIS B 280 5.60 -14.35 -34.64
C HIS B 280 7.06 -14.07 -34.97
N ILE B 281 7.95 -14.91 -34.43
CA ILE B 281 9.39 -14.75 -34.60
C ILE B 281 9.88 -15.82 -35.55
N GLN B 282 10.63 -15.40 -36.57
CA GLN B 282 11.27 -16.33 -37.50
C GLN B 282 12.56 -15.71 -37.98
N GLU B 283 13.46 -16.56 -38.47
CA GLU B 283 14.75 -16.08 -38.90
C GLU B 283 14.64 -15.37 -40.25
N CYS B 284 15.53 -14.40 -40.46
CA CYS B 284 15.54 -13.66 -41.71
C CYS B 284 16.02 -14.52 -42.84
N LYS B 285 15.50 -14.28 -44.03
CA LYS B 285 15.87 -15.06 -45.20
C LYS B 285 17.31 -14.79 -45.62
N HIS B 286 17.70 -13.52 -45.66
CA HIS B 286 19.04 -13.11 -46.09
C HIS B 286 19.64 -12.18 -45.04
N PRO B 287 20.12 -12.73 -43.94
CA PRO B 287 20.84 -11.91 -42.96
C PRO B 287 22.32 -11.80 -43.31
N SER B 288 22.92 -10.69 -42.87
CA SER B 288 24.33 -10.43 -43.14
C SER B 288 24.83 -9.45 -42.08
N VAL B 289 25.69 -9.92 -41.20
CA VAL B 289 26.35 -9.09 -40.18
C VAL B 289 27.84 -9.22 -40.39
N SER B 290 28.57 -8.10 -40.39
CA SER B 290 29.99 -8.13 -40.74
C SER B 290 30.86 -8.67 -39.60
N ARG B 291 30.64 -8.20 -38.37
CA ARG B 291 31.53 -8.59 -37.28
C ARG B 291 31.44 -10.08 -36.96
N HIS B 292 30.27 -10.53 -36.46
CA HIS B 292 30.05 -11.94 -36.10
C HIS B 292 31.27 -12.86 -36.06
N PHE B 297 30.41 -19.75 -28.34
CA PHE B 297 31.08 -19.99 -27.07
C PHE B 297 30.06 -20.66 -26.17
N ARG B 298 28.84 -20.13 -26.12
CA ARG B 298 27.88 -20.71 -25.17
C ARG B 298 27.23 -21.97 -25.70
N LEU B 299 27.40 -22.28 -27.00
CA LEU B 299 27.01 -23.60 -27.49
C LEU B 299 27.84 -24.68 -26.82
N LEU B 300 29.06 -24.34 -26.38
CA LEU B 300 29.87 -25.29 -25.63
C LEU B 300 29.53 -25.24 -24.15
N PHE B 301 29.12 -24.10 -23.63
CA PHE B 301 28.70 -24.02 -22.23
C PHE B 301 27.43 -24.82 -22.00
N ASP B 302 26.52 -24.82 -22.98
CA ASP B 302 25.34 -25.66 -22.89
C ASP B 302 25.70 -27.13 -22.89
N VAL B 303 26.70 -27.52 -23.69
CA VAL B 303 27.17 -28.90 -23.69
C VAL B 303 27.79 -29.25 -22.34
N VAL B 304 28.53 -28.32 -21.74
CA VAL B 304 29.11 -28.54 -20.42
C VAL B 304 28.01 -28.76 -19.39
N VAL B 305 26.98 -27.92 -19.43
CA VAL B 305 25.85 -28.09 -18.52
C VAL B 305 25.20 -29.45 -18.73
N ILE B 306 25.02 -29.84 -20.00
CA ILE B 306 24.37 -31.11 -20.31
C ILE B 306 25.19 -32.27 -19.76
N LEU B 307 26.51 -32.23 -19.94
CA LEU B 307 27.35 -33.32 -19.45
C LEU B 307 27.35 -33.39 -17.93
N THR B 308 27.42 -32.23 -17.27
CA THR B 308 27.38 -32.23 -15.81
C THR B 308 26.07 -32.83 -15.31
N CYS B 309 24.95 -32.43 -15.91
CA CYS B 309 23.65 -32.94 -15.46
C CYS B 309 23.48 -34.41 -15.81
N SER B 310 24.04 -34.87 -16.93
CA SER B 310 24.02 -36.29 -17.25
C SER B 310 24.80 -37.09 -16.20
N LEU B 311 25.97 -36.60 -15.81
CA LEU B 311 26.76 -37.29 -14.79
C LEU B 311 25.99 -37.36 -13.48
N SER B 312 25.39 -36.24 -13.06
CA SER B 312 24.60 -36.25 -11.84
C SER B 312 23.45 -37.23 -11.95
N PHE B 313 22.77 -37.25 -13.09
CA PHE B 313 21.65 -38.17 -13.29
C PHE B 313 22.11 -39.61 -13.17
N LEU B 314 23.23 -39.95 -13.80
CA LEU B 314 23.71 -41.32 -13.76
C LEU B 314 24.07 -41.74 -12.33
N LEU B 315 24.78 -40.88 -11.60
CA LEU B 315 25.16 -41.22 -10.24
C LEU B 315 23.92 -41.38 -9.35
N CYS B 316 22.95 -40.48 -9.49
CA CYS B 316 21.75 -40.56 -8.66
C CYS B 316 20.92 -41.80 -8.99
N ALA B 317 20.84 -42.16 -10.27
CA ALA B 317 20.12 -43.37 -10.64
C ALA B 317 20.82 -44.61 -10.09
N ARG B 318 22.15 -44.63 -10.13
CA ARG B 318 22.88 -45.73 -9.54
C ARG B 318 22.60 -45.83 -8.04
N SER B 319 22.55 -44.70 -7.35
CA SER B 319 22.22 -44.72 -5.93
C SER B 319 20.81 -45.23 -5.69
N LEU B 320 19.86 -44.85 -6.55
CA LEU B 320 18.48 -45.32 -6.39
C LEU B 320 18.39 -46.83 -6.59
N LEU B 321 19.08 -47.35 -7.60
CA LEU B 321 19.10 -48.80 -7.82
C LEU B 321 19.74 -49.52 -6.63
N ARG B 322 20.78 -48.93 -6.08
CA ARG B 322 21.43 -49.50 -4.92
C ARG B 322 20.47 -49.57 -3.76
N GLY B 323 19.74 -48.48 -3.53
CA GLY B 323 18.76 -48.46 -2.46
C GLY B 323 17.67 -49.50 -2.66
N PHE B 324 17.20 -49.65 -3.90
CA PHE B 324 16.19 -50.66 -4.18
C PHE B 324 16.70 -52.06 -3.87
N LEU B 325 17.92 -52.37 -4.30
CA LEU B 325 18.49 -53.69 -4.05
C LEU B 325 18.66 -53.93 -2.55
N LEU B 326 19.18 -52.92 -1.84
CA LEU B 326 19.36 -53.05 -0.39
C LEU B 326 18.03 -53.27 0.31
N GLN B 327 17.00 -52.54 -0.11
CA GLN B 327 15.68 -52.71 0.49
C GLN B 327 15.17 -54.11 0.27
N ASN B 328 15.37 -54.63 -0.94
CA ASN B 328 14.88 -55.97 -1.28
C ASN B 328 15.61 -57.06 -0.50
N GLU B 329 16.91 -56.92 -0.32
CA GLU B 329 17.68 -57.89 0.46
C GLU B 329 17.31 -57.82 1.94
N PHE B 330 17.22 -56.62 2.49
CA PHE B 330 16.85 -56.48 3.90
C PHE B 330 15.44 -57.02 4.15
N VAL B 331 14.53 -56.76 3.22
CA VAL B 331 13.14 -57.16 3.40
C VAL B 331 13.03 -58.68 3.38
N VAL B 332 13.77 -59.37 2.51
CA VAL B 332 13.69 -60.82 2.53
C VAL B 332 14.41 -61.39 3.75
N PHE B 333 15.50 -60.77 4.18
CA PHE B 333 16.12 -61.26 5.40
C PHE B 333 15.19 -61.11 6.60
N MET B 334 14.41 -60.02 6.64
CA MET B 334 13.46 -59.83 7.72
C MET B 334 12.35 -60.86 7.63
N TRP B 335 11.86 -61.12 6.43
CA TRP B 335 10.85 -62.16 6.25
C TRP B 335 11.37 -63.51 6.71
N ARG B 336 12.69 -63.70 6.66
CA ARG B 336 13.28 -64.92 7.20
C ARG B 336 13.37 -64.86 8.73
N ARG B 337 13.66 -63.68 9.28
CA ARG B 337 13.84 -63.57 10.74
C ARG B 337 12.52 -63.76 11.46
N ARG B 338 11.41 -63.35 10.85
CA ARG B 338 10.09 -63.47 11.45
C ARG B 338 9.14 -63.91 10.35
N GLY B 339 7.85 -63.72 10.55
CA GLY B 339 6.90 -64.05 9.53
C GLY B 339 7.21 -63.42 8.19
N ARG B 340 6.64 -63.95 7.16
CA ARG B 340 6.83 -63.33 5.85
C ARG B 340 5.88 -62.18 5.59
N GLU B 341 6.35 -61.20 4.83
CA GLU B 341 5.55 -59.99 4.54
C GLU B 341 5.34 -59.11 5.77
N ILE B 342 6.40 -58.91 6.55
CA ILE B 342 6.29 -58.03 7.71
C ILE B 342 6.24 -56.58 7.28
N SER B 343 7.11 -56.18 6.36
CA SER B 343 7.36 -54.77 6.08
C SER B 343 6.41 -54.26 5.01
N LEU B 344 5.71 -53.16 5.30
CA LEU B 344 4.81 -52.52 4.35
C LEU B 344 5.28 -51.16 3.87
N TRP B 345 5.85 -50.35 4.76
CA TRP B 345 6.21 -48.98 4.40
C TRP B 345 7.70 -48.63 4.54
N GLU B 346 8.43 -49.36 5.36
CA GLU B 346 9.86 -49.09 5.48
C GLU B 346 10.57 -49.26 4.14
N ARG B 347 10.01 -50.11 3.27
CA ARG B 347 10.47 -50.16 1.89
C ARG B 347 10.54 -48.76 1.30
N LEU B 348 9.49 -47.98 1.49
CA LEU B 348 9.48 -46.61 0.98
C LEU B 348 10.51 -45.75 1.70
N GLU B 349 10.72 -46.01 2.98
CA GLU B 349 11.74 -45.29 3.74
C GLU B 349 13.11 -45.52 3.09
N PHE B 350 13.33 -46.69 2.49
CA PHE B 350 14.60 -46.91 1.81
C PHE B 350 14.78 -45.97 0.62
N VAL B 351 13.69 -45.44 0.08
CA VAL B 351 13.78 -44.51 -1.05
C VAL B 351 14.02 -43.11 -0.51
N ASN B 352 15.12 -42.49 -0.94
CA ASN B 352 15.43 -41.13 -0.56
C ASN B 352 15.00 -40.19 -1.68
N GLY B 353 14.10 -39.27 -1.36
CA GLY B 353 13.52 -38.38 -2.33
C GLY B 353 14.43 -37.28 -2.83
N TRP B 354 15.56 -37.11 -2.20
CA TRP B 354 16.46 -36.10 -2.70
C TRP B 354 17.07 -36.51 -4.03
N TYR B 355 17.35 -37.80 -4.21
CA TYR B 355 17.89 -38.27 -5.48
C TYR B 355 16.83 -38.23 -6.54
N ILE B 356 15.59 -38.48 -6.18
CA ILE B 356 14.49 -38.32 -7.13
C ILE B 356 14.38 -36.86 -7.56
N LEU B 357 14.49 -35.94 -6.60
CA LEU B 357 14.43 -34.52 -6.92
C LEU B 357 15.58 -34.15 -7.84
N LEU B 358 16.75 -34.70 -7.57
CA LEU B 358 17.93 -34.37 -8.36
C LEU B 358 17.74 -34.87 -9.77
N VAL B 359 17.26 -36.11 -9.92
CA VAL B 359 17.05 -36.66 -11.26
C VAL B 359 16.03 -35.82 -12.02
N THR B 360 14.95 -35.41 -11.36
CA THR B 360 13.97 -34.55 -12.00
C THR B 360 14.59 -33.23 -12.44
N SER B 361 15.41 -32.64 -11.58
CA SER B 361 16.08 -31.39 -11.91
C SER B 361 17.04 -31.58 -13.08
N ASP B 362 17.77 -32.70 -13.11
CA ASP B 362 18.67 -32.97 -14.23
C ASP B 362 17.89 -33.07 -15.54
N VAL B 363 16.77 -33.78 -15.52
CA VAL B 363 15.98 -33.94 -16.75
C VAL B 363 15.45 -32.59 -17.20
N LEU B 364 14.95 -31.78 -16.26
CA LEU B 364 14.44 -30.47 -16.62
C LEU B 364 15.54 -29.57 -17.16
N THR B 365 16.73 -29.62 -16.54
CA THR B 365 17.84 -28.81 -17.00
C THR B 365 18.29 -29.23 -18.40
N ILE B 366 18.34 -30.53 -18.66
CA ILE B 366 18.73 -31.00 -20.00
C ILE B 366 17.70 -30.57 -21.03
N SER B 367 16.41 -30.71 -20.71
CA SER B 367 15.38 -30.29 -21.65
C SER B 367 15.46 -28.79 -21.93
N GLY B 368 15.64 -27.99 -20.88
CA GLY B 368 15.79 -26.57 -21.07
C GLY B 368 17.02 -26.22 -21.90
N THR B 369 18.14 -26.88 -21.64
CA THR B 369 19.36 -26.62 -22.39
C THR B 369 19.19 -26.98 -23.87
N VAL B 370 18.54 -28.11 -24.15
CA VAL B 370 18.30 -28.50 -25.53
C VAL B 370 17.39 -27.49 -26.23
N MET B 371 16.33 -27.06 -25.54
CA MET B 371 15.44 -26.05 -26.12
C MET B 371 16.19 -24.74 -26.36
N LYS B 372 17.06 -24.35 -25.44
CA LYS B 372 17.85 -23.15 -25.61
C LYS B 372 18.78 -23.25 -26.82
N ILE B 373 19.41 -24.41 -26.99
CA ILE B 373 20.25 -24.65 -28.16
C ILE B 373 19.42 -24.55 -29.43
N GLY B 374 18.21 -25.11 -29.42
CA GLY B 374 17.34 -24.98 -30.57
C GLY B 374 16.97 -23.55 -30.87
N ILE B 375 16.69 -22.76 -29.84
CA ILE B 375 16.35 -21.36 -30.04
C ILE B 375 17.54 -20.59 -30.62
N GLU B 376 18.73 -20.83 -30.09
CA GLU B 376 19.93 -20.17 -30.62
C GLU B 376 20.13 -20.58 -32.06
N ALA B 377 19.97 -21.87 -32.35
CA ALA B 377 20.09 -22.37 -33.71
C ALA B 377 18.98 -21.84 -34.62
N LYS B 378 17.97 -21.18 -34.06
CA LYS B 378 16.86 -20.58 -34.80
C LYS B 378 15.85 -21.61 -35.28
N ASN B 379 15.91 -22.83 -34.75
CA ASN B 379 14.89 -23.83 -35.03
C ASN B 379 13.67 -23.71 -34.12
N LEU B 380 13.75 -22.87 -33.10
CA LEU B 380 12.68 -22.72 -32.12
C LEU B 380 12.60 -21.27 -31.66
N ALA B 381 11.38 -20.77 -31.47
CA ALA B 381 11.17 -19.52 -30.75
C ALA B 381 10.09 -19.79 -29.71
N SER B 382 10.48 -20.38 -28.59
CA SER B 382 9.61 -20.51 -27.43
C SER B 382 10.44 -20.06 -26.23
N TYR B 383 10.52 -18.74 -26.05
CA TYR B 383 11.38 -18.21 -25.02
C TYR B 383 10.78 -18.40 -23.64
N ASP B 384 9.45 -18.31 -23.52
CA ASP B 384 8.81 -18.46 -22.21
C ASP B 384 8.95 -19.87 -21.67
N VAL B 385 8.70 -20.88 -22.53
CA VAL B 385 8.84 -22.26 -22.10
C VAL B 385 10.27 -22.54 -21.65
N CYS B 386 11.25 -22.08 -22.44
CA CYS B 386 12.65 -22.31 -22.10
C CYS B 386 13.01 -21.59 -20.80
N SER B 387 12.54 -20.36 -20.64
CA SER B 387 12.83 -19.62 -19.41
C SER B 387 12.24 -20.33 -18.21
N ILE B 388 11.03 -20.87 -18.34
CA ILE B 388 10.41 -21.57 -17.22
C ILE B 388 11.19 -22.83 -16.89
N LEU B 389 11.56 -23.61 -17.91
CA LEU B 389 12.34 -24.82 -17.65
C LEU B 389 13.65 -24.50 -16.95
N LEU B 390 14.39 -23.52 -17.46
CA LEU B 390 15.68 -23.17 -16.88
C LEU B 390 15.54 -22.61 -15.48
N GLY B 391 14.54 -21.74 -15.24
CA GLY B 391 14.36 -21.16 -13.92
C GLY B 391 13.95 -22.19 -12.88
N THR B 392 12.99 -23.06 -13.22
CA THR B 392 12.60 -24.12 -12.32
C THR B 392 13.78 -25.04 -12.03
N SER B 393 14.56 -25.33 -13.05
CA SER B 393 15.73 -26.16 -12.86
C SER B 393 16.69 -25.49 -11.88
N THR B 394 16.94 -24.19 -12.06
CA THR B 394 17.84 -23.47 -11.17
C THR B 394 17.36 -23.52 -9.74
N LEU B 395 16.07 -23.30 -9.53
CA LEU B 395 15.51 -23.37 -8.17
C LEU B 395 15.73 -24.75 -7.57
N LEU B 396 15.43 -25.79 -8.35
CA LEU B 396 15.56 -27.16 -7.84
C LEU B 396 17.02 -27.52 -7.58
N VAL B 397 17.93 -27.05 -8.43
CA VAL B 397 19.34 -27.34 -8.24
C VAL B 397 19.85 -26.70 -6.96
N TRP B 398 19.43 -25.45 -6.71
CA TRP B 398 19.80 -24.80 -5.45
C TRP B 398 19.22 -25.54 -4.26
N VAL B 399 17.96 -25.97 -4.35
CA VAL B 399 17.31 -26.63 -3.22
C VAL B 399 17.95 -27.98 -2.93
N GLY B 400 18.32 -28.72 -3.97
CA GLY B 400 18.80 -30.08 -3.79
C GLY B 400 20.03 -30.19 -2.91
N VAL B 401 20.83 -29.13 -2.82
CA VAL B 401 22.04 -29.20 -1.99
C VAL B 401 21.69 -29.38 -0.52
N ILE B 402 20.44 -29.10 -0.14
CA ILE B 402 19.99 -29.32 1.23
C ILE B 402 20.12 -30.78 1.65
N ARG B 403 20.24 -31.69 0.68
CA ARG B 403 20.41 -33.10 1.01
C ARG B 403 21.55 -33.31 2.01
N TYR B 404 22.68 -32.65 1.78
CA TYR B 404 23.87 -32.84 2.60
C TYR B 404 23.80 -32.12 3.94
N LEU B 405 22.82 -31.26 4.14
CA LEU B 405 22.61 -30.65 5.45
C LEU B 405 21.75 -31.50 6.36
N THR B 406 21.03 -32.47 5.82
CA THR B 406 20.13 -33.29 6.63
C THR B 406 20.88 -34.30 7.51
N PHE B 407 22.18 -34.48 7.31
CA PHE B 407 22.98 -35.36 8.16
C PHE B 407 23.35 -34.71 9.48
N PHE B 408 23.06 -33.43 9.67
CA PHE B 408 23.46 -32.69 10.86
C PHE B 408 22.22 -32.02 11.44
N HIS B 409 21.78 -32.51 12.60
CA HIS B 409 20.46 -32.11 13.12
C HIS B 409 20.40 -30.62 13.40
N LYS B 410 21.53 -30.00 13.74
CA LYS B 410 21.51 -28.57 13.99
C LYS B 410 21.21 -27.77 12.73
N TYR B 411 21.59 -28.29 11.56
CA TYR B 411 21.34 -27.63 10.29
C TYR B 411 20.08 -28.11 9.60
N ASN B 412 19.36 -29.07 10.18
CA ASN B 412 18.21 -29.69 9.55
C ASN B 412 16.88 -29.31 10.20
N ILE B 413 16.84 -28.20 10.93
CA ILE B 413 15.63 -27.84 11.67
C ILE B 413 14.43 -27.74 10.74
N LEU B 414 14.59 -27.02 9.63
CA LEU B 414 13.46 -26.81 8.72
C LEU B 414 12.92 -28.13 8.19
N ILE B 415 13.80 -28.96 7.64
CA ILE B 415 13.37 -30.20 7.00
C ILE B 415 12.74 -31.14 8.01
N ALA B 416 13.39 -31.32 9.17
CA ALA B 416 12.85 -32.22 10.19
C ALA B 416 11.50 -31.74 10.70
N THR B 417 11.39 -30.45 10.99
CA THR B 417 10.10 -29.90 11.43
C THR B 417 9.05 -30.18 10.37
N LEU B 418 9.35 -29.85 9.12
CA LEU B 418 8.37 -30.03 8.06
C LEU B 418 7.92 -31.49 7.96
N ARG B 419 8.84 -32.42 8.05
CA ARG B 419 8.47 -33.81 7.93
C ARG B 419 7.60 -34.25 9.10
N VAL B 420 7.78 -33.70 10.26
CA VAL B 420 6.93 -34.11 11.36
C VAL B 420 5.60 -33.37 11.32
N ALA B 421 5.58 -32.13 10.85
CA ALA B 421 4.36 -31.32 10.83
C ALA B 421 3.43 -31.53 9.68
N LEU B 422 3.93 -32.06 8.57
CA LEU B 422 3.09 -32.11 7.36
C LEU B 422 1.80 -32.90 7.54
N PRO B 423 1.78 -34.06 8.17
CA PRO B 423 0.49 -34.79 8.30
C PRO B 423 -0.58 -33.98 9.01
N SER B 424 -0.26 -33.40 10.18
CA SER B 424 -1.24 -32.61 10.90
C SER B 424 -1.62 -31.36 10.11
N VAL B 425 -0.66 -30.75 9.42
CA VAL B 425 -0.96 -29.56 8.63
C VAL B 425 -1.93 -29.89 7.51
N MET B 426 -1.72 -30.99 6.81
CA MET B 426 -2.62 -31.38 5.74
C MET B 426 -4.01 -31.72 6.28
N ARG B 427 -4.05 -32.41 7.42
CA ARG B 427 -5.36 -32.74 8.00
C ARG B 427 -6.12 -31.49 8.39
N PHE B 428 -5.45 -30.50 8.97
CA PHE B 428 -6.08 -29.22 9.32
C PHE B 428 -6.51 -28.46 8.06
N CYS B 429 -5.68 -28.46 7.04
CA CYS B 429 -6.03 -27.77 5.80
C CYS B 429 -7.21 -28.40 5.11
N CYS B 430 -7.47 -29.69 5.33
CA CYS B 430 -8.69 -30.29 4.80
C CYS B 430 -9.92 -29.51 5.22
N CYS B 431 -10.03 -29.21 6.52
CA CYS B 431 -11.18 -28.44 7.00
C CYS B 431 -11.08 -26.97 6.61
N VAL B 432 -9.89 -26.40 6.52
CA VAL B 432 -9.84 -25.00 6.17
C VAL B 432 -10.21 -24.78 4.70
N ALA B 433 -9.98 -25.78 3.86
CA ALA B 433 -10.21 -25.62 2.43
C ALA B 433 -11.69 -25.37 2.12
N VAL B 434 -12.59 -26.09 2.78
CA VAL B 434 -14.01 -25.90 2.48
C VAL B 434 -14.45 -24.49 2.81
N ILE B 435 -14.04 -23.98 3.97
CA ILE B 435 -14.37 -22.60 4.34
C ILE B 435 -13.80 -21.63 3.32
N TYR B 436 -12.53 -21.83 2.96
CA TYR B 436 -11.88 -20.91 2.04
C TYR B 436 -12.57 -20.90 0.69
N LEU B 437 -12.95 -22.07 0.16
CA LEU B 437 -13.59 -22.16 -1.14
C LEU B 437 -15.00 -21.56 -1.09
N GLY B 438 -15.74 -21.80 0.00
CA GLY B 438 -17.03 -21.17 0.14
C GLY B 438 -16.93 -19.66 0.09
N TYR B 439 -15.97 -19.10 0.83
CA TYR B 439 -15.76 -17.66 0.78
C TYR B 439 -15.37 -17.20 -0.62
N CYS B 440 -14.49 -17.95 -1.28
CA CYS B 440 -14.03 -17.57 -2.61
C CYS B 440 -15.19 -17.46 -3.57
N PHE B 441 -16.04 -18.49 -3.64
CA PHE B 441 -17.16 -18.45 -4.57
C PHE B 441 -18.16 -17.36 -4.20
N CYS B 442 -18.47 -17.22 -2.91
CA CYS B 442 -19.41 -16.19 -2.48
C CYS B 442 -18.92 -14.81 -2.87
N GLY B 443 -17.66 -14.50 -2.57
CA GLY B 443 -17.12 -13.20 -2.91
C GLY B 443 -17.01 -12.97 -4.40
N TRP B 444 -16.66 -14.02 -5.15
CA TRP B 444 -16.52 -13.89 -6.59
C TRP B 444 -17.85 -13.51 -7.23
N ILE B 445 -18.94 -14.15 -6.83
CA ILE B 445 -20.20 -13.87 -7.50
C ILE B 445 -20.87 -12.62 -6.92
N VAL B 446 -20.94 -12.52 -5.60
CA VAL B 446 -21.68 -11.44 -4.97
C VAL B 446 -20.97 -10.10 -5.20
N LEU B 447 -19.66 -10.05 -4.97
CA LEU B 447 -18.90 -8.80 -4.99
C LEU B 447 -18.11 -8.58 -6.27
N GLY B 448 -17.99 -9.58 -7.14
CA GLY B 448 -17.22 -9.46 -8.35
C GLY B 448 -17.66 -8.31 -9.22
N PRO B 449 -18.97 -8.16 -9.41
CA PRO B 449 -19.48 -7.01 -10.20
C PRO B 449 -19.14 -5.65 -9.60
N TYR B 450 -19.02 -5.54 -8.28
CA TYR B 450 -18.85 -4.25 -7.63
C TYR B 450 -17.43 -3.96 -7.17
N HIS B 451 -16.59 -4.98 -7.03
CA HIS B 451 -15.29 -4.82 -6.37
C HIS B 451 -14.20 -5.17 -7.37
N VAL B 452 -13.26 -4.24 -7.56
CA VAL B 452 -12.21 -4.44 -8.56
C VAL B 452 -11.39 -5.68 -8.23
N LYS B 453 -11.16 -5.94 -6.95
CA LYS B 453 -10.34 -7.07 -6.52
C LYS B 453 -11.07 -8.41 -6.43
N PHE B 454 -12.33 -8.44 -6.86
CA PHE B 454 -13.09 -9.69 -6.87
C PHE B 454 -13.59 -10.03 -8.28
N ARG B 455 -12.89 -9.57 -9.30
CA ARG B 455 -13.41 -9.67 -10.67
C ARG B 455 -13.38 -11.10 -11.20
N SER B 456 -12.35 -11.87 -10.89
CA SER B 456 -12.19 -13.23 -11.38
C SER B 456 -11.87 -14.15 -10.23
N LEU B 457 -12.02 -15.46 -10.48
CA LEU B 457 -11.76 -16.45 -9.44
C LEU B 457 -10.32 -16.37 -8.96
N SER B 458 -9.35 -16.32 -9.88
CA SER B 458 -7.96 -16.24 -9.47
C SER B 458 -7.69 -14.94 -8.71
N MET B 459 -8.29 -13.84 -9.15
CA MET B 459 -8.10 -12.57 -8.45
C MET B 459 -8.76 -12.59 -7.07
N VAL B 460 -9.93 -13.23 -6.95
CA VAL B 460 -10.56 -13.38 -5.65
C VAL B 460 -9.66 -14.19 -4.72
N SER B 461 -9.07 -15.27 -5.24
CA SER B 461 -8.14 -16.05 -4.44
C SER B 461 -6.94 -15.22 -4.00
N GLU B 462 -6.38 -14.42 -4.91
CA GLU B 462 -5.27 -13.56 -4.53
C GLU B 462 -5.67 -12.58 -3.44
N CYS B 463 -6.84 -11.97 -3.57
CA CYS B 463 -7.33 -11.01 -2.57
C CYS B 463 -7.48 -11.69 -1.21
N LEU B 464 -8.10 -12.87 -1.19
CA LEU B 464 -8.33 -13.55 0.09
C LEU B 464 -7.02 -14.03 0.71
N PHE B 465 -6.12 -14.56 -0.11
CA PHE B 465 -4.83 -15.01 0.39
C PHE B 465 -4.04 -13.84 0.99
N SER B 466 -4.05 -12.69 0.31
CA SER B 466 -3.39 -11.51 0.86
C SER B 466 -4.07 -11.05 2.14
N LEU B 467 -5.40 -11.09 2.21
CA LEU B 467 -6.09 -10.70 3.42
C LEU B 467 -5.69 -11.59 4.59
N ILE B 468 -5.57 -12.90 4.34
CA ILE B 468 -5.12 -13.81 5.39
C ILE B 468 -3.78 -13.35 5.96
N ASN B 469 -2.93 -12.80 5.10
CA ASN B 469 -1.62 -12.34 5.54
C ASN B 469 -1.61 -10.88 5.97
N GLY B 470 -2.78 -10.28 6.14
CA GLY B 470 -2.89 -8.92 6.63
C GLY B 470 -2.54 -7.85 5.64
N ASP B 471 -2.67 -8.12 4.35
CA ASP B 471 -2.18 -7.23 3.31
C ASP B 471 -3.35 -6.60 2.56
N ASP B 472 -3.28 -5.27 2.37
CA ASP B 472 -4.21 -4.53 1.51
C ASP B 472 -5.61 -4.46 2.11
N MET B 473 -5.70 -4.51 3.43
CA MET B 473 -7.00 -4.53 4.10
C MET B 473 -7.84 -3.27 3.91
N PHE B 474 -7.30 -2.10 4.25
CA PHE B 474 -8.09 -0.89 4.16
C PHE B 474 -8.48 -0.57 2.73
N VAL B 475 -7.61 -0.85 1.76
CA VAL B 475 -7.97 -0.61 0.36
C VAL B 475 -9.15 -1.49 -0.04
N THR B 476 -9.17 -2.73 0.45
CA THR B 476 -10.31 -3.61 0.17
C THR B 476 -11.59 -3.04 0.74
N PHE B 477 -11.56 -2.53 1.98
CA PHE B 477 -12.75 -1.89 2.54
C PHE B 477 -13.14 -0.63 1.76
N ALA B 478 -12.15 0.17 1.38
CA ALA B 478 -12.41 1.47 0.76
C ALA B 478 -12.99 1.32 -0.63
N ALA B 479 -12.62 0.26 -1.36
CA ALA B 479 -13.24 0.02 -2.65
C ALA B 479 -14.76 -0.09 -2.51
N MET B 480 -15.24 -0.70 -1.43
CA MET B 480 -16.67 -0.75 -1.16
C MET B 480 -17.22 0.56 -0.64
N GLN B 481 -16.45 1.28 0.20
CA GLN B 481 -16.92 2.60 0.63
C GLN B 481 -17.12 3.54 -0.56
N ALA B 482 -16.24 3.45 -1.55
CA ALA B 482 -16.28 4.41 -2.65
C ALA B 482 -17.61 4.38 -3.39
N GLN B 483 -18.12 3.19 -3.69
CA GLN B 483 -19.37 3.05 -4.42
C GLN B 483 -20.47 2.36 -3.63
N GLN B 484 -20.16 1.82 -2.46
CA GLN B 484 -21.16 1.18 -1.63
C GLN B 484 -21.77 -0.02 -2.35
N GLY B 485 -21.17 -0.43 -3.46
CA GLY B 485 -21.83 -1.35 -4.35
C GLY B 485 -23.08 -0.77 -4.95
N HIS B 486 -23.24 0.55 -4.89
CA HIS B 486 -24.40 1.24 -5.47
C HIS B 486 -25.70 0.72 -4.88
N SER B 487 -25.59 0.06 -3.73
CA SER B 487 -26.73 -0.43 -2.96
C SER B 487 -26.28 -0.66 -1.53
N SER B 488 -27.05 -0.16 -0.56
CA SER B 488 -26.67 -0.29 0.84
C SER B 488 -26.62 -1.75 1.27
N LEU B 489 -27.47 -2.59 0.67
CA LEU B 489 -27.48 -4.01 1.04
C LEU B 489 -26.18 -4.69 0.65
N VAL B 490 -25.67 -4.42 -0.56
CA VAL B 490 -24.42 -5.03 -1.00
C VAL B 490 -23.28 -4.54 -0.14
N TRP B 491 -23.27 -3.25 0.22
CA TRP B 491 -22.22 -2.73 1.09
C TRP B 491 -22.24 -3.38 2.46
N LEU B 492 -23.43 -3.54 3.04
CA LEU B 492 -23.53 -4.23 4.33
C LEU B 492 -23.04 -5.66 4.22
N PHE B 493 -23.41 -6.36 3.15
CA PHE B 493 -22.92 -7.71 2.97
C PHE B 493 -21.40 -7.74 2.87
N SER B 494 -20.81 -6.78 2.14
CA SER B 494 -19.36 -6.73 2.04
C SER B 494 -18.74 -6.51 3.41
N GLN B 495 -19.34 -5.64 4.23
CA GLN B 495 -18.84 -5.45 5.58
C GLN B 495 -18.80 -6.78 6.35
N LEU B 496 -19.93 -7.49 6.36
CA LEU B 496 -19.98 -8.76 7.08
C LEU B 496 -18.98 -9.75 6.52
N TYR B 497 -18.94 -9.88 5.19
CA TYR B 497 -18.05 -10.82 4.53
C TYR B 497 -16.60 -10.57 4.91
N LEU B 498 -16.16 -9.31 4.79
CA LEU B 498 -14.76 -9.00 5.03
C LEU B 498 -14.40 -9.12 6.50
N TYR B 499 -15.21 -8.54 7.39
CA TYR B 499 -14.90 -8.64 8.80
C TYR B 499 -14.82 -10.11 9.24
N SER B 500 -15.82 -10.90 8.86
CA SER B 500 -15.84 -12.31 9.26
C SER B 500 -14.65 -13.07 8.70
N PHE B 501 -14.37 -12.92 7.40
CA PHE B 501 -13.26 -13.67 6.82
C PHE B 501 -11.94 -13.27 7.47
N ILE B 502 -11.70 -11.97 7.61
CA ILE B 502 -10.43 -11.51 8.16
C ILE B 502 -10.26 -12.00 9.58
N SER B 503 -11.27 -11.81 10.43
CA SER B 503 -11.13 -12.18 11.84
C SER B 503 -11.00 -13.70 12.02
N LEU B 504 -11.75 -14.48 11.26
CA LEU B 504 -11.60 -15.92 11.33
C LEU B 504 -10.20 -16.34 10.89
N PHE B 505 -9.79 -15.95 9.70
CA PHE B 505 -8.58 -16.55 9.13
C PHE B 505 -7.32 -16.01 9.81
N ILE B 506 -7.29 -14.73 10.16
CA ILE B 506 -6.10 -14.19 10.83
C ILE B 506 -6.00 -14.73 12.26
N TYR B 507 -7.09 -14.67 13.03
CA TYR B 507 -6.99 -14.94 14.44
C TYR B 507 -7.09 -16.42 14.80
N MET B 508 -7.85 -17.22 14.05
CA MET B 508 -8.02 -18.62 14.40
C MET B 508 -7.21 -19.54 13.48
N VAL B 509 -7.45 -19.44 12.17
CA VAL B 509 -6.85 -20.39 11.23
C VAL B 509 -5.34 -20.26 11.24
N LEU B 510 -4.83 -19.04 11.03
CA LEU B 510 -3.39 -18.86 10.95
C LEU B 510 -2.72 -19.12 12.30
N SER B 511 -3.35 -18.70 13.39
CA SER B 511 -2.79 -18.99 14.71
C SER B 511 -2.65 -20.49 14.93
N LEU B 512 -3.68 -21.27 14.59
CA LEU B 512 -3.61 -22.71 14.79
C LEU B 512 -2.62 -23.36 13.84
N PHE B 513 -2.53 -22.88 12.60
CA PHE B 513 -1.55 -23.39 11.66
C PHE B 513 -0.13 -23.21 12.19
N ILE B 514 0.14 -22.02 12.69
CA ILE B 514 1.47 -21.74 13.23
C ILE B 514 1.69 -22.61 14.48
N ALA B 515 0.66 -22.75 15.32
CA ALA B 515 0.81 -23.58 16.50
C ALA B 515 1.18 -25.01 16.12
N LEU B 516 0.59 -25.53 15.06
CA LEU B 516 0.94 -26.88 14.60
C LEU B 516 2.40 -26.95 14.17
N ILE B 517 2.87 -25.93 13.43
CA ILE B 517 4.26 -25.92 12.99
C ILE B 517 5.20 -25.90 14.19
N THR B 518 4.96 -24.98 15.12
CA THR B 518 5.85 -24.85 16.27
C THR B 518 5.75 -26.05 17.20
N GLY B 519 4.60 -26.70 17.22
CA GLY B 519 4.44 -27.90 18.03
C GLY B 519 5.32 -28.98 17.45
N ALA B 520 5.29 -29.18 16.13
CA ALA B 520 6.16 -30.15 15.49
C ALA B 520 7.62 -29.85 15.80
N TYR B 521 7.99 -28.56 15.72
CA TYR B 521 9.36 -28.18 16.04
C TYR B 521 9.70 -28.53 17.49
N ASP B 522 8.76 -28.31 18.40
CA ASP B 522 8.98 -28.65 19.80
C ASP B 522 9.19 -30.14 19.97
N THR B 523 8.49 -30.96 19.19
CA THR B 523 8.72 -32.40 19.25
C THR B 523 10.12 -32.75 18.74
N ILE B 524 10.59 -32.10 17.68
CA ILE B 524 11.86 -32.51 17.07
C ILE B 524 13.08 -31.81 17.64
N LYS B 525 12.92 -30.68 18.33
CA LYS B 525 14.09 -30.02 18.89
C LYS B 525 14.68 -30.88 19.99
N HIS B 526 16.02 -30.91 20.05
CA HIS B 526 16.69 -31.80 21.00
C HIS B 526 16.18 -31.64 22.43
N PRO B 527 16.04 -30.43 22.97
CA PRO B 527 15.47 -30.25 24.30
C PRO B 527 13.94 -30.22 24.29
N ASP C 40 -32.79 -51.81 30.99
CA ASP C 40 -32.65 -50.81 29.94
C ASP C 40 -31.17 -50.53 29.66
N LEU C 41 -30.58 -51.32 28.76
CA LEU C 41 -29.17 -51.14 28.43
C LEU C 41 -28.92 -49.79 27.77
N ARG C 42 -29.90 -49.33 26.99
CA ARG C 42 -29.82 -48.01 26.30
C ARG C 42 -28.69 -47.81 25.29
N ARG C 43 -28.45 -48.80 24.44
CA ARG C 43 -27.47 -48.63 23.38
C ARG C 43 -27.88 -47.56 22.37
N ARG C 44 -29.14 -47.10 22.42
CA ARG C 44 -29.60 -46.12 21.45
C ARG C 44 -28.91 -44.78 21.63
N LEU C 45 -28.59 -44.41 22.87
CA LEU C 45 -27.89 -43.16 23.13
C LEU C 45 -26.55 -43.20 22.41
N LYS C 46 -25.80 -44.28 22.61
CA LYS C 46 -24.51 -44.41 21.96
C LYS C 46 -24.65 -44.46 20.45
N TYR C 47 -25.72 -45.07 19.96
CA TYR C 47 -25.96 -45.13 18.53
C TYR C 47 -26.16 -43.74 17.98
N PHE C 48 -26.87 -42.89 18.71
CA PHE C 48 -27.16 -41.54 18.22
C PHE C 48 -25.89 -40.74 17.98
N PHE C 49 -24.95 -40.78 18.92
CA PHE C 49 -23.71 -40.01 18.82
C PHE C 49 -22.63 -40.84 18.15
N MET C 50 -22.99 -41.38 16.99
CA MET C 50 -22.06 -42.20 16.23
C MET C 50 -21.76 -41.57 14.90
N SER C 51 -20.61 -41.90 14.34
CA SER C 51 -20.21 -41.41 13.03
C SER C 51 -20.93 -42.17 11.93
N PRO C 52 -21.02 -41.60 10.73
CA PRO C 52 -21.70 -42.32 9.64
C PRO C 52 -21.12 -43.68 9.35
N CYS C 53 -19.79 -43.83 9.41
CA CYS C 53 -19.19 -45.14 9.22
C CYS C 53 -19.62 -46.11 10.31
N ASP C 54 -19.62 -45.65 11.56
CA ASP C 54 -20.02 -46.50 12.66
C ASP C 54 -21.49 -46.89 12.55
N LYS C 55 -22.35 -45.94 12.17
CA LYS C 55 -23.76 -46.25 11.96
C LYS C 55 -23.95 -47.24 10.82
N PHE C 56 -23.18 -47.12 9.74
CA PHE C 56 -23.28 -48.10 8.67
C PHE C 56 -22.85 -49.49 9.14
N ARG C 57 -21.77 -49.55 9.92
CA ARG C 57 -21.32 -50.84 10.43
C ARG C 57 -22.34 -51.44 11.38
N ALA C 58 -23.08 -50.59 12.07
CA ALA C 58 -24.05 -51.07 13.05
C ALA C 58 -25.30 -51.63 12.38
N LYS C 59 -26.02 -50.79 11.64
CA LYS C 59 -27.24 -51.18 10.96
C LYS C 59 -27.05 -51.04 9.45
N GLY C 60 -28.12 -51.29 8.70
CA GLY C 60 -28.10 -51.04 7.27
C GLY C 60 -28.37 -49.59 6.96
N ARG C 61 -27.56 -48.70 7.53
CA ARG C 61 -27.77 -47.27 7.41
C ARG C 61 -26.82 -46.69 6.37
N LYS C 62 -27.33 -46.43 5.17
CA LYS C 62 -26.50 -45.80 4.16
C LYS C 62 -26.51 -44.28 4.41
N PRO C 63 -25.34 -43.61 4.27
CA PRO C 63 -25.36 -42.18 4.56
C PRO C 63 -26.00 -41.38 3.44
N CYS C 64 -27.23 -40.94 3.65
CA CYS C 64 -27.93 -40.13 2.65
C CYS C 64 -27.65 -38.65 2.83
N LYS C 65 -27.58 -38.18 4.08
CA LYS C 65 -27.31 -36.76 4.31
C LYS C 65 -25.95 -36.35 3.76
N LEU C 66 -24.93 -37.18 3.90
CA LEU C 66 -23.59 -36.82 3.43
C LEU C 66 -23.55 -36.68 1.91
N MET C 67 -24.04 -37.70 1.20
CA MET C 67 -24.03 -37.64 -0.25
C MET C 67 -24.94 -36.51 -0.72
N LEU C 68 -26.01 -36.25 0.01
CA LEU C 68 -26.89 -35.13 -0.32
C LEU C 68 -26.09 -33.87 -0.23
N GLN C 69 -25.35 -33.71 0.86
CA GLN C 69 -24.58 -32.49 1.04
C GLN C 69 -23.55 -32.29 -0.08
N VAL C 70 -22.92 -33.37 -0.53
CA VAL C 70 -21.98 -33.24 -1.63
C VAL C 70 -22.69 -32.77 -2.90
N VAL C 71 -23.81 -33.42 -3.22
CA VAL C 71 -24.60 -33.00 -4.38
C VAL C 71 -25.06 -31.56 -4.22
N LYS C 72 -25.46 -31.17 -3.00
CA LYS C 72 -25.90 -29.81 -2.73
C LYS C 72 -24.79 -28.82 -3.00
N ILE C 73 -23.58 -29.13 -2.55
CA ILE C 73 -22.45 -28.24 -2.81
C ILE C 73 -22.29 -28.02 -4.30
N LEU C 74 -22.26 -29.12 -5.06
CA LEU C 74 -22.06 -29.01 -6.50
C LEU C 74 -23.16 -28.16 -7.14
N VAL C 75 -24.42 -28.50 -6.89
CA VAL C 75 -25.52 -27.87 -7.61
C VAL C 75 -25.69 -26.41 -7.17
N VAL C 76 -25.53 -26.13 -5.88
CA VAL C 76 -25.69 -24.76 -5.39
C VAL C 76 -24.58 -23.87 -5.94
N THR C 77 -23.34 -24.37 -5.97
CA THR C 77 -22.26 -23.58 -6.53
C THR C 77 -22.49 -23.29 -8.01
N VAL C 78 -22.91 -24.31 -8.77
CA VAL C 78 -23.18 -24.11 -10.18
C VAL C 78 -24.30 -23.10 -10.38
N GLN C 79 -25.35 -23.20 -9.57
CA GLN C 79 -26.46 -22.25 -9.68
C GLN C 79 -26.00 -20.83 -9.39
N LEU C 80 -25.17 -20.65 -8.36
CA LEU C 80 -24.64 -19.33 -8.07
C LEU C 80 -23.90 -18.76 -9.26
N ILE C 81 -23.02 -19.56 -9.88
CA ILE C 81 -22.25 -19.07 -11.03
C ILE C 81 -23.18 -18.72 -12.20
N LEU C 82 -24.15 -19.60 -12.47
CA LEU C 82 -25.09 -19.34 -13.56
C LEU C 82 -25.83 -18.03 -13.34
N PHE C 83 -26.33 -17.82 -12.12
CA PHE C 83 -26.98 -16.55 -11.81
C PHE C 83 -26.02 -15.39 -11.97
N GLY C 84 -24.76 -15.60 -11.60
CA GLY C 84 -23.79 -14.54 -11.67
C GLY C 84 -23.60 -14.02 -13.07
N LEU C 85 -23.69 -14.89 -14.07
CA LEU C 85 -23.65 -14.42 -15.46
C LEU C 85 -24.63 -13.25 -15.68
N SER C 86 -25.92 -13.49 -15.43
CA SER C 86 -26.93 -12.46 -15.61
C SER C 86 -26.69 -11.26 -14.69
N ASN C 87 -26.36 -11.52 -13.43
CA ASN C 87 -26.16 -10.43 -12.48
C ASN C 87 -25.06 -9.49 -12.95
N GLN C 88 -23.97 -10.07 -13.43
CA GLN C 88 -22.86 -9.27 -13.92
C GLN C 88 -23.31 -8.45 -15.12
N LEU C 89 -24.06 -9.05 -16.04
CA LEU C 89 -24.55 -8.26 -17.17
C LEU C 89 -25.32 -7.03 -16.70
N VAL C 90 -26.21 -7.21 -15.73
CA VAL C 90 -27.03 -6.09 -15.25
C VAL C 90 -26.15 -5.00 -14.63
N VAL C 91 -25.25 -5.40 -13.74
CA VAL C 91 -24.41 -4.40 -13.07
C VAL C 91 -23.59 -3.65 -14.11
N THR C 92 -22.97 -4.36 -15.04
CA THR C 92 -22.14 -3.71 -16.05
C THR C 92 -22.95 -2.71 -16.86
N PHE C 93 -24.17 -3.10 -17.26
CA PHE C 93 -25.01 -2.15 -18.00
C PHE C 93 -25.20 -0.87 -17.20
N ARG C 94 -25.57 -1.01 -15.93
CA ARG C 94 -25.81 0.18 -15.11
C ARG C 94 -24.56 1.05 -15.03
N GLU C 95 -23.42 0.46 -14.65
CA GLU C 95 -22.20 1.24 -14.44
C GLU C 95 -21.75 1.92 -15.72
N GLU C 96 -21.77 1.20 -16.85
CA GLU C 96 -21.25 1.77 -18.09
C GLU C 96 -22.16 2.88 -18.61
N ASN C 97 -23.48 2.73 -18.44
CA ASN C 97 -24.37 3.82 -18.81
C ASN C 97 -24.11 5.05 -17.96
N THR C 98 -23.88 4.86 -16.66
CA THR C 98 -23.61 6.03 -15.81
C THR C 98 -22.34 6.74 -16.23
N ILE C 99 -21.28 5.98 -16.53
CA ILE C 99 -20.04 6.59 -16.99
C ILE C 99 -20.28 7.36 -18.29
N ALA C 100 -21.04 6.76 -19.21
CA ALA C 100 -21.33 7.42 -20.47
C ALA C 100 -22.07 8.73 -20.23
N PHE C 101 -23.03 8.73 -19.31
CA PHE C 101 -23.74 9.97 -18.98
C PHE C 101 -22.78 11.03 -18.43
N ARG C 102 -21.86 10.61 -17.58
CA ARG C 102 -20.90 11.57 -17.04
C ARG C 102 -20.07 12.20 -18.16
N HIS C 103 -19.68 11.40 -19.15
CA HIS C 103 -18.92 11.97 -20.26
C HIS C 103 -19.81 12.81 -21.18
N LEU C 104 -21.09 12.48 -21.28
CA LEU C 104 -21.97 13.20 -22.20
C LEU C 104 -22.44 14.54 -21.65
N PHE C 105 -22.65 14.65 -20.34
CA PHE C 105 -23.34 15.81 -19.78
C PHE C 105 -22.49 16.70 -18.89
N LEU C 106 -21.32 16.24 -18.43
CA LEU C 106 -20.48 17.02 -17.54
C LEU C 106 -19.36 17.66 -18.35
N LEU C 107 -19.45 18.98 -18.51
CA LEU C 107 -18.47 19.70 -19.31
C LEU C 107 -17.05 19.49 -18.78
N GLY C 108 -16.15 19.10 -19.67
CA GLY C 108 -14.76 18.89 -19.30
C GLY C 108 -14.49 17.73 -18.39
N TYR C 109 -15.44 16.81 -18.23
CA TYR C 109 -15.26 15.69 -17.31
C TYR C 109 -14.18 14.74 -17.85
N SER C 110 -13.36 14.23 -16.92
CA SER C 110 -12.41 13.17 -17.22
C SER C 110 -12.47 12.12 -16.13
N ASP C 111 -12.18 10.87 -16.50
CA ASP C 111 -12.27 9.77 -15.54
C ASP C 111 -11.30 9.98 -14.38
N GLY C 112 -11.79 9.73 -13.17
CA GLY C 112 -11.00 9.86 -11.97
C GLY C 112 -11.14 11.19 -11.25
N SER C 113 -11.68 12.21 -11.92
CA SER C 113 -11.81 13.54 -11.34
C SER C 113 -13.08 13.69 -10.51
N ASP C 114 -13.89 12.65 -10.40
CA ASP C 114 -15.22 12.73 -9.82
C ASP C 114 -15.32 13.46 -8.48
N ASP C 115 -14.35 13.27 -7.59
CA ASP C 115 -14.50 13.86 -6.26
C ASP C 115 -13.92 15.27 -6.15
N THR C 116 -13.15 15.71 -7.14
CA THR C 116 -12.67 17.08 -7.21
C THR C 116 -13.37 17.90 -8.28
N PHE C 117 -14.23 17.29 -9.08
CA PHE C 117 -14.90 17.98 -10.17
C PHE C 117 -15.79 19.10 -9.63
N ALA C 118 -15.47 20.34 -9.98
CA ALA C 118 -16.18 21.47 -9.41
C ALA C 118 -16.00 22.69 -10.29
N ALA C 119 -16.90 23.66 -10.10
CA ALA C 119 -16.82 24.97 -10.72
C ALA C 119 -16.34 25.99 -9.70
N TYR C 120 -15.64 27.02 -10.19
CA TYR C 120 -15.08 28.04 -9.33
C TYR C 120 -15.41 29.47 -9.76
N THR C 121 -16.05 29.66 -10.91
CA THR C 121 -16.46 30.99 -11.34
C THR C 121 -17.89 30.93 -11.84
N GLN C 122 -18.55 32.09 -11.89
CA GLN C 122 -19.91 32.16 -12.39
C GLN C 122 -19.98 31.70 -13.83
N GLU C 123 -19.00 32.10 -14.64
CA GLU C 123 -18.95 31.68 -16.03
C GLU C 123 -18.83 30.17 -16.15
N GLN C 124 -17.98 29.56 -15.33
CA GLN C 124 -17.82 28.11 -15.37
C GLN C 124 -19.13 27.40 -15.02
N LEU C 125 -19.80 27.89 -13.99
CA LEU C 125 -21.07 27.29 -13.60
C LEU C 125 -22.08 27.39 -14.73
N TYR C 126 -22.25 28.58 -15.29
CA TYR C 126 -23.20 28.76 -16.39
C TYR C 126 -22.87 27.86 -17.56
N GLN C 127 -21.59 27.78 -17.92
CA GLN C 127 -21.17 26.94 -19.04
C GLN C 127 -21.48 25.47 -18.77
N ALA C 128 -21.24 25.01 -17.54
CA ALA C 128 -21.54 23.62 -17.22
C ALA C 128 -23.03 23.32 -17.34
N ILE C 129 -23.87 24.19 -16.76
CA ILE C 129 -25.31 23.96 -16.81
C ILE C 129 -25.80 23.95 -18.26
N PHE C 130 -25.36 24.94 -19.04
CA PHE C 130 -25.81 25.05 -20.42
C PHE C 130 -25.30 23.88 -21.25
N TYR C 131 -24.08 23.41 -20.97
CA TYR C 131 -23.55 22.26 -21.68
C TYR C 131 -24.39 21.02 -21.41
N ALA C 132 -24.77 20.81 -20.14
CA ALA C 132 -25.63 19.67 -19.82
C ALA C 132 -26.92 19.74 -20.62
N VAL C 133 -27.60 20.89 -20.59
CA VAL C 133 -28.89 20.98 -21.27
C VAL C 133 -28.71 20.83 -22.79
N ASP C 134 -27.70 21.49 -23.37
CA ASP C 134 -27.48 21.42 -24.80
C ASP C 134 -27.20 19.99 -25.25
N GLN C 135 -26.34 19.28 -24.52
CA GLN C 135 -26.06 17.89 -24.86
C GLN C 135 -27.32 17.04 -24.76
N TYR C 136 -28.15 17.31 -23.75
CA TYR C 136 -29.42 16.58 -23.66
C TYR C 136 -30.27 16.80 -24.91
N LEU C 137 -30.33 18.03 -25.40
CA LEU C 137 -31.22 18.31 -26.53
C LEU C 137 -30.75 17.68 -27.84
N ILE C 138 -29.47 17.31 -27.98
CA ILE C 138 -28.98 16.69 -29.19
C ILE C 138 -28.51 15.25 -28.96
N LEU C 139 -29.03 14.61 -27.91
CA LEU C 139 -28.56 13.26 -27.57
C LEU C 139 -28.66 12.27 -28.72
N PRO C 140 -29.79 12.15 -29.42
CA PRO C 140 -29.89 11.13 -30.48
C PRO C 140 -28.85 11.31 -31.57
N GLU C 141 -28.45 12.54 -31.88
CA GLU C 141 -27.49 12.79 -32.95
C GLU C 141 -26.06 12.44 -32.58
N ILE C 142 -25.74 12.31 -31.29
CA ILE C 142 -24.36 12.21 -30.85
C ILE C 142 -24.08 10.91 -30.11
N SER C 143 -25.02 10.45 -29.27
CA SER C 143 -24.73 9.33 -28.38
C SER C 143 -24.53 8.03 -29.17
N LEU C 144 -23.61 7.21 -28.67
CA LEU C 144 -23.41 5.87 -29.23
C LEU C 144 -24.49 4.90 -28.78
N GLY C 145 -25.08 5.11 -27.60
CA GLY C 145 -26.20 4.31 -27.18
C GLY C 145 -27.51 4.80 -27.78
N ARG C 146 -28.49 3.90 -27.81
CA ARG C 146 -29.81 4.22 -28.35
C ARG C 146 -30.72 4.58 -27.17
N TYR C 147 -30.77 5.86 -26.85
CA TYR C 147 -31.59 6.36 -25.76
C TYR C 147 -32.88 6.96 -26.30
N ALA C 148 -33.94 6.82 -25.52
CA ALA C 148 -35.21 7.48 -25.80
C ALA C 148 -35.53 8.44 -24.67
N TYR C 149 -36.04 9.61 -25.04
CA TYR C 149 -36.52 10.55 -24.04
C TYR C 149 -37.74 9.98 -23.32
N VAL C 150 -37.97 10.47 -22.10
CA VAL C 150 -39.14 10.05 -21.34
C VAL C 150 -39.96 11.31 -21.09
N ARG C 151 -41.03 11.48 -21.85
CA ARG C 151 -41.88 12.66 -21.70
C ARG C 151 -42.53 12.66 -20.33
N GLY C 152 -42.44 13.77 -19.62
CA GLY C 152 -42.96 13.83 -18.27
C GLY C 152 -42.07 13.23 -17.21
N GLY C 153 -40.84 12.88 -17.54
CA GLY C 153 -39.94 12.29 -16.57
C GLY C 153 -38.99 13.28 -15.95
N GLY C 154 -39.34 14.56 -15.99
CA GLY C 154 -38.48 15.63 -15.53
C GLY C 154 -38.45 15.83 -14.03
N GLY C 155 -39.09 14.94 -13.26
CA GLY C 155 -39.07 15.04 -11.82
C GLY C 155 -40.30 15.73 -11.25
N PRO C 156 -40.42 15.75 -9.92
CA PRO C 156 -41.62 16.30 -9.30
C PRO C 156 -41.85 17.77 -9.62
N TRP C 157 -40.80 18.57 -9.78
CA TRP C 157 -40.92 19.98 -10.09
C TRP C 157 -41.14 20.22 -11.58
N ALA C 158 -41.05 19.17 -12.40
CA ALA C 158 -41.48 19.23 -13.78
C ALA C 158 -43.00 19.26 -13.83
N ASN C 159 -43.54 19.98 -14.82
CA ASN C 159 -44.99 20.08 -14.97
C ASN C 159 -45.40 19.39 -16.26
N GLY C 160 -44.85 18.20 -16.49
CA GLY C 160 -45.05 17.48 -17.73
C GLY C 160 -43.90 17.54 -18.71
N SER C 161 -42.88 18.36 -18.43
CA SER C 161 -41.74 18.46 -19.31
C SER C 161 -40.73 17.35 -19.00
N ALA C 162 -39.91 17.00 -19.99
CA ALA C 162 -38.97 15.89 -19.82
C ALA C 162 -37.70 16.25 -19.07
N LEU C 163 -37.33 17.53 -19.04
CA LEU C 163 -36.17 17.96 -18.28
C LEU C 163 -36.54 19.15 -17.41
N ALA C 164 -36.14 19.09 -16.15
CA ALA C 164 -36.35 20.17 -15.20
C ALA C 164 -35.01 20.76 -14.81
N LEU C 165 -34.89 22.08 -14.92
CA LEU C 165 -33.69 22.82 -14.53
C LEU C 165 -34.07 23.71 -13.37
N CYS C 166 -33.75 23.26 -12.15
CA CYS C 166 -34.20 23.91 -10.93
C CYS C 166 -33.02 24.56 -10.21
N GLN C 167 -33.22 25.79 -9.74
CA GLN C 167 -32.32 26.42 -8.80
C GLN C 167 -33.08 26.70 -7.51
N ARG C 168 -32.42 26.44 -6.38
CA ARG C 168 -33.00 26.65 -5.06
C ARG C 168 -32.18 27.69 -4.30
N TYR C 169 -32.87 28.63 -3.67
CA TYR C 169 -32.20 29.70 -2.96
C TYR C 169 -33.04 30.10 -1.74
N TYR C 170 -32.41 30.84 -0.84
CA TYR C 170 -33.10 31.30 0.36
C TYR C 170 -34.20 32.29 -0.02
N HIS C 171 -35.33 32.22 0.70
CA HIS C 171 -36.43 33.12 0.42
C HIS C 171 -35.98 34.58 0.47
N ARG C 172 -35.22 34.95 1.50
CA ARG C 172 -34.60 36.27 1.59
C ARG C 172 -33.12 36.09 1.89
N GLY C 173 -32.27 36.72 1.08
CA GLY C 173 -30.84 36.70 1.30
C GLY C 173 -30.23 38.07 1.09
N HIS C 174 -29.58 38.60 2.11
CA HIS C 174 -28.98 39.93 2.09
C HIS C 174 -27.56 39.88 2.60
N VAL C 175 -26.76 38.98 2.04
CA VAL C 175 -25.40 38.73 2.51
C VAL C 175 -24.51 39.92 2.14
N ASP C 176 -24.04 40.64 3.15
CA ASP C 176 -23.22 41.84 2.96
C ASP C 176 -21.98 41.71 3.85
N PRO C 177 -21.01 40.90 3.44
CA PRO C 177 -19.79 40.77 4.26
C PRO C 177 -19.06 42.07 4.44
N ALA C 178 -19.15 43.00 3.49
CA ALA C 178 -18.45 44.27 3.60
C ALA C 178 -18.75 44.95 4.93
N ASN C 179 -20.01 44.90 5.36
CA ASN C 179 -20.41 45.51 6.63
C ASN C 179 -20.62 44.49 7.74
N ASP C 180 -20.18 43.25 7.55
CA ASP C 180 -20.35 42.19 8.55
C ASP C 180 -21.81 42.07 8.96
N THR C 181 -22.69 42.16 7.97
CA THR C 181 -24.13 42.09 8.18
C THR C 181 -24.74 41.06 7.25
N PHE C 182 -25.84 40.46 7.69
CA PHE C 182 -26.67 39.65 6.81
C PHE C 182 -28.10 39.65 7.33
N ASP C 183 -29.04 39.37 6.41
CA ASP C 183 -30.47 39.28 6.76
C ASP C 183 -30.94 38.07 5.95
N ILE C 184 -31.33 36.98 6.61
CA ILE C 184 -31.66 35.74 5.95
C ILE C 184 -33.02 35.24 6.40
N ASP C 185 -33.85 34.85 5.44
CA ASP C 185 -35.01 34.01 5.71
C ASP C 185 -34.67 32.63 5.17
N PRO C 186 -34.36 31.65 6.04
CA PRO C 186 -33.81 30.38 5.55
C PRO C 186 -34.77 29.53 4.74
N ARG C 187 -35.99 30.01 4.50
CA ARG C 187 -36.93 29.26 3.67
C ARG C 187 -36.33 29.00 2.30
N VAL C 188 -36.52 27.78 1.81
CA VAL C 188 -35.93 27.35 0.54
C VAL C 188 -36.97 27.58 -0.56
N VAL C 189 -36.60 28.40 -1.54
CA VAL C 189 -37.44 28.69 -2.70
C VAL C 189 -36.91 27.91 -3.89
N THR C 190 -37.80 27.23 -4.61
CA THR C 190 -37.43 26.47 -5.79
C THR C 190 -37.97 27.18 -7.02
N ASP C 191 -37.08 27.50 -7.96
CA ASP C 191 -37.43 28.14 -9.21
C ASP C 191 -37.08 27.18 -10.34
N CYS C 192 -38.08 26.79 -11.12
CA CYS C 192 -37.94 25.70 -12.08
C CYS C 192 -38.12 26.19 -13.50
N ILE C 193 -37.30 25.66 -14.41
CA ILE C 193 -37.42 25.89 -15.84
C ILE C 193 -37.64 24.55 -16.51
N GLN C 194 -38.69 24.48 -17.34
CA GLN C 194 -39.05 23.26 -18.03
C GLN C 194 -38.44 23.25 -19.43
N VAL C 195 -37.81 22.15 -19.79
CA VAL C 195 -37.21 21.96 -21.11
C VAL C 195 -37.80 20.70 -21.73
N ASP C 196 -38.12 20.76 -23.01
CA ASP C 196 -38.63 19.59 -23.71
C ASP C 196 -37.74 19.26 -24.90
N PRO C 197 -37.57 17.98 -25.21
CA PRO C 197 -36.75 17.60 -26.38
C PRO C 197 -37.46 17.91 -27.65
N PRO C 198 -36.76 18.15 -28.77
CA PRO C 198 -37.48 18.34 -30.04
C PRO C 198 -38.10 17.01 -30.46
N ASP C 199 -39.33 17.07 -30.90
CA ASP C 199 -40.02 15.85 -31.32
C ASP C 199 -39.55 15.34 -32.68
N ARG C 200 -38.45 15.91 -33.20
CA ARG C 200 -37.89 15.54 -34.48
C ARG C 200 -38.97 15.36 -35.55
N ALA C 216 -32.51 29.02 -25.65
CA ALA C 216 -33.97 29.10 -25.53
C ALA C 216 -34.37 29.64 -24.17
N SER C 217 -35.45 29.10 -23.61
CA SER C 217 -35.89 29.55 -22.30
C SER C 217 -34.83 29.30 -21.23
N TYR C 218 -34.21 28.13 -21.26
CA TYR C 218 -33.17 27.82 -20.28
C TYR C 218 -31.93 28.68 -20.47
N LYS C 219 -31.73 29.25 -21.66
CA LYS C 219 -30.56 30.08 -21.89
C LYS C 219 -30.61 31.38 -21.09
N ASN C 220 -31.79 31.80 -20.64
CA ASN C 220 -31.95 33.03 -19.88
C ASN C 220 -31.87 32.81 -18.38
N LEU C 221 -31.36 31.67 -17.93
CA LEU C 221 -31.23 31.41 -16.51
C LEU C 221 -30.37 32.47 -15.84
N THR C 222 -30.86 33.03 -14.75
CA THR C 222 -30.11 33.98 -13.94
C THR C 222 -30.02 33.42 -12.52
N LEU C 223 -28.82 33.03 -12.12
CA LEU C 223 -28.61 32.40 -10.83
C LEU C 223 -28.41 33.47 -9.76
N LYS C 224 -29.08 33.27 -8.62
CA LYS C 224 -28.90 34.14 -7.45
C LYS C 224 -27.73 33.61 -6.62
N PHE C 225 -26.53 33.95 -7.06
CA PHE C 225 -25.32 33.32 -6.54
C PHE C 225 -25.17 33.52 -5.03
N HIS C 226 -25.44 34.75 -4.55
CA HIS C 226 -25.14 35.05 -3.17
C HIS C 226 -26.01 34.28 -2.19
N LYS C 227 -27.19 33.83 -2.63
CA LYS C 227 -28.08 33.05 -1.77
C LYS C 227 -28.43 31.70 -2.38
N LEU C 228 -27.69 31.28 -3.41
CA LEU C 228 -27.96 30.01 -4.06
C LEU C 228 -27.62 28.85 -3.14
N ILE C 229 -28.52 27.87 -3.10
CA ILE C 229 -28.28 26.63 -2.36
C ILE C 229 -27.77 25.53 -3.27
N ASN C 230 -28.50 25.22 -4.33
CA ASN C 230 -28.02 24.28 -5.34
C ASN C 230 -28.80 24.49 -6.63
N VAL C 231 -28.28 23.90 -7.70
CA VAL C 231 -28.98 23.76 -8.97
C VAL C 231 -29.00 22.29 -9.33
N THR C 232 -30.13 21.82 -9.85
CA THR C 232 -30.29 20.43 -10.24
C THR C 232 -30.87 20.34 -11.64
N ILE C 233 -30.51 19.28 -12.34
CA ILE C 233 -31.07 18.93 -13.64
C ILE C 233 -31.59 17.50 -13.53
N HIS C 234 -32.89 17.34 -13.73
CA HIS C 234 -33.54 16.03 -13.62
C HIS C 234 -34.09 15.64 -14.99
N PHE C 235 -33.75 14.43 -15.44
CA PHE C 235 -34.37 13.89 -16.64
C PHE C 235 -34.18 12.38 -16.65
N GLN C 236 -34.90 11.72 -17.54
CA GLN C 236 -34.92 10.27 -17.63
C GLN C 236 -34.59 9.82 -19.05
N LEU C 237 -33.90 8.70 -19.17
CA LEU C 237 -33.56 8.10 -20.44
C LEU C 237 -33.88 6.62 -20.40
N LYS C 238 -34.32 6.07 -21.53
CA LYS C 238 -34.71 4.68 -21.64
C LYS C 238 -33.83 3.99 -22.67
N THR C 239 -33.35 2.80 -22.33
CA THR C 239 -32.51 2.02 -23.23
C THR C 239 -32.70 0.54 -22.95
N ILE C 240 -32.32 -0.28 -23.93
CA ILE C 240 -32.51 -1.73 -23.89
C ILE C 240 -31.17 -2.40 -23.65
N ASN C 241 -31.13 -3.34 -22.71
CA ASN C 241 -29.90 -4.10 -22.43
C ASN C 241 -29.82 -5.29 -23.38
N LEU C 242 -29.35 -5.01 -24.59
CA LEU C 242 -29.30 -6.04 -25.63
C LEU C 242 -28.29 -7.13 -25.31
N GLN C 243 -27.27 -6.84 -24.50
CA GLN C 243 -26.23 -7.83 -24.24
C GLN C 243 -26.77 -9.07 -23.53
N SER C 244 -27.96 -8.98 -22.92
CA SER C 244 -28.54 -10.16 -22.28
C SER C 244 -28.80 -11.29 -23.28
N LEU C 245 -28.81 -10.99 -24.58
CA LEU C 245 -28.99 -12.03 -25.58
C LEU C 245 -27.88 -13.08 -25.51
N ILE C 246 -26.67 -12.68 -25.13
CA ILE C 246 -25.57 -13.64 -25.02
C ILE C 246 -25.86 -14.70 -23.97
N ASN C 247 -26.83 -14.44 -23.08
CA ASN C 247 -27.18 -15.39 -22.05
C ASN C 247 -28.52 -16.03 -22.38
N ASN C 248 -28.95 -15.94 -23.64
CA ASN C 248 -30.22 -16.51 -24.08
C ASN C 248 -31.39 -15.99 -23.26
N GLU C 249 -31.27 -14.72 -22.86
CA GLU C 249 -32.37 -14.09 -22.15
C GLU C 249 -32.95 -12.99 -23.01
N ILE C 250 -34.21 -12.65 -22.76
CA ILE C 250 -34.86 -11.58 -23.49
C ILE C 250 -34.47 -10.27 -22.82
N PRO C 251 -33.99 -9.30 -23.61
CA PRO C 251 -33.62 -7.99 -23.05
C PRO C 251 -34.70 -7.24 -22.29
N ASP C 252 -34.33 -6.57 -21.21
CA ASP C 252 -35.25 -5.76 -20.44
C ASP C 252 -35.14 -4.29 -20.84
N CYS C 253 -36.17 -3.53 -20.50
CA CYS C 253 -36.16 -2.08 -20.66
C CYS C 253 -35.62 -1.44 -19.39
N TYR C 254 -34.60 -0.62 -19.53
CA TYR C 254 -34.02 0.13 -18.43
C TYR C 254 -34.41 1.59 -18.54
N THR C 255 -34.87 2.17 -17.45
CA THR C 255 -35.14 3.59 -17.36
C THR C 255 -34.15 4.19 -16.37
N PHE C 256 -33.24 5.01 -16.86
CA PHE C 256 -32.28 5.70 -16.00
C PHE C 256 -32.85 7.05 -15.60
N SER C 257 -32.90 7.31 -14.31
CA SER C 257 -33.24 8.63 -13.79
C SER C 257 -31.94 9.35 -13.47
N ILE C 258 -31.70 10.44 -14.17
CA ILE C 258 -30.42 11.14 -14.11
C ILE C 258 -30.60 12.42 -13.32
N LEU C 259 -29.77 12.61 -12.30
CA LEU C 259 -29.78 13.83 -11.50
C LEU C 259 -28.38 14.42 -11.52
N ILE C 260 -28.27 15.68 -11.94
CA ILE C 260 -27.02 16.41 -11.93
C ILE C 260 -27.15 17.54 -10.91
N THR C 261 -26.22 17.59 -9.97
CA THR C 261 -26.28 18.53 -8.86
C THR C 261 -25.09 19.45 -8.90
N PHE C 262 -25.34 20.75 -8.89
CA PHE C 262 -24.33 21.78 -8.67
C PHE C 262 -24.53 22.29 -7.25
N ASP C 263 -23.75 21.76 -6.31
CA ASP C 263 -24.01 21.92 -4.88
C ASP C 263 -23.28 23.13 -4.34
N ASN C 264 -24.04 24.15 -3.92
CA ASN C 264 -23.49 25.32 -3.27
C ASN C 264 -23.83 25.38 -1.78
N LYS C 265 -24.20 24.25 -1.18
CA LYS C 265 -24.65 24.28 0.21
C LYS C 265 -23.59 24.83 1.16
N ALA C 266 -22.31 24.71 0.81
CA ALA C 266 -21.25 25.22 1.67
C ALA C 266 -21.04 26.73 1.53
N HIS C 267 -21.48 27.33 0.42
CA HIS C 267 -21.26 28.75 0.15
C HIS C 267 -19.78 29.12 0.27
N SER C 268 -18.91 28.24 -0.24
CA SER C 268 -17.47 28.37 -0.02
C SER C 268 -16.70 28.84 -1.24
N GLY C 269 -17.38 29.28 -2.29
CA GLY C 269 -16.70 29.67 -3.51
C GLY C 269 -16.32 28.53 -4.42
N ARG C 270 -16.64 27.30 -4.04
CA ARG C 270 -16.35 26.11 -4.85
C ARG C 270 -17.63 25.28 -4.92
N ILE C 271 -18.10 25.01 -6.14
CA ILE C 271 -19.36 24.29 -6.31
C ILE C 271 -19.15 22.90 -6.90
N PRO C 272 -19.15 21.86 -6.04
CA PRO C 272 -19.01 20.49 -6.53
C PRO C 272 -20.09 20.07 -7.51
N ILE C 273 -19.72 19.38 -8.57
CA ILE C 273 -20.67 18.93 -9.57
C ILE C 273 -20.61 17.42 -9.64
N ARG C 274 -21.77 16.78 -9.52
CA ARG C 274 -21.86 15.32 -9.55
C ARG C 274 -23.07 14.89 -10.37
N LEU C 275 -23.01 13.66 -10.86
CA LEU C 275 -24.11 13.05 -11.59
C LEU C 275 -24.44 11.70 -10.97
N GLU C 276 -25.70 11.49 -10.63
CA GLU C 276 -26.17 10.25 -10.05
C GLU C 276 -27.32 9.71 -10.89
N THR C 277 -27.45 8.38 -10.89
CA THR C 277 -28.51 7.71 -11.64
C THR C 277 -29.22 6.69 -10.77
N LYS C 278 -30.54 6.67 -10.84
CA LYS C 278 -31.36 5.56 -10.38
C LYS C 278 -31.76 4.73 -11.60
N THR C 279 -31.86 3.42 -11.40
CA THR C 279 -32.20 2.51 -12.48
C THR C 279 -33.47 1.75 -12.13
N HIS C 280 -34.41 1.71 -13.08
CA HIS C 280 -35.62 0.92 -12.98
C HIS C 280 -35.67 -0.07 -14.12
N ILE C 281 -35.77 -1.35 -13.79
CA ILE C 281 -35.77 -2.44 -14.77
C ILE C 281 -37.17 -2.99 -14.89
N GLN C 282 -37.66 -3.09 -16.12
CA GLN C 282 -38.96 -3.70 -16.39
C GLN C 282 -38.91 -4.35 -17.76
N GLU C 283 -39.81 -5.30 -17.98
CA GLU C 283 -39.80 -6.03 -19.24
C GLU C 283 -40.37 -5.17 -20.36
N CYS C 284 -39.89 -5.43 -21.58
CA CYS C 284 -40.37 -4.68 -22.72
C CYS C 284 -41.79 -5.07 -23.06
N LYS C 285 -42.55 -4.12 -23.58
CA LYS C 285 -43.95 -4.39 -23.94
C LYS C 285 -44.05 -5.33 -25.13
N HIS C 286 -43.26 -5.09 -26.17
CA HIS C 286 -43.30 -5.88 -27.39
C HIS C 286 -41.89 -6.33 -27.73
N PRO C 287 -41.38 -7.36 -27.06
CA PRO C 287 -40.10 -7.94 -27.43
C PRO C 287 -40.26 -9.01 -28.50
N SER C 288 -39.20 -9.16 -29.29
CA SER C 288 -39.20 -10.15 -30.38
C SER C 288 -37.75 -10.49 -30.69
N VAL C 289 -37.36 -11.72 -30.39
CA VAL C 289 -36.04 -12.26 -30.71
C VAL C 289 -36.26 -13.50 -31.58
N SER C 290 -35.51 -13.61 -32.68
CA SER C 290 -35.76 -14.70 -33.64
C SER C 290 -35.22 -16.04 -33.15
N ARG C 291 -33.99 -16.07 -32.64
CA ARG C 291 -33.38 -17.36 -32.29
C ARG C 291 -34.10 -18.05 -31.12
N HIS C 292 -34.03 -17.43 -29.94
CA HIS C 292 -34.67 -17.97 -28.71
C HIS C 292 -35.20 -19.41 -28.78
N PHE C 297 -33.74 -24.28 -19.73
CA PHE C 297 -32.92 -25.37 -19.26
C PHE C 297 -32.68 -25.13 -17.77
N ARG C 298 -32.33 -23.90 -17.41
CA ARG C 298 -32.00 -23.66 -16.01
C ARG C 298 -33.23 -23.48 -15.15
N LEU C 299 -34.41 -23.32 -15.76
CA LEU C 299 -35.64 -23.40 -14.98
C LEU C 299 -35.82 -24.79 -14.38
N LEU C 300 -35.24 -25.80 -15.03
CA LEU C 300 -35.25 -27.15 -14.46
C LEU C 300 -34.10 -27.36 -13.49
N PHE C 301 -32.97 -26.68 -13.71
CA PHE C 301 -31.87 -26.78 -12.76
C PHE C 301 -32.23 -26.14 -11.43
N ASP C 302 -33.00 -25.05 -11.46
CA ASP C 302 -33.49 -24.45 -10.24
C ASP C 302 -34.44 -25.40 -9.50
N VAL C 303 -35.28 -26.12 -10.25
CA VAL C 303 -36.15 -27.11 -9.63
C VAL C 303 -35.33 -28.24 -9.01
N VAL C 304 -34.25 -28.65 -9.69
CA VAL C 304 -33.38 -29.69 -9.14
C VAL C 304 -32.76 -29.22 -7.83
N VAL C 305 -32.26 -27.98 -7.81
CA VAL C 305 -31.71 -27.42 -6.59
C VAL C 305 -32.76 -27.38 -5.49
N ILE C 306 -33.97 -26.98 -5.84
CA ILE C 306 -35.05 -26.87 -4.85
C ILE C 306 -35.36 -28.25 -4.27
N LEU C 307 -35.44 -29.27 -5.11
CA LEU C 307 -35.75 -30.61 -4.62
C LEU C 307 -34.63 -31.16 -3.75
N THR C 308 -33.38 -30.95 -4.15
CA THR C 308 -32.26 -31.41 -3.33
C THR C 308 -32.30 -30.74 -1.96
N CYS C 309 -32.52 -29.43 -1.92
CA CYS C 309 -32.54 -28.72 -0.65
C CYS C 309 -33.76 -29.09 0.19
N SER C 310 -34.89 -29.37 -0.45
CA SER C 310 -36.05 -29.87 0.29
C SER C 310 -35.76 -31.21 0.94
N LEU C 311 -35.11 -32.11 0.20
CA LEU C 311 -34.75 -33.41 0.76
C LEU C 311 -33.82 -33.26 1.95
N SER C 312 -32.79 -32.41 1.79
CA SER C 312 -31.88 -32.18 2.90
C SER C 312 -32.61 -31.59 4.11
N PHE C 313 -33.51 -30.64 3.86
CA PHE C 313 -34.27 -30.04 4.94
C PHE C 313 -35.11 -31.08 5.67
N LEU C 314 -35.78 -31.95 4.92
CA LEU C 314 -36.62 -32.97 5.55
C LEU C 314 -35.79 -33.92 6.40
N LEU C 315 -34.67 -34.40 5.85
CA LEU C 315 -33.83 -35.32 6.62
C LEU C 315 -33.29 -34.67 7.88
N CYS C 316 -32.83 -33.41 7.77
CA CYS C 316 -32.28 -32.73 8.93
C CYS C 316 -33.34 -32.47 9.99
N ALA C 317 -34.56 -32.11 9.56
CA ALA C 317 -35.64 -31.91 10.52
C ALA C 317 -36.00 -33.21 11.22
N ARG C 318 -36.00 -34.32 10.48
CA ARG C 318 -36.26 -35.61 11.10
C ARG C 318 -35.19 -35.92 12.14
N SER C 319 -33.92 -35.64 11.82
CA SER C 319 -32.85 -35.85 12.80
C SER C 319 -33.04 -34.97 14.03
N LEU C 320 -33.46 -33.72 13.84
CA LEU C 320 -33.67 -32.84 14.97
C LEU C 320 -34.80 -33.35 15.87
N LEU C 321 -35.90 -33.80 15.26
CA LEU C 321 -36.99 -34.36 16.06
C LEU C 321 -36.54 -35.61 16.81
N ARG C 322 -35.71 -36.41 16.17
CA ARG C 322 -35.17 -37.60 16.80
C ARG C 322 -34.35 -37.21 18.01
N GLY C 323 -33.49 -36.22 17.85
CA GLY C 323 -32.69 -35.76 18.96
C GLY C 323 -33.53 -35.23 20.10
N PHE C 324 -34.58 -34.48 19.78
CA PHE C 324 -35.47 -33.97 20.82
C PHE C 324 -36.12 -35.12 21.60
N LEU C 325 -36.62 -36.11 20.88
CA LEU C 325 -37.26 -37.25 21.55
C LEU C 325 -36.27 -38.00 22.42
N LEU C 326 -35.06 -38.24 21.88
CA LEU C 326 -34.04 -38.94 22.66
C LEU C 326 -33.68 -38.17 23.91
N GLN C 327 -33.54 -36.85 23.79
CA GLN C 327 -33.22 -36.02 24.94
C GLN C 327 -34.31 -36.13 26.00
N ASN C 328 -35.57 -36.10 25.55
CA ASN C 328 -36.70 -36.16 26.48
C ASN C 328 -36.79 -37.50 27.19
N GLU C 329 -36.53 -38.59 26.49
CA GLU C 329 -36.55 -39.91 27.10
C GLU C 329 -35.38 -40.09 28.07
N PHE C 330 -34.18 -39.68 27.67
CA PHE C 330 -33.02 -39.79 28.55
C PHE C 330 -33.20 -38.93 29.81
N VAL C 331 -33.76 -37.74 29.62
CA VAL C 331 -33.93 -36.82 30.75
C VAL C 331 -34.91 -37.37 31.76
N VAL C 332 -36.01 -37.98 31.31
CA VAL C 332 -36.93 -38.55 32.28
C VAL C 332 -36.35 -39.81 32.91
N PHE C 333 -35.59 -40.60 32.16
CA PHE C 333 -34.96 -41.75 32.80
C PHE C 333 -33.97 -41.31 33.87
N MET C 334 -33.26 -40.21 33.63
CA MET C 334 -32.32 -39.70 34.62
C MET C 334 -33.08 -39.18 35.83
N TRP C 335 -34.18 -38.48 35.60
CA TRP C 335 -35.00 -38.02 36.73
C TRP C 335 -35.51 -39.20 37.54
N ARG C 336 -35.65 -40.37 36.91
CA ARG C 336 -36.00 -41.57 37.65
C ARG C 336 -34.79 -42.14 38.39
N ARG C 337 -33.60 -42.07 37.79
CA ARG C 337 -32.42 -42.65 38.42
C ARG C 337 -32.01 -41.89 39.67
N ARG C 338 -32.25 -40.57 39.67
CA ARG C 338 -31.88 -39.73 40.81
C ARG C 338 -33.03 -38.75 41.01
N GLY C 339 -32.78 -37.66 41.71
CA GLY C 339 -33.80 -36.66 41.88
C GLY C 339 -34.41 -36.18 40.57
N ARG C 340 -35.55 -35.58 40.65
CA ARG C 340 -36.16 -35.04 39.45
C ARG C 340 -35.62 -33.66 39.11
N GLU C 341 -35.56 -33.36 37.81
CA GLU C 341 -35.03 -32.07 37.32
C GLU C 341 -33.53 -31.95 37.57
N ILE C 342 -32.78 -33.01 37.28
CA ILE C 342 -31.33 -32.93 37.41
C ILE C 342 -30.72 -32.11 36.28
N SER C 343 -31.15 -32.34 35.05
CA SER C 343 -30.45 -31.85 33.88
C SER C 343 -30.97 -30.48 33.49
N LEU C 344 -30.05 -29.52 33.34
CA LEU C 344 -30.38 -28.17 32.92
C LEU C 344 -29.87 -27.83 31.53
N TRP C 345 -28.66 -28.25 31.19
CA TRP C 345 -28.04 -27.82 29.92
C TRP C 345 -27.67 -28.96 28.97
N GLU C 346 -27.50 -30.17 29.48
CA GLU C 346 -27.20 -31.29 28.59
C GLU C 346 -28.32 -31.50 27.58
N ARG C 347 -29.55 -31.09 27.94
CA ARG C 347 -30.62 -31.04 26.96
C ARG C 347 -30.18 -30.29 25.72
N LEU C 348 -29.54 -29.14 25.90
CA LEU C 348 -29.06 -28.37 24.77
C LEU C 348 -27.93 -29.11 24.06
N GLU C 349 -27.11 -29.83 24.80
CA GLU C 349 -26.05 -30.62 24.19
C GLU C 349 -26.66 -31.65 23.24
N PHE C 350 -27.87 -32.14 23.53
CA PHE C 350 -28.51 -33.06 22.60
C PHE C 350 -28.80 -32.40 21.26
N VAL C 351 -28.90 -31.08 21.23
CA VAL C 351 -29.17 -30.36 19.98
C VAL C 351 -27.85 -30.14 19.25
N ASN C 352 -27.75 -30.65 18.02
CA ASN C 352 -26.58 -30.45 17.20
C ASN C 352 -26.84 -29.31 16.22
N GLY C 353 -26.02 -28.27 16.31
CA GLY C 353 -26.20 -27.07 15.54
C GLY C 353 -25.87 -27.18 14.07
N TRP C 354 -25.24 -28.27 13.68
CA TRP C 354 -24.95 -28.41 12.28
C TRP C 354 -26.23 -28.64 11.48
N TYR C 355 -27.19 -29.38 12.03
CA TYR C 355 -28.45 -29.60 11.34
C TYR C 355 -29.26 -28.34 11.32
N ILE C 356 -29.17 -27.52 12.36
CA ILE C 356 -29.82 -26.22 12.34
C ILE C 356 -29.21 -25.35 11.24
N LEU C 357 -27.89 -25.37 11.13
CA LEU C 357 -27.21 -24.59 10.09
C LEU C 357 -27.64 -25.09 8.72
N LEU C 358 -27.78 -26.40 8.57
CA LEU C 358 -28.14 -26.98 7.28
C LEU C 358 -29.55 -26.55 6.93
N VAL C 359 -30.47 -26.63 7.88
CA VAL C 359 -31.85 -26.23 7.63
C VAL C 359 -31.92 -24.77 7.24
N THR C 360 -31.17 -23.91 7.93
CA THR C 360 -31.13 -22.49 7.58
C THR C 360 -30.61 -22.31 6.16
N SER C 361 -29.54 -23.03 5.81
CA SER C 361 -28.98 -22.93 4.47
C SER C 361 -29.98 -23.42 3.43
N ASP C 362 -30.71 -24.50 3.73
CA ASP C 362 -31.72 -24.98 2.79
C ASP C 362 -32.79 -23.94 2.56
N VAL C 363 -33.28 -23.31 3.63
CA VAL C 363 -34.33 -22.30 3.49
C VAL C 363 -33.81 -21.12 2.68
N LEU C 364 -32.59 -20.67 2.97
CA LEU C 364 -32.02 -19.56 2.22
C LEU C 364 -31.84 -19.91 0.75
N THR C 365 -31.37 -21.13 0.46
CA THR C 365 -31.18 -21.55 -0.91
C THR C 365 -32.51 -21.64 -1.66
N ILE C 366 -33.54 -22.15 -1.00
CA ILE C 366 -34.85 -22.22 -1.65
C ILE C 366 -35.39 -20.83 -1.92
N SER C 367 -35.26 -19.92 -0.95
CA SER C 367 -35.74 -18.56 -1.16
C SER C 367 -34.99 -17.88 -2.31
N GLY C 368 -33.67 -18.05 -2.33
CA GLY C 368 -32.90 -17.48 -3.43
C GLY C 368 -33.27 -18.08 -4.77
N THR C 369 -33.48 -19.39 -4.83
CA THR C 369 -33.86 -20.04 -6.07
C THR C 369 -35.21 -19.55 -6.56
N VAL C 370 -36.18 -19.40 -5.64
CA VAL C 370 -37.49 -18.91 -6.02
C VAL C 370 -37.40 -17.47 -6.54
N MET C 371 -36.62 -16.64 -5.85
CA MET C 371 -36.43 -15.26 -6.32
C MET C 371 -35.75 -15.23 -7.69
N LYS C 372 -34.78 -16.11 -7.90
CA LYS C 372 -34.10 -16.19 -9.20
C LYS C 372 -35.09 -16.60 -10.31
N ILE C 373 -35.96 -17.57 -10.01
CA ILE C 373 -36.98 -17.97 -10.96
C ILE C 373 -37.91 -16.80 -11.27
N GLY C 374 -38.29 -16.04 -10.24
CA GLY C 374 -39.11 -14.87 -10.47
C GLY C 374 -38.42 -13.83 -11.35
N ILE C 375 -37.13 -13.62 -11.12
CA ILE C 375 -36.38 -12.65 -11.92
C ILE C 375 -36.32 -13.12 -13.38
N GLU C 376 -36.03 -14.40 -13.60
CA GLU C 376 -35.99 -14.93 -14.96
C GLU C 376 -37.35 -14.79 -15.59
N ALA C 377 -38.41 -15.11 -14.86
CA ALA C 377 -39.76 -14.96 -15.35
C ALA C 377 -40.14 -13.50 -15.57
N LYS C 378 -39.31 -12.57 -15.12
CA LYS C 378 -39.52 -11.14 -15.31
C LYS C 378 -40.57 -10.57 -14.35
N ASN C 379 -40.95 -11.32 -13.33
CA ASN C 379 -41.83 -10.81 -12.29
C ASN C 379 -41.08 -10.05 -11.21
N LEU C 380 -39.75 -10.09 -11.21
CA LEU C 380 -38.93 -9.47 -10.19
C LEU C 380 -37.65 -8.93 -10.81
N ALA C 381 -37.20 -7.77 -10.36
CA ALA C 381 -35.85 -7.29 -10.63
C ALA C 381 -35.26 -6.86 -9.29
N SER C 382 -34.78 -7.82 -8.53
CA SER C 382 -33.98 -7.55 -7.33
C SER C 382 -32.77 -8.46 -7.42
N TYR C 383 -31.77 -8.01 -8.19
CA TYR C 383 -30.62 -8.85 -8.44
C TYR C 383 -29.70 -8.90 -7.24
N ASP C 384 -29.59 -7.80 -6.50
CA ASP C 384 -28.70 -7.76 -5.34
C ASP C 384 -29.19 -8.67 -4.23
N VAL C 385 -30.49 -8.62 -3.93
CA VAL C 385 -31.05 -9.48 -2.89
C VAL C 385 -30.86 -10.95 -3.26
N CYS C 386 -31.15 -11.30 -4.51
CA CYS C 386 -31.00 -12.67 -4.95
C CYS C 386 -29.54 -13.11 -4.88
N SER C 387 -28.63 -12.25 -5.32
CA SER C 387 -27.22 -12.58 -5.28
C SER C 387 -26.76 -12.81 -3.85
N ILE C 388 -27.24 -11.98 -2.92
CA ILE C 388 -26.84 -12.14 -1.53
C ILE C 388 -27.39 -13.46 -0.97
N LEU C 389 -28.65 -13.76 -1.25
CA LEU C 389 -29.22 -15.02 -0.76
C LEU C 389 -28.45 -16.20 -1.29
N LEU C 390 -28.20 -16.22 -2.60
CA LEU C 390 -27.51 -17.35 -3.21
C LEU C 390 -26.06 -17.46 -2.72
N GLY C 391 -25.36 -16.34 -2.59
CA GLY C 391 -23.97 -16.39 -2.14
C GLY C 391 -23.84 -16.84 -0.69
N THR C 392 -24.69 -16.30 0.18
CA THR C 392 -24.69 -16.75 1.57
C THR C 392 -25.02 -18.22 1.66
N SER C 393 -25.99 -18.66 0.85
CA SER C 393 -26.36 -20.06 0.85
C SER C 393 -25.15 -20.90 0.42
N THR C 394 -24.45 -20.49 -0.63
CA THR C 394 -23.28 -21.23 -1.10
C THR C 394 -22.23 -21.34 -0.01
N LEU C 395 -21.94 -20.23 0.68
CA LEU C 395 -20.98 -20.26 1.76
C LEU C 395 -21.40 -21.24 2.85
N LEU C 396 -22.67 -21.19 3.24
CA LEU C 396 -23.15 -22.05 4.31
C LEU C 396 -23.16 -23.52 3.88
N VAL C 397 -23.49 -23.78 2.62
CA VAL C 397 -23.50 -25.16 2.13
C VAL C 397 -22.09 -25.73 2.14
N TRP C 398 -21.11 -24.93 1.73
CA TRP C 398 -19.71 -25.39 1.81
C TRP C 398 -19.29 -25.63 3.24
N VAL C 399 -19.66 -24.72 4.16
CA VAL C 399 -19.24 -24.85 5.54
C VAL C 399 -19.87 -26.08 6.20
N GLY C 400 -21.14 -26.34 5.91
CA GLY C 400 -21.86 -27.39 6.59
C GLY C 400 -21.24 -28.77 6.47
N VAL C 401 -20.47 -29.02 5.41
CA VAL C 401 -19.86 -30.34 5.24
C VAL C 401 -18.86 -30.62 6.36
N ILE C 402 -18.40 -29.59 7.06
CA ILE C 402 -17.51 -29.77 8.20
C ILE C 402 -18.13 -30.65 9.29
N ARG C 403 -19.45 -30.82 9.26
CA ARG C 403 -20.10 -31.68 10.24
C ARG C 403 -19.45 -33.06 10.30
N TYR C 404 -19.17 -33.64 9.13
CA TYR C 404 -18.65 -35.00 9.06
C TYR C 404 -17.16 -35.09 9.35
N LEU C 405 -16.47 -33.96 9.46
CA LEU C 405 -15.08 -33.97 9.91
C LEU C 405 -14.95 -33.93 11.42
N THR C 406 -16.02 -33.56 12.14
CA THR C 406 -15.94 -33.45 13.59
C THR C 406 -15.89 -34.79 14.30
N PHE C 407 -16.14 -35.89 13.59
CA PHE C 407 -16.03 -37.23 14.17
C PHE C 407 -14.60 -37.71 14.28
N PHE C 408 -13.64 -36.98 13.73
CA PHE C 408 -12.25 -37.40 13.70
C PHE C 408 -11.39 -36.27 14.28
N HIS C 409 -10.83 -36.51 15.46
CA HIS C 409 -10.21 -35.42 16.21
C HIS C 409 -9.04 -34.81 15.46
N LYS C 410 -8.34 -35.60 14.64
CA LYS C 410 -7.23 -35.06 13.86
C LYS C 410 -7.69 -34.03 12.84
N TYR C 411 -8.91 -34.17 12.33
CA TYR C 411 -9.46 -33.25 11.35
C TYR C 411 -10.33 -32.16 11.98
N ASN C 412 -10.51 -32.18 13.28
CA ASN C 412 -11.43 -31.26 13.96
C ASN C 412 -10.72 -30.22 14.82
N ILE C 413 -9.43 -29.94 14.53
CA ILE C 413 -8.66 -29.04 15.38
C ILE C 413 -9.33 -27.67 15.46
N LEU C 414 -9.73 -27.12 14.31
CA LEU C 414 -10.30 -25.78 14.30
C LEU C 414 -11.57 -25.72 15.15
N ILE C 415 -12.51 -26.62 14.88
CA ILE C 415 -13.80 -26.57 15.56
C ILE C 415 -13.65 -26.80 17.05
N ALA C 416 -12.87 -27.82 17.43
CA ALA C 416 -12.68 -28.11 18.86
C ALA C 416 -12.01 -26.94 19.57
N THR C 417 -10.96 -26.39 18.99
CA THR C 417 -10.29 -25.23 19.59
C THR C 417 -11.31 -24.12 19.76
N LEU C 418 -12.05 -23.80 18.71
CA LEU C 418 -12.99 -22.69 18.78
C LEU C 418 -14.01 -22.91 19.89
N ARG C 419 -14.52 -24.12 20.02
CA ARG C 419 -15.54 -24.36 21.03
C ARG C 419 -14.93 -24.23 22.42
N VAL C 420 -13.69 -24.53 22.61
CA VAL C 420 -13.13 -24.38 23.95
C VAL C 420 -12.70 -22.93 24.19
N ALA C 421 -12.28 -22.22 23.16
CA ALA C 421 -11.78 -20.83 23.31
C ALA C 421 -12.83 -19.77 23.32
N LEU C 422 -14.01 -20.03 22.77
CA LEU C 422 -14.97 -18.95 22.61
C LEU C 422 -15.38 -18.27 23.90
N PRO C 423 -15.65 -18.97 25.00
CA PRO C 423 -16.03 -18.25 26.23
C PRO C 423 -15.00 -17.24 26.70
N SER C 424 -13.73 -17.66 26.80
CA SER C 424 -12.69 -16.74 27.23
C SER C 424 -12.49 -15.61 26.22
N VAL C 425 -12.60 -15.93 24.93
CA VAL C 425 -12.44 -14.90 23.91
C VAL C 425 -13.53 -13.83 24.04
N MET C 426 -14.79 -14.26 24.25
CA MET C 426 -15.88 -13.31 24.40
C MET C 426 -15.71 -12.47 25.67
N ARG C 427 -15.28 -13.13 26.76
CA ARG C 427 -15.08 -12.38 28.00
C ARG C 427 -13.99 -11.33 27.84
N PHE C 428 -12.89 -11.66 27.16
CA PHE C 428 -11.82 -10.71 26.88
C PHE C 428 -12.30 -9.58 25.96
N CYS C 429 -13.07 -9.93 24.93
CA CYS C 429 -13.57 -8.92 24.01
C CYS C 429 -14.54 -7.96 24.69
N CYS C 430 -15.19 -8.39 25.76
CA CYS C 430 -16.03 -7.44 26.52
C CYS C 430 -15.22 -6.22 26.94
N CYS C 431 -14.04 -6.44 27.52
CA CYS C 431 -13.19 -5.32 27.92
C CYS C 431 -12.55 -4.63 26.73
N VAL C 432 -12.23 -5.34 25.67
CA VAL C 432 -11.59 -4.66 24.56
C VAL C 432 -12.57 -3.76 23.83
N ALA C 433 -13.86 -4.10 23.87
CA ALA C 433 -14.85 -3.34 23.12
C ALA C 433 -14.97 -1.91 23.59
N VAL C 434 -14.94 -1.68 24.91
CA VAL C 434 -15.08 -0.32 25.41
C VAL C 434 -13.93 0.55 24.94
N ILE C 435 -12.70 0.04 25.02
CA ILE C 435 -11.54 0.78 24.54
C ILE C 435 -11.68 1.06 23.04
N TYR C 436 -12.06 0.05 22.29
CA TYR C 436 -12.16 0.21 20.83
C TYR C 436 -13.21 1.26 20.47
N LEU C 437 -14.36 1.23 21.13
CA LEU C 437 -15.42 2.19 20.84
C LEU C 437 -15.04 3.60 21.26
N GLY C 438 -14.38 3.74 22.41
CA GLY C 438 -13.88 5.05 22.80
C GLY C 438 -12.96 5.63 21.76
N TYR C 439 -12.00 4.82 21.28
CA TYR C 439 -11.11 5.29 20.23
C TYR C 439 -11.88 5.63 18.96
N CYS C 440 -12.85 4.79 18.59
CA CYS C 440 -13.61 5.03 17.37
C CYS C 440 -14.31 6.38 17.42
N PHE C 441 -15.04 6.67 18.49
CA PHE C 441 -15.75 7.93 18.57
C PHE C 441 -14.78 9.11 18.63
N CYS C 442 -13.71 8.99 19.42
CA CYS C 442 -12.74 10.07 19.52
C CYS C 442 -12.14 10.40 18.17
N GLY C 443 -11.69 9.37 17.45
CA GLY C 443 -11.09 9.60 16.14
C GLY C 443 -12.09 10.12 15.12
N TRP C 444 -13.33 9.62 15.18
CA TRP C 444 -14.33 10.06 14.23
C TRP C 444 -14.62 11.55 14.37
N ILE C 445 -14.75 12.04 15.59
CA ILE C 445 -15.11 13.45 15.75
C ILE C 445 -13.87 14.34 15.64
N VAL C 446 -12.80 14.00 16.34
CA VAL C 446 -11.64 14.88 16.39
C VAL C 446 -10.93 14.94 15.04
N LEU C 447 -10.70 13.77 14.42
CA LEU C 447 -9.89 13.70 13.21
C LEU C 447 -10.72 13.57 11.92
N GLY C 448 -12.02 13.33 12.02
CA GLY C 448 -12.85 13.14 10.86
C GLY C 448 -12.79 14.32 9.89
N PRO C 449 -12.86 15.53 10.42
CA PRO C 449 -12.74 16.72 9.54
C PRO C 449 -11.40 16.82 8.82
N TYR C 450 -10.31 16.32 9.41
CA TYR C 450 -8.99 16.52 8.86
C TYR C 450 -8.42 15.31 8.14
N HIS C 451 -8.94 14.10 8.40
CA HIS C 451 -8.32 12.87 7.95
C HIS C 451 -9.28 12.14 7.02
N VAL C 452 -8.81 11.82 5.81
CA VAL C 452 -9.68 11.20 4.82
C VAL C 452 -10.21 9.87 5.33
N LYS C 453 -9.38 9.13 6.07
CA LYS C 453 -9.77 7.80 6.57
C LYS C 453 -10.58 7.82 7.87
N PHE C 454 -10.96 9.00 8.35
CA PHE C 454 -11.78 9.10 9.54
C PHE C 454 -13.09 9.85 9.26
N ARG C 455 -13.57 9.81 8.02
CA ARG C 455 -14.68 10.66 7.62
C ARG C 455 -16.01 10.20 8.23
N SER C 456 -16.24 8.91 8.31
CA SER C 456 -17.49 8.35 8.81
C SER C 456 -17.20 7.29 9.86
N LEU C 457 -18.23 6.94 10.62
CA LEU C 457 -18.06 5.94 11.68
C LEU C 457 -17.61 4.60 11.10
N SER C 458 -18.27 4.14 10.03
CA SER C 458 -17.87 2.86 9.43
C SER C 458 -16.45 2.95 8.89
N MET C 459 -16.09 4.07 8.27
CA MET C 459 -14.74 4.22 7.76
C MET C 459 -13.71 4.29 8.89
N VAL C 460 -14.06 4.95 10.00
CA VAL C 460 -13.17 4.97 11.15
C VAL C 460 -12.95 3.55 11.67
N SER C 461 -14.04 2.78 11.75
CA SER C 461 -13.91 1.38 12.17
C SER C 461 -13.02 0.59 11.23
N GLU C 462 -13.18 0.78 9.91
CA GLU C 462 -12.31 0.10 8.96
C GLU C 462 -10.85 0.48 9.16
N CYS C 463 -10.59 1.77 9.35
CA CYS C 463 -9.22 2.25 9.56
C CYS C 463 -8.62 1.62 10.82
N LEU C 464 -9.36 1.63 11.92
CA LEU C 464 -8.84 1.09 13.17
C LEU C 464 -8.65 -0.42 13.10
N PHE C 465 -9.59 -1.13 12.49
CA PHE C 465 -9.47 -2.58 12.34
C PHE C 465 -8.24 -2.93 11.49
N SER C 466 -8.03 -2.20 10.40
CA SER C 466 -6.83 -2.42 9.60
C SER C 466 -5.56 -2.09 10.37
N LEU C 467 -5.57 -1.02 11.16
CA LEU C 467 -4.41 -0.68 11.97
C LEU C 467 -4.08 -1.81 12.95
N ILE C 468 -5.11 -2.39 13.57
CA ILE C 468 -4.88 -3.52 14.47
C ILE C 468 -4.12 -4.61 13.76
N ASN C 469 -4.40 -4.80 12.47
CA ASN C 469 -3.75 -5.85 11.70
C ASN C 469 -2.48 -5.37 11.01
N GLY C 470 -1.99 -4.20 11.37
CA GLY C 470 -0.74 -3.68 10.84
C GLY C 470 -0.79 -3.17 9.43
N ASP C 471 -1.97 -2.75 8.97
CA ASP C 471 -2.18 -2.41 7.56
C ASP C 471 -2.36 -0.91 7.39
N ASP C 472 -1.67 -0.33 6.42
CA ASP C 472 -1.86 1.06 5.99
C ASP C 472 -1.39 2.06 7.05
N MET C 473 -0.41 1.66 7.84
CA MET C 473 0.06 2.51 8.94
C MET C 473 0.71 3.82 8.50
N PHE C 474 1.73 3.76 7.65
CA PHE C 474 2.43 4.97 7.26
C PHE C 474 1.53 5.92 6.50
N VAL C 475 0.63 5.41 5.67
CA VAL C 475 -0.29 6.28 4.95
C VAL C 475 -1.19 7.02 5.93
N THR C 476 -1.62 6.34 7.00
CA THR C 476 -2.42 7.00 8.02
C THR C 476 -1.65 8.13 8.68
N PHE C 477 -0.37 7.90 9.01
CA PHE C 477 0.44 8.98 9.57
C PHE C 477 0.65 10.12 8.56
N ALA C 478 0.90 9.76 7.31
CA ALA C 478 1.25 10.75 6.30
C ALA C 478 0.08 11.65 5.94
N ALA C 479 -1.15 11.12 6.01
CA ALA C 479 -2.31 11.99 5.81
C ALA C 479 -2.31 13.15 6.78
N MET C 480 -1.87 12.92 8.01
CA MET C 480 -1.73 14.00 8.98
C MET C 480 -0.50 14.85 8.74
N GLN C 481 0.62 14.25 8.32
CA GLN C 481 1.79 15.05 7.98
C GLN C 481 1.48 16.03 6.85
N ALA C 482 0.67 15.60 5.87
CA ALA C 482 0.45 16.41 4.69
C ALA C 482 -0.16 17.76 5.04
N GLN C 483 -1.16 17.78 5.91
CA GLN C 483 -1.84 19.02 6.27
C GLN C 483 -1.70 19.36 7.75
N GLN C 484 -1.15 18.47 8.57
CA GLN C 484 -0.95 18.75 9.98
C GLN C 484 -2.28 18.99 10.67
N GLY C 485 -3.38 18.68 9.99
CA GLY C 485 -4.67 19.14 10.45
C GLY C 485 -4.78 20.66 10.44
N HIS C 486 -3.89 21.33 9.72
CA HIS C 486 -3.91 22.78 9.62
C HIS C 486 -3.82 23.44 10.99
N SER C 487 -3.37 22.67 11.97
CA SER C 487 -3.11 23.16 13.32
C SER C 487 -2.16 22.20 14.01
N SER C 488 -1.11 22.73 14.63
CA SER C 488 -0.13 21.87 15.28
C SER C 488 -0.73 21.06 16.41
N LEU C 489 -1.75 21.61 17.09
CA LEU C 489 -2.38 20.89 18.18
C LEU C 489 -3.09 19.63 17.68
N VAL C 490 -3.84 19.75 16.58
CA VAL C 490 -4.53 18.58 16.03
C VAL C 490 -3.53 17.54 15.57
N TRP C 491 -2.43 17.97 14.95
CA TRP C 491 -1.41 17.03 14.51
C TRP C 491 -0.78 16.30 15.69
N LEU C 492 -0.46 17.03 16.76
CA LEU C 492 0.07 16.38 17.95
C LEU C 492 -0.90 15.37 18.53
N PHE C 493 -2.19 15.75 18.58
CA PHE C 493 -3.20 14.81 19.07
C PHE C 493 -3.25 13.56 18.20
N SER C 494 -3.18 13.74 16.88
CA SER C 494 -3.20 12.59 15.99
C SER C 494 -1.99 11.69 16.25
N GLN C 495 -0.82 12.28 16.49
CA GLN C 495 0.36 11.50 16.84
C GLN C 495 0.08 10.64 18.07
N LEU C 496 -0.39 11.27 19.14
CA LEU C 496 -0.66 10.52 20.37
C LEU C 496 -1.70 9.44 20.14
N TYR C 497 -2.80 9.80 19.47
CA TYR C 497 -3.89 8.88 19.22
C TYR C 497 -3.41 7.65 18.47
N LEU C 498 -2.68 7.86 17.37
CA LEU C 498 -2.27 6.74 16.53
C LEU C 498 -1.22 5.89 17.21
N TYR C 499 -0.18 6.52 17.78
CA TYR C 499 0.84 5.73 18.45
C TYR C 499 0.24 4.89 19.57
N SER C 500 -0.59 5.51 20.41
CA SER C 500 -1.18 4.78 21.54
C SER C 500 -2.07 3.64 21.05
N PHE C 501 -2.97 3.92 20.10
CA PHE C 501 -3.87 2.87 19.64
C PHE C 501 -3.09 1.72 19.03
N ILE C 502 -2.14 2.03 18.14
CA ILE C 502 -1.41 0.98 17.45
C ILE C 502 -0.62 0.14 18.44
N SER C 503 0.13 0.78 19.34
CA SER C 503 0.96 0.02 20.27
C SER C 503 0.14 -0.80 21.26
N LEU C 504 -0.97 -0.25 21.74
CA LEU C 504 -1.84 -1.03 22.61
C LEU C 504 -2.42 -2.23 21.88
N PHE C 505 -3.07 -2.01 20.74
CA PHE C 505 -3.85 -3.08 20.14
C PHE C 505 -2.97 -4.13 19.49
N ILE C 506 -1.86 -3.72 18.85
CA ILE C 506 -0.99 -4.71 18.23
C ILE C 506 -0.24 -5.51 19.29
N TYR C 507 0.36 -4.82 20.27
CA TYR C 507 1.28 -5.50 21.17
C TYR C 507 0.60 -6.18 22.35
N MET C 508 -0.51 -5.64 22.87
CA MET C 508 -1.16 -6.23 24.04
C MET C 508 -2.42 -6.99 23.66
N VAL C 509 -3.37 -6.30 23.02
CA VAL C 509 -4.69 -6.89 22.78
C VAL C 509 -4.57 -8.11 21.86
N LEU C 510 -3.93 -7.94 20.71
CA LEU C 510 -3.83 -9.03 19.75
C LEU C 510 -2.97 -10.17 20.28
N SER C 511 -1.87 -9.82 20.97
CA SER C 511 -1.03 -10.86 21.56
C SER C 511 -1.83 -11.70 22.55
N LEU C 512 -2.62 -11.06 23.42
CA LEU C 512 -3.39 -11.81 24.41
C LEU C 512 -4.52 -12.60 23.75
N PHE C 513 -5.15 -12.04 22.73
CA PHE C 513 -6.19 -12.77 22.00
C PHE C 513 -5.63 -14.06 21.39
N ILE C 514 -4.47 -13.94 20.75
CA ILE C 514 -3.86 -15.11 20.15
C ILE C 514 -3.45 -16.09 21.26
N ALA C 515 -2.92 -15.59 22.37
CA ALA C 515 -2.55 -16.46 23.47
C ALA C 515 -3.74 -17.26 23.96
N LEU C 516 -4.92 -16.62 24.03
CA LEU C 516 -6.11 -17.35 24.45
C LEU C 516 -6.46 -18.45 23.44
N ILE C 517 -6.37 -18.15 22.14
CA ILE C 517 -6.67 -19.17 21.13
C ILE C 517 -5.72 -20.35 21.26
N THR C 518 -4.41 -20.06 21.31
CA THR C 518 -3.43 -21.15 21.37
C THR C 518 -3.48 -21.90 22.70
N GLY C 519 -3.92 -21.22 23.75
CA GLY C 519 -4.09 -21.88 25.04
C GLY C 519 -5.20 -22.88 24.92
N ALA C 520 -6.33 -22.50 24.35
CA ALA C 520 -7.43 -23.42 24.12
C ALA C 520 -6.97 -24.61 23.30
N TYR C 521 -6.20 -24.35 22.23
CA TYR C 521 -5.67 -25.44 21.43
C TYR C 521 -4.80 -26.36 22.25
N ASP C 522 -3.97 -25.79 23.13
CA ASP C 522 -3.11 -26.60 23.99
C ASP C 522 -3.93 -27.48 24.91
N THR C 523 -5.07 -26.98 25.39
CA THR C 523 -5.94 -27.82 26.19
C THR C 523 -6.53 -28.96 25.38
N ILE C 524 -6.92 -28.72 24.12
CA ILE C 524 -7.62 -29.75 23.36
C ILE C 524 -6.70 -30.65 22.56
N LYS C 525 -5.46 -30.26 22.30
CA LYS C 525 -4.58 -31.15 21.55
C LYS C 525 -4.29 -32.39 22.37
N HIS C 526 -4.22 -33.54 21.69
CA HIS C 526 -4.06 -34.81 22.40
C HIS C 526 -2.88 -34.80 23.35
N PRO C 527 -1.68 -34.34 22.96
CA PRO C 527 -0.56 -34.24 23.90
C PRO C 527 -0.58 -32.94 24.71
N ASP D 40 48.00 -16.80 46.20
CA ASP D 40 47.45 -15.93 45.16
C ASP D 40 45.92 -15.99 45.18
N LEU D 41 45.31 -15.12 45.99
CA LEU D 41 43.85 -15.09 46.10
C LEU D 41 43.22 -14.68 44.78
N ARG D 42 43.90 -13.79 44.04
CA ARG D 42 43.42 -13.33 42.71
C ARG D 42 42.09 -12.59 42.67
N ARG D 43 41.86 -11.66 43.61
CA ARG D 43 40.66 -10.85 43.55
C ARG D 43 40.62 -9.94 42.33
N ARG D 44 41.75 -9.80 41.61
CA ARG D 44 41.79 -8.91 40.46
C ARG D 44 40.92 -9.40 39.32
N LEU D 45 40.82 -10.71 39.16
CA LEU D 45 39.95 -11.26 38.12
C LEU D 45 38.52 -10.83 38.37
N LYS D 46 38.06 -11.02 39.60
CA LYS D 46 36.70 -10.61 39.96
C LYS D 46 36.52 -9.11 39.81
N TYR D 47 37.57 -8.35 40.14
CA TYR D 47 37.50 -6.90 40.02
C TYR D 47 37.29 -6.51 38.56
N PHE D 48 37.97 -7.21 37.66
CA PHE D 48 37.90 -6.86 36.24
C PHE D 48 36.47 -6.98 35.71
N PHE D 49 35.78 -8.07 36.04
CA PHE D 49 34.43 -8.31 35.54
C PHE D 49 33.40 -7.76 36.53
N MET D 50 33.60 -6.48 36.87
CA MET D 50 32.71 -5.82 37.79
C MET D 50 32.02 -4.66 37.13
N SER D 51 30.86 -4.30 37.63
CA SER D 51 30.09 -3.17 37.13
C SER D 51 30.70 -1.86 37.60
N PRO D 52 30.41 -0.75 36.91
CA PRO D 52 30.97 0.54 37.37
C PRO D 52 30.61 0.90 38.80
N CYS D 53 29.38 0.60 39.22
CA CYS D 53 29.01 0.86 40.62
C CYS D 53 29.84 0.00 41.56
N ASP D 54 30.02 -1.28 41.23
CA ASP D 54 30.82 -2.15 42.08
C ASP D 54 32.26 -1.70 42.13
N LYS D 55 32.82 -1.30 40.98
CA LYS D 55 34.18 -0.78 40.97
C LYS D 55 34.32 0.49 41.78
N PHE D 56 33.32 1.38 41.72
CA PHE D 56 33.38 2.57 42.55
C PHE D 56 33.34 2.22 44.04
N ARG D 57 32.48 1.27 44.42
CA ARG D 57 32.40 0.87 45.81
C ARG D 57 33.70 0.22 46.26
N ALA D 58 34.40 -0.43 45.33
CA ALA D 58 35.63 -1.14 45.68
C ALA D 58 36.79 -0.17 45.89
N LYS D 59 37.15 0.57 44.86
CA LYS D 59 38.25 1.53 44.91
C LYS D 59 37.71 2.94 44.66
N GLY D 60 38.63 3.90 44.61
CA GLY D 60 38.26 5.26 44.25
C GLY D 60 38.17 5.41 42.75
N ARG D 61 37.35 4.58 42.11
CA ARG D 61 37.25 4.54 40.66
C ARG D 61 36.00 5.30 40.22
N LYS D 62 36.18 6.51 39.73
CA LYS D 62 35.05 7.25 39.20
C LYS D 62 34.82 6.81 37.75
N PRO D 63 33.54 6.63 37.33
CA PRO D 63 33.34 6.16 35.97
C PRO D 63 33.56 7.26 34.95
N CYS D 64 34.71 7.23 34.27
CA CYS D 64 35.00 8.23 33.25
C CYS D 64 34.49 7.80 31.88
N LYS D 65 34.59 6.51 31.56
CA LYS D 65 34.12 6.04 30.26
C LYS D 65 32.63 6.25 30.09
N LEU D 66 31.84 6.05 31.15
CA LEU D 66 30.39 6.19 31.02
C LEU D 66 29.98 7.64 30.76
N MET D 67 30.50 8.56 31.57
CA MET D 67 30.17 9.96 31.39
C MET D 67 30.71 10.44 30.06
N LEU D 68 31.86 9.90 29.63
CA LEU D 68 32.41 10.24 28.33
C LEU D 68 31.41 9.83 27.28
N GLN D 69 30.91 8.60 27.38
CA GLN D 69 29.98 8.11 26.38
C GLN D 69 28.73 8.98 26.31
N VAL D 70 28.23 9.44 27.45
CA VAL D 70 27.05 10.31 27.43
C VAL D 70 27.38 11.61 26.70
N VAL D 71 28.51 12.23 27.05
CA VAL D 71 28.94 13.45 26.37
C VAL D 71 29.14 13.19 24.88
N LYS D 72 29.70 12.03 24.54
CA LYS D 72 29.93 11.67 23.15
C LYS D 72 28.61 11.58 22.40
N ILE D 73 27.61 10.95 23.00
CA ILE D 73 26.30 10.86 22.35
C ILE D 73 25.79 12.26 22.04
N LEU D 74 25.81 13.14 23.05
CA LEU D 74 25.29 14.48 22.84
C LEU D 74 26.03 15.20 21.72
N VAL D 75 27.35 15.24 21.80
CA VAL D 75 28.14 16.07 20.88
C VAL D 75 28.11 15.48 19.47
N VAL D 76 28.19 14.16 19.34
CA VAL D 76 28.18 13.53 18.04
C VAL D 76 26.83 13.72 17.36
N THR D 77 25.73 13.59 18.11
CA THR D 77 24.41 13.82 17.52
C THR D 77 24.28 15.26 17.05
N VAL D 78 24.71 16.21 17.88
CA VAL D 78 24.61 17.61 17.48
C VAL D 78 25.45 17.87 16.25
N GLN D 79 26.66 17.30 16.20
CA GLN D 79 27.51 17.51 15.03
C GLN D 79 26.87 16.93 13.77
N LEU D 80 26.26 15.76 13.88
CA LEU D 80 25.56 15.19 12.72
C LEU D 80 24.48 16.13 12.23
N ILE D 81 23.67 16.67 13.14
CA ILE D 81 22.59 17.57 12.72
C ILE D 81 23.15 18.84 12.07
N LEU D 82 24.19 19.41 12.68
CA LEU D 82 24.80 20.61 12.13
C LEU D 82 25.32 20.37 10.72
N PHE D 83 26.02 19.24 10.52
CA PHE D 83 26.47 18.89 9.18
C PHE D 83 25.28 18.70 8.23
N GLY D 84 24.19 18.13 8.75
CA GLY D 84 23.04 17.87 7.92
C GLY D 84 22.45 19.13 7.33
N LEU D 85 22.50 20.23 8.06
CA LEU D 85 22.08 21.51 7.47
C LEU D 85 22.74 21.76 6.10
N SER D 86 24.07 21.79 6.09
CA SER D 86 24.81 22.01 4.85
C SER D 86 24.54 20.92 3.83
N ASN D 87 24.55 19.66 4.26
CA ASN D 87 24.36 18.56 3.33
C ASN D 87 23.02 18.67 2.62
N GLN D 88 21.99 19.00 3.37
CA GLN D 88 20.67 19.16 2.79
C GLN D 88 20.68 20.31 1.78
N LEU D 89 21.32 21.42 2.11
CA LEU D 89 21.39 22.51 1.14
C LEU D 89 22.00 22.04 -0.18
N VAL D 90 23.09 21.28 -0.11
CA VAL D 90 23.76 20.82 -1.32
C VAL D 90 22.85 19.90 -2.14
N VAL D 91 22.26 18.92 -1.48
CA VAL D 91 21.40 17.98 -2.19
C VAL D 91 20.24 18.72 -2.85
N THR D 92 19.59 19.61 -2.11
CA THR D 92 18.45 20.33 -2.66
C THR D 92 18.86 21.14 -3.88
N PHE D 93 20.02 21.82 -3.81
CA PHE D 93 20.48 22.57 -4.98
C PHE D 93 20.60 21.66 -6.19
N ARG D 94 21.25 20.51 -6.02
CA ARG D 94 21.43 19.59 -7.15
C ARG D 94 20.07 19.15 -7.72
N GLU D 95 19.19 18.66 -6.86
CA GLU D 95 17.92 18.11 -7.34
C GLU D 95 17.07 19.18 -8.03
N GLU D 96 16.98 20.37 -7.43
CA GLU D 96 16.11 21.40 -7.99
C GLU D 96 16.66 21.93 -9.31
N ASN D 97 17.99 22.05 -9.43
CA ASN D 97 18.55 22.42 -10.72
C ASN D 97 18.25 21.38 -11.78
N THR D 98 18.34 20.09 -11.43
CA THR D 98 18.05 19.06 -12.42
C THR D 98 16.60 19.13 -12.87
N ILE D 99 15.67 19.32 -11.94
CA ILE D 99 14.26 19.45 -12.32
C ILE D 99 14.06 20.65 -13.22
N ALA D 100 14.71 21.77 -12.90
CA ALA D 100 14.59 22.96 -13.72
C ALA D 100 15.11 22.70 -15.13
N PHE D 101 16.22 21.98 -15.25
CA PHE D 101 16.74 21.63 -16.57
C PHE D 101 15.73 20.78 -17.35
N ARG D 102 15.11 19.82 -16.67
CA ARG D 102 14.12 18.98 -17.34
C ARG D 102 12.98 19.83 -17.88
N HIS D 103 12.53 20.82 -17.11
CA HIS D 103 11.45 21.68 -17.61
C HIS D 103 11.95 22.63 -18.70
N LEU D 104 13.22 23.02 -18.66
CA LEU D 104 13.73 23.98 -19.64
C LEU D 104 14.04 23.35 -20.99
N PHE D 105 14.49 22.10 -21.02
CA PHE D 105 15.06 21.54 -22.24
C PHE D 105 14.26 20.38 -22.84
N LEU D 106 13.34 19.78 -22.10
CA LEU D 106 12.58 18.64 -22.59
C LEU D 106 11.20 19.14 -23.05
N LEU D 107 10.99 19.13 -24.36
CA LEU D 107 9.75 19.62 -24.94
C LEU D 107 8.56 18.86 -24.37
N GLY D 108 7.57 19.60 -23.88
CA GLY D 108 6.35 19.01 -23.35
C GLY D 108 6.52 18.22 -22.07
N TYR D 109 7.63 18.38 -21.37
CA TYR D 109 7.87 17.61 -20.16
C TYR D 109 6.91 18.05 -19.05
N SER D 110 6.42 17.06 -18.29
CA SER D 110 5.64 17.32 -17.08
C SER D 110 6.14 16.40 -15.96
N ASP D 111 6.03 16.88 -14.73
CA ASP D 111 6.52 16.12 -13.59
C ASP D 111 5.81 14.78 -13.48
N GLY D 112 6.58 13.73 -13.22
CA GLY D 112 6.06 12.39 -13.07
C GLY D 112 6.10 11.54 -14.33
N SER D 113 6.27 12.16 -15.49
CA SER D 113 6.27 11.43 -16.76
C SER D 113 7.63 10.85 -17.11
N ASP D 114 8.63 11.04 -16.26
CA ASP D 114 10.03 10.73 -16.57
C ASP D 114 10.26 9.34 -17.17
N ASP D 115 9.57 8.31 -16.69
CA ASP D 115 9.88 6.96 -17.18
C ASP D 115 9.08 6.56 -18.41
N THR D 116 8.05 7.31 -18.77
CA THR D 116 7.31 7.10 -20.00
C THR D 116 7.58 8.17 -21.05
N PHE D 117 8.37 9.19 -20.71
CA PHE D 117 8.64 10.29 -21.64
C PHE D 117 9.39 9.77 -22.86
N ALA D 118 8.77 9.89 -24.03
CA ALA D 118 9.36 9.31 -25.23
C ALA D 118 8.76 9.96 -26.46
N ALA D 119 9.47 9.82 -27.58
CA ALA D 119 9.01 10.24 -28.89
C ALA D 119 8.57 9.01 -29.69
N TYR D 120 7.60 9.21 -30.58
CA TYR D 120 7.05 8.13 -31.38
C TYR D 120 7.02 8.41 -32.87
N THR D 121 7.33 9.63 -33.31
CA THR D 121 7.38 9.95 -34.73
C THR D 121 8.66 10.72 -35.02
N GLN D 122 9.05 10.73 -36.30
CA GLN D 122 10.23 11.46 -36.70
C GLN D 122 10.07 12.95 -36.40
N GLU D 123 8.88 13.49 -36.66
CA GLU D 123 8.62 14.89 -36.38
C GLU D 123 8.78 15.19 -34.89
N GLN D 124 8.25 14.31 -34.03
CA GLN D 124 8.36 14.51 -32.59
C GLN D 124 9.83 14.52 -32.16
N LEU D 125 10.61 13.59 -32.68
CA LEU D 125 12.02 13.53 -32.34
C LEU D 125 12.72 14.80 -32.75
N TYR D 126 12.53 15.23 -34.00
CA TYR D 126 13.17 16.45 -34.49
C TYR D 126 12.77 17.65 -33.65
N GLN D 127 11.48 17.76 -33.33
CA GLN D 127 11.01 18.88 -32.52
C GLN D 127 11.65 18.88 -31.14
N ALA D 128 11.76 17.71 -30.52
CA ALA D 128 12.39 17.63 -29.20
C ALA D 128 13.84 18.08 -29.25
N ILE D 129 14.60 17.56 -30.22
CA ILE D 129 16.01 17.93 -30.31
C ILE D 129 16.18 19.42 -30.54
N PHE D 130 15.40 19.96 -31.48
CA PHE D 130 15.53 21.38 -31.81
C PHE D 130 15.07 22.24 -30.65
N TYR D 131 14.05 21.80 -29.90
CA TYR D 131 13.62 22.54 -28.73
C TYR D 131 14.72 22.61 -27.69
N ALA D 132 15.39 21.47 -27.44
CA ALA D 132 16.50 21.49 -26.49
C ALA D 132 17.55 22.50 -26.91
N VAL D 133 17.98 22.44 -28.17
CA VAL D 133 19.06 23.34 -28.61
C VAL D 133 18.59 24.80 -28.56
N ASP D 134 17.37 25.09 -29.04
CA ASP D 134 16.86 26.45 -29.06
C ASP D 134 16.77 27.02 -27.65
N GLN D 135 16.26 26.24 -26.70
CA GLN D 135 16.17 26.71 -25.33
C GLN D 135 17.56 26.97 -24.77
N TYR D 136 18.52 26.12 -25.11
CA TYR D 136 19.89 26.36 -24.67
C TYR D 136 20.39 27.71 -25.18
N LEU D 137 20.11 28.04 -26.43
CA LEU D 137 20.67 29.26 -27.01
C LEU D 137 20.05 30.54 -26.42
N ILE D 138 18.88 30.48 -25.79
CA ILE D 138 18.26 31.65 -25.20
C ILE D 138 18.14 31.52 -23.68
N LEU D 139 18.98 30.69 -23.06
CA LEU D 139 18.86 30.45 -21.62
C LEU D 139 18.90 31.73 -20.79
N PRO D 140 19.87 32.64 -20.98
CA PRO D 140 19.91 33.82 -20.11
C PRO D 140 18.65 34.66 -20.16
N GLU D 141 17.97 34.72 -21.30
CA GLU D 141 16.78 35.55 -21.44
C GLU D 141 15.55 34.96 -20.75
N ILE D 142 15.54 33.66 -20.44
CA ILE D 142 14.33 32.98 -20.00
C ILE D 142 14.48 32.38 -18.60
N SER D 143 15.64 31.81 -18.29
CA SER D 143 15.78 31.05 -17.05
C SER D 143 15.67 31.95 -15.82
N LEU D 144 15.05 31.40 -14.77
CA LEU D 144 14.99 32.08 -13.48
C LEU D 144 16.32 31.99 -12.73
N GLY D 145 17.08 30.92 -12.95
CA GLY D 145 18.40 30.84 -12.38
C GLY D 145 19.43 31.60 -13.19
N ARG D 146 20.53 31.95 -12.53
CA ARG D 146 21.63 32.68 -13.18
C ARG D 146 22.68 31.67 -13.61
N TYR D 147 22.55 31.18 -14.84
CA TYR D 147 23.47 30.22 -15.39
C TYR D 147 24.48 30.90 -16.31
N ALA D 148 25.69 30.37 -16.33
CA ALA D 148 26.72 30.80 -17.27
C ALA D 148 27.09 29.63 -18.17
N TYR D 149 27.28 29.92 -19.45
CA TYR D 149 27.77 28.91 -20.37
C TYR D 149 29.20 28.52 -20.01
N VAL D 150 29.59 27.32 -20.42
CA VAL D 150 30.95 26.86 -20.20
C VAL D 150 31.55 26.61 -21.57
N ARG D 151 32.39 27.53 -22.04
CA ARG D 151 32.99 27.38 -23.36
C ARG D 151 33.92 26.18 -23.37
N GLY D 152 33.77 25.32 -24.36
CA GLY D 152 34.55 24.09 -24.41
C GLY D 152 34.05 22.98 -23.53
N GLY D 153 32.86 23.10 -22.95
CA GLY D 153 32.31 22.08 -22.10
C GLY D 153 31.35 21.15 -22.80
N GLY D 154 31.43 21.09 -24.13
CA GLY D 154 30.51 20.32 -24.93
C GLY D 154 30.76 18.84 -24.98
N GLY D 155 31.70 18.33 -24.19
CA GLY D 155 31.98 16.91 -24.14
C GLY D 155 33.16 16.51 -25.02
N PRO D 156 33.54 15.23 -24.95
CA PRO D 156 34.72 14.79 -25.68
C PRO D 156 34.60 14.93 -27.19
N TRP D 157 33.40 14.78 -27.76
CA TRP D 157 33.18 14.92 -29.19
C TRP D 157 33.01 16.38 -29.59
N ALA D 158 32.97 17.30 -28.64
CA ALA D 158 33.07 18.71 -28.91
C ALA D 158 34.51 19.04 -29.28
N ASN D 159 34.67 20.02 -30.18
CA ASN D 159 36.00 20.43 -30.61
C ASN D 159 36.25 21.85 -30.15
N GLY D 160 35.90 22.13 -28.89
CA GLY D 160 35.97 23.48 -28.35
C GLY D 160 34.64 24.19 -28.26
N SER D 161 33.58 23.62 -28.80
CA SER D 161 32.27 24.24 -28.74
C SER D 161 31.58 23.90 -27.42
N ALA D 162 30.65 24.75 -26.99
CA ALA D 162 29.99 24.55 -25.70
C ALA D 162 28.87 23.53 -25.70
N LEU D 163 28.28 23.26 -26.86
CA LEU D 163 27.25 22.24 -26.96
C LEU D 163 27.57 21.30 -28.11
N ALA D 164 27.47 20.01 -27.85
CA ALA D 164 27.67 18.98 -28.86
C ALA D 164 26.35 18.26 -29.10
N LEU D 165 25.96 18.17 -30.37
CA LEU D 165 24.76 17.47 -30.78
C LEU D 165 25.20 16.28 -31.63
N CYS D 166 25.24 15.10 -31.01
CA CYS D 166 25.81 13.91 -31.63
C CYS D 166 24.72 12.89 -31.94
N GLN D 167 24.77 12.31 -33.13
CA GLN D 167 23.99 11.14 -33.46
C GLN D 167 24.94 9.99 -33.78
N ARG D 168 24.60 8.80 -33.28
CA ARG D 168 25.40 7.61 -33.49
C ARG D 168 24.58 6.57 -34.25
N TYR D 169 25.20 5.96 -35.25
CA TYR D 169 24.51 4.99 -36.09
C TYR D 169 25.49 3.92 -36.52
N TYR D 170 24.94 2.81 -37.03
CA TYR D 170 25.79 1.73 -37.52
C TYR D 170 26.55 2.17 -38.75
N HIS D 171 27.80 1.69 -38.86
CA HIS D 171 28.63 2.05 -40.01
C HIS D 171 27.93 1.72 -41.32
N ARG D 172 27.35 0.52 -41.42
CA ARG D 172 26.52 0.13 -42.56
C ARG D 172 25.20 -0.41 -42.04
N GLY D 173 24.11 0.13 -42.54
CA GLY D 173 22.78 -0.36 -42.19
C GLY D 173 21.89 -0.45 -43.40
N HIS D 174 21.39 -1.65 -43.68
CA HIS D 174 20.56 -1.92 -44.86
C HIS D 174 19.31 -2.69 -44.45
N VAL D 175 18.59 -2.17 -43.46
CA VAL D 175 17.44 -2.86 -42.87
C VAL D 175 16.28 -2.83 -43.88
N ASP D 176 15.91 -4.00 -44.38
CA ASP D 176 14.85 -4.13 -45.38
C ASP D 176 13.89 -5.22 -44.91
N PRO D 177 13.02 -4.90 -43.95
CA PRO D 177 12.06 -5.91 -43.48
C PRO D 177 11.15 -6.41 -44.57
N ALA D 178 10.85 -5.58 -45.58
CA ALA D 178 9.97 -6.00 -46.66
C ALA D 178 10.41 -7.32 -47.27
N ASN D 179 11.71 -7.51 -47.44
CA ASN D 179 12.25 -8.73 -48.00
C ASN D 179 12.89 -9.65 -46.95
N ASP D 180 12.66 -9.37 -45.66
CA ASP D 180 13.24 -10.17 -44.59
C ASP D 180 14.76 -10.26 -44.74
N THR D 181 15.37 -9.15 -45.12
CA THR D 181 16.80 -9.07 -45.34
C THR D 181 17.39 -7.91 -44.55
N PHE D 182 18.65 -8.04 -44.18
CA PHE D 182 19.40 -6.92 -43.65
C PHE D 182 20.89 -7.16 -43.89
N ASP D 183 21.65 -6.05 -43.91
CA ASP D 183 23.10 -6.09 -44.10
C ASP D 183 23.62 -5.06 -43.11
N ILE D 184 24.34 -5.47 -42.07
CA ILE D 184 24.75 -4.59 -40.98
C ILE D 184 26.25 -4.70 -40.77
N ASP D 185 26.91 -3.56 -40.66
CA ASP D 185 28.24 -3.48 -40.06
C ASP D 185 28.07 -2.84 -38.69
N PRO D 186 28.13 -3.61 -37.60
CA PRO D 186 27.75 -3.06 -36.29
C PRO D 186 28.66 -1.98 -35.75
N ARG D 187 29.69 -1.58 -36.49
CA ARG D 187 30.55 -0.49 -36.06
C ARG D 187 29.73 0.77 -35.79
N VAL D 188 30.03 1.44 -34.69
CA VAL D 188 29.29 2.63 -34.27
C VAL D 188 29.99 3.86 -34.83
N VAL D 189 29.27 4.63 -35.64
CA VAL D 189 29.77 5.88 -36.20
C VAL D 189 29.16 7.05 -35.44
N THR D 190 29.98 8.00 -35.04
CA THR D 190 29.53 9.19 -34.33
C THR D 190 29.64 10.39 -35.25
N ASP D 191 28.52 11.08 -35.46
CA ASP D 191 28.47 12.28 -36.28
C ASP D 191 28.07 13.44 -35.37
N CYS D 192 28.92 14.45 -35.28
CA CYS D 192 28.80 15.50 -34.28
C CYS D 192 28.56 16.85 -34.93
N ILE D 193 27.69 17.65 -34.32
CA ILE D 193 27.46 19.02 -34.71
C ILE D 193 27.78 19.91 -33.52
N GLN D 194 28.62 20.92 -33.74
CA GLN D 194 29.05 21.84 -32.70
C GLN D 194 28.16 23.07 -32.70
N VAL D 195 27.69 23.45 -31.52
CA VAL D 195 26.88 24.64 -31.33
C VAL D 195 27.54 25.53 -30.30
N ASP D 196 27.56 26.83 -30.54
CA ASP D 196 28.12 27.77 -29.59
C ASP D 196 27.08 28.80 -29.18
N PRO D 197 27.10 29.24 -27.93
CA PRO D 197 26.14 30.28 -27.50
C PRO D 197 26.48 31.61 -28.08
N PRO D 198 25.52 32.53 -28.25
CA PRO D 198 25.90 33.87 -28.71
C PRO D 198 26.66 34.58 -27.59
N ASP D 199 27.73 35.24 -27.95
CA ASP D 199 28.53 35.94 -26.96
C ASP D 199 27.88 37.24 -26.49
N ARG D 200 26.62 37.46 -26.86
CA ARG D 200 25.87 38.66 -26.48
C ARG D 200 26.71 39.92 -26.65
N ALA D 216 20.04 27.20 -37.61
CA ALA D 216 21.45 27.35 -37.99
C ALA D 216 22.02 26.03 -38.48
N SER D 217 23.27 25.77 -38.13
CA SER D 217 23.90 24.52 -38.54
C SER D 217 23.16 23.32 -37.98
N TYR D 218 22.78 23.38 -36.70
CA TYR D 218 22.06 22.27 -36.08
C TYR D 218 20.67 22.10 -36.67
N LYS D 219 20.11 23.14 -37.29
CA LYS D 219 18.78 23.03 -37.87
C LYS D 219 18.75 22.09 -39.06
N ASN D 220 19.90 21.80 -39.68
CA ASN D 220 19.98 20.94 -40.84
C ASN D 220 20.26 19.49 -40.48
N LEU D 221 20.10 19.12 -39.21
CA LEU D 221 20.34 17.74 -38.80
C LEU D 221 19.45 16.79 -39.58
N THR D 222 20.05 15.74 -40.13
CA THR D 222 19.32 14.68 -40.82
C THR D 222 19.64 13.37 -40.12
N LEU D 223 18.66 12.80 -39.44
CA LEU D 223 18.86 11.59 -38.67
C LEU D 223 18.69 10.36 -39.56
N LYS D 224 19.61 9.41 -39.41
CA LYS D 224 19.53 8.13 -40.10
C LYS D 224 18.69 7.16 -39.26
N PHE D 225 17.37 7.31 -39.37
CA PHE D 225 16.45 6.65 -38.44
C PHE D 225 16.60 5.14 -38.48
N HIS D 226 16.72 4.55 -39.67
CA HIS D 226 16.67 3.11 -39.78
C HIS D 226 17.87 2.44 -39.11
N LYS D 227 18.99 3.15 -38.99
CA LYS D 227 20.17 2.59 -38.33
C LYS D 227 20.63 3.44 -37.16
N LEU D 228 19.79 4.35 -36.68
CA LEU D 228 20.15 5.21 -35.57
C LEU D 228 20.25 4.40 -34.28
N ILE D 229 21.30 4.67 -33.52
CA ILE D 229 21.47 4.08 -32.20
C ILE D 229 20.99 5.01 -31.09
N ASN D 230 21.53 6.22 -31.05
CA ASN D 230 21.02 7.25 -30.13
C ASN D 230 21.45 8.61 -30.62
N VAL D 231 20.84 9.63 -30.04
CA VAL D 231 21.26 11.03 -30.17
C VAL D 231 21.49 11.57 -28.77
N THR D 232 22.55 12.36 -28.62
CA THR D 232 22.88 12.96 -27.34
C THR D 232 23.16 14.45 -27.51
N ILE D 233 22.86 15.20 -26.46
CA ILE D 233 23.18 16.62 -26.37
C ILE D 233 23.98 16.81 -25.08
N HIS D 234 25.21 17.28 -25.22
CA HIS D 234 26.10 17.47 -24.07
C HIS D 234 26.42 18.96 -23.95
N PHE D 235 26.24 19.50 -22.74
CA PHE D 235 26.66 20.85 -22.46
C PHE D 235 26.76 21.04 -20.95
N GLN D 236 27.40 22.13 -20.55
CA GLN D 236 27.67 22.42 -19.15
C GLN D 236 27.14 23.79 -18.78
N LEU D 237 26.66 23.93 -17.55
CA LEU D 237 26.18 25.19 -17.02
C LEU D 237 26.77 25.41 -15.64
N LYS D 238 27.06 26.66 -15.31
CA LYS D 238 27.67 27.05 -14.05
C LYS D 238 26.74 27.96 -13.28
N THR D 239 26.59 27.70 -11.99
CA THR D 239 25.73 28.53 -11.14
C THR D 239 26.26 28.49 -9.71
N ILE D 240 25.84 29.48 -8.93
CA ILE D 240 26.31 29.67 -7.55
C ILE D 240 25.20 29.27 -6.59
N ASN D 241 25.55 28.48 -5.58
CA ASN D 241 24.58 28.08 -4.56
C ASN D 241 24.53 29.15 -3.47
N LEU D 242 23.75 30.20 -3.75
CA LEU D 242 23.68 31.34 -2.85
C LEU D 242 23.00 30.98 -1.53
N GLN D 243 22.14 29.95 -1.52
CA GLN D 243 21.39 29.64 -0.31
C GLN D 243 22.30 29.22 0.85
N SER D 244 23.55 28.86 0.56
CA SER D 244 24.47 28.50 1.64
C SER D 244 24.72 29.67 2.59
N LEU D 245 24.40 30.89 2.18
CA LEU D 245 24.55 32.04 3.06
C LEU D 245 23.70 31.91 4.32
N ILE D 246 22.55 31.25 4.24
CA ILE D 246 21.71 31.06 5.41
C ILE D 246 22.41 30.24 6.47
N ASN D 247 23.47 29.54 6.10
CA ASN D 247 24.23 28.73 7.04
C ASN D 247 25.56 29.39 7.35
N ASN D 248 25.68 30.68 7.05
CA ASN D 248 26.91 31.43 7.29
C ASN D 248 28.10 30.79 6.60
N GLU D 249 27.84 30.21 5.43
CA GLU D 249 28.92 29.65 4.64
C GLU D 249 29.08 30.43 3.37
N ILE D 250 30.28 30.39 2.80
CA ILE D 250 30.55 31.08 1.55
C ILE D 250 30.06 30.17 0.42
N PRO D 251 29.25 30.72 -0.49
CA PRO D 251 28.76 29.92 -1.63
C PRO D 251 29.81 29.30 -2.51
N ASP D 252 29.55 28.09 -3.00
CA ASP D 252 30.46 27.40 -3.91
C ASP D 252 29.98 27.57 -5.35
N CYS D 253 30.90 27.32 -6.28
CA CYS D 253 30.58 27.29 -7.70
C CYS D 253 30.21 25.86 -8.08
N TYR D 254 29.04 25.69 -8.69
CA TYR D 254 28.57 24.40 -9.18
C TYR D 254 28.64 24.39 -10.69
N THR D 255 29.22 23.34 -11.25
CA THR D 255 29.22 23.11 -12.69
C THR D 255 28.37 21.87 -12.95
N PHE D 256 27.24 22.06 -13.61
CA PHE D 256 26.38 20.95 -13.99
C PHE D 256 26.74 20.49 -15.39
N SER D 257 27.01 19.21 -15.53
CA SER D 257 27.20 18.59 -16.84
C SER D 257 25.90 17.93 -17.23
N ILE D 258 25.29 18.41 -18.30
CA ILE D 258 23.94 18.02 -18.70
C ILE D 258 24.05 17.11 -19.91
N LEU D 259 23.44 15.93 -19.82
CA LEU D 259 23.39 15.00 -20.92
C LEU D 259 21.93 14.66 -21.20
N ILE D 260 21.49 14.88 -22.44
CA ILE D 260 20.16 14.52 -22.88
C ILE D 260 20.29 13.41 -23.90
N THR D 261 19.59 12.31 -23.67
CA THR D 261 19.71 11.12 -24.50
C THR D 261 18.38 10.80 -25.14
N PHE D 262 18.38 10.66 -26.46
CA PHE D 262 17.26 10.11 -27.21
C PHE D 262 17.66 8.69 -27.62
N ASP D 263 17.21 7.70 -26.85
CA ASP D 263 17.74 6.35 -26.92
C ASP D 263 16.93 5.51 -27.89
N ASN D 264 17.55 5.12 -29.01
CA ASN D 264 16.93 4.22 -29.97
C ASN D 264 17.56 2.84 -29.96
N LYS D 265 18.28 2.48 -28.89
CA LYS D 265 19.00 1.20 -28.88
C LYS D 265 18.08 0.01 -29.10
N ALA D 266 16.80 0.12 -28.74
CA ALA D 266 15.87 -0.99 -28.94
C ALA D 266 15.35 -1.10 -30.36
N HIS D 267 15.42 -0.02 -31.15
CA HIS D 267 14.88 0.00 -32.50
C HIS D 267 13.41 -0.44 -32.53
N SER D 268 12.64 0.00 -31.54
CA SER D 268 11.29 -0.51 -31.33
C SER D 268 10.20 0.47 -31.74
N GLY D 269 10.54 1.56 -32.42
CA GLY D 269 9.56 2.56 -32.76
C GLY D 269 9.21 3.52 -31.65
N ARG D 270 9.84 3.39 -30.49
CA ARG D 270 9.61 4.28 -29.35
C ARG D 270 10.98 4.71 -28.83
N ILE D 271 11.21 6.02 -28.78
CA ILE D 271 12.53 6.52 -28.36
C ILE D 271 12.47 7.25 -27.02
N PRO D 272 12.84 6.55 -25.93
CA PRO D 272 12.86 7.19 -24.62
C PRO D 272 13.77 8.40 -24.54
N ILE D 273 13.32 9.46 -23.89
CA ILE D 273 14.10 10.67 -23.75
C ILE D 273 14.32 10.94 -22.27
N ARG D 274 15.58 11.14 -21.88
CA ARG D 274 15.93 11.38 -20.50
C ARG D 274 17.00 12.46 -20.41
N LEU D 275 17.08 13.08 -19.24
CA LEU D 275 18.09 14.10 -18.96
C LEU D 275 18.79 13.74 -17.66
N GLU D 276 20.12 13.68 -17.70
CA GLU D 276 20.93 13.38 -16.54
C GLU D 276 21.95 14.48 -16.34
N THR D 277 22.33 14.69 -15.08
CA THR D 277 23.32 15.72 -14.72
C THR D 277 24.37 15.14 -13.81
N LYS D 278 25.63 15.47 -14.08
CA LYS D 278 26.72 15.34 -13.12
C LYS D 278 27.01 16.70 -12.52
N THR D 279 27.40 16.71 -11.25
CA THR D 279 27.66 17.95 -10.54
C THR D 279 29.11 17.96 -10.05
N HIS D 280 29.80 19.06 -10.30
CA HIS D 280 31.13 19.30 -9.78
C HIS D 280 31.13 20.56 -8.93
N ILE D 281 31.54 20.43 -7.68
CA ILE D 281 31.53 21.53 -6.72
C ILE D 281 32.97 21.99 -6.50
N GLN D 282 33.19 23.30 -6.62
CA GLN D 282 34.48 23.88 -6.33
C GLN D 282 34.26 25.30 -5.81
N GLU D 283 35.26 25.81 -5.10
CA GLU D 283 35.13 27.14 -4.51
C GLU D 283 35.27 28.22 -5.58
N CYS D 284 34.58 29.34 -5.34
CA CYS D 284 34.66 30.45 -6.27
C CYS D 284 36.02 31.10 -6.23
N LYS D 285 36.46 31.63 -7.37
CA LYS D 285 37.76 32.27 -7.44
C LYS D 285 37.78 33.58 -6.66
N HIS D 286 36.75 34.40 -6.82
CA HIS D 286 36.68 35.71 -6.17
C HIS D 286 35.34 35.84 -5.46
N PRO D 287 35.21 35.22 -4.29
CA PRO D 287 34.00 35.41 -3.49
C PRO D 287 34.13 36.64 -2.59
N SER D 288 32.98 37.22 -2.28
CA SER D 288 32.94 38.41 -1.42
C SER D 288 31.54 38.48 -0.80
N VAL D 289 31.47 38.28 0.50
CA VAL D 289 30.24 38.41 1.28
C VAL D 289 30.49 39.46 2.36
N SER D 290 29.58 40.41 2.53
CA SER D 290 29.81 41.53 3.44
C SER D 290 29.66 41.14 4.91
N ARG D 291 28.59 40.42 5.24
CA ARG D 291 28.33 40.13 6.66
C ARG D 291 29.40 39.23 7.28
N HIS D 292 29.47 37.98 6.81
CA HIS D 292 30.46 37.00 7.31
C HIS D 292 31.23 37.35 8.59
N PHE D 297 32.71 28.94 14.49
CA PHE D 297 32.24 28.47 15.77
C PHE D 297 32.28 26.94 15.72
N ARG D 298 31.78 26.36 14.63
CA ARG D 298 31.72 24.91 14.62
C ARG D 298 33.06 24.28 14.26
N LEU D 299 34.02 25.07 13.78
CA LEU D 299 35.38 24.56 13.67
C LEU D 299 35.94 24.21 15.03
N LEU D 300 35.45 24.86 16.08
CA LEU D 300 35.84 24.50 17.44
C LEU D 300 34.99 23.36 17.98
N PHE D 301 33.73 23.26 17.55
CA PHE D 301 32.89 22.14 17.97
C PHE D 301 33.41 20.83 17.39
N ASP D 302 33.93 20.87 16.16
CA ASP D 302 34.55 19.69 15.60
C ASP D 302 35.79 19.29 16.38
N VAL D 303 36.57 20.27 16.84
CA VAL D 303 37.73 19.97 17.67
C VAL D 303 37.29 19.36 19.00
N VAL D 304 36.21 19.87 19.57
CA VAL D 304 35.68 19.31 20.81
C VAL D 304 35.27 17.85 20.61
N VAL D 305 34.57 17.57 19.52
CA VAL D 305 34.19 16.20 19.21
C VAL D 305 35.43 15.33 19.06
N ILE D 306 36.45 15.85 18.36
CA ILE D 306 37.67 15.08 18.12
C ILE D 306 38.36 14.76 19.44
N LEU D 307 38.44 15.73 20.34
CA LEU D 307 39.11 15.50 21.62
C LEU D 307 38.32 14.51 22.48
N THR D 308 36.99 14.63 22.51
CA THR D 308 36.19 13.68 23.27
C THR D 308 36.39 12.27 22.74
N CYS D 309 36.37 12.10 21.42
CA CYS D 309 36.52 10.77 20.85
C CYS D 309 37.93 10.23 21.03
N SER D 310 38.94 11.11 21.00
CA SER D 310 40.31 10.68 21.29
C SER D 310 40.41 10.18 22.73
N LEU D 311 39.81 10.90 23.68
CA LEU D 311 39.85 10.46 25.07
C LEU D 311 39.17 9.10 25.22
N SER D 312 37.99 8.94 24.61
CA SER D 312 37.31 7.65 24.68
C SER D 312 38.17 6.55 24.06
N PHE D 313 38.79 6.82 22.92
CA PHE D 313 39.64 5.84 22.28
C PHE D 313 40.80 5.43 23.18
N LEU D 314 41.44 6.41 23.82
CA LEU D 314 42.57 6.10 24.68
C LEU D 314 42.15 5.25 25.86
N LEU D 315 41.05 5.62 26.52
CA LEU D 315 40.59 4.85 27.67
C LEU D 315 40.21 3.43 27.26
N CYS D 316 39.51 3.28 26.14
CA CYS D 316 39.10 1.95 25.70
C CYS D 316 40.30 1.09 25.31
N ALA D 317 41.30 1.69 24.67
CA ALA D 317 42.51 0.93 24.32
C ALA D 317 43.25 0.50 25.58
N ARG D 318 43.31 1.37 26.59
CA ARG D 318 43.93 1.00 27.85
C ARG D 318 43.19 -0.18 28.48
N SER D 319 41.85 -0.15 28.44
CA SER D 319 41.08 -1.26 28.97
C SER D 319 41.35 -2.55 28.19
N LEU D 320 41.48 -2.45 26.87
CA LEU D 320 41.76 -3.65 26.07
C LEU D 320 43.13 -4.23 26.39
N LEU D 321 44.14 -3.37 26.55
CA LEU D 321 45.47 -3.85 26.93
C LEU D 321 45.43 -4.50 28.32
N ARG D 322 44.65 -3.92 29.22
CA ARG D 322 44.51 -4.48 30.55
C ARG D 322 43.90 -5.86 30.47
N GLY D 323 42.85 -6.01 29.66
CA GLY D 323 42.23 -7.31 29.48
C GLY D 323 43.18 -8.33 28.90
N PHE D 324 43.99 -7.92 27.92
CA PHE D 324 44.96 -8.83 27.33
C PHE D 324 45.96 -9.30 28.37
N LEU D 325 46.49 -8.37 29.18
CA LEU D 325 47.46 -8.73 30.20
C LEU D 325 46.84 -9.67 31.23
N LEU D 326 45.62 -9.36 31.67
CA LEU D 326 44.94 -10.21 32.65
C LEU D 326 44.71 -11.61 32.09
N GLN D 327 44.31 -11.69 30.82
CA GLN D 327 44.09 -12.98 30.20
C GLN D 327 45.38 -13.79 30.16
N ASN D 328 46.48 -13.12 29.83
CA ASN D 328 47.76 -13.79 29.73
C ASN D 328 48.27 -14.28 31.08
N GLU D 329 48.09 -13.51 32.13
CA GLU D 329 48.48 -13.93 33.46
C GLU D 329 47.60 -15.06 33.97
N PHE D 330 46.29 -14.96 33.80
CA PHE D 330 45.39 -16.02 34.23
C PHE D 330 45.67 -17.31 33.48
N VAL D 331 45.94 -17.20 32.18
CA VAL D 331 46.16 -18.38 31.36
C VAL D 331 47.43 -19.11 31.78
N VAL D 332 48.51 -18.37 32.10
CA VAL D 332 49.70 -19.06 32.55
C VAL D 332 49.53 -19.61 33.94
N PHE D 333 48.79 -18.92 34.81
CA PHE D 333 48.54 -19.50 36.13
C PHE D 333 47.74 -20.79 36.02
N MET D 334 46.79 -20.85 35.08
CA MET D 334 46.02 -22.06 34.87
C MET D 334 46.91 -23.17 34.32
N TRP D 335 47.77 -22.83 33.38
CA TRP D 335 48.72 -23.82 32.85
C TRP D 335 49.60 -24.36 33.97
N ARG D 336 49.82 -23.55 35.01
CA ARG D 336 50.55 -24.05 36.18
C ARG D 336 49.66 -24.92 37.07
N ARG D 337 48.38 -24.59 37.19
CA ARG D 337 47.50 -25.34 38.08
C ARG D 337 47.23 -26.73 37.54
N ARG D 338 47.19 -26.87 36.21
CA ARG D 338 46.94 -28.16 35.57
C ARG D 338 47.89 -28.26 34.40
N GLY D 339 47.59 -29.15 33.45
CA GLY D 339 48.42 -29.26 32.27
C GLY D 339 48.62 -27.93 31.56
N ARG D 340 49.62 -27.87 30.74
CA ARG D 340 49.83 -26.66 29.96
C ARG D 340 48.99 -26.62 28.70
N GLU D 341 48.59 -25.40 28.31
CA GLU D 341 47.73 -25.21 27.12
C GLU D 341 46.33 -25.75 27.35
N ILE D 342 45.75 -25.47 28.51
CA ILE D 342 44.37 -25.90 28.77
C ILE D 342 43.38 -25.03 27.99
N SER D 343 43.59 -23.71 28.01
CA SER D 343 42.57 -22.77 27.58
C SER D 343 42.70 -22.48 26.09
N LEU D 344 41.61 -22.64 25.35
CA LEU D 344 41.59 -22.35 23.92
C LEU D 344 40.72 -21.15 23.57
N TRP D 345 39.57 -20.99 24.21
CA TRP D 345 38.63 -19.94 23.81
C TRP D 345 38.29 -18.93 24.91
N GLU D 346 38.46 -19.29 26.16
CA GLU D 346 38.20 -18.32 27.24
C GLU D 346 39.10 -17.10 27.10
N ARG D 347 40.27 -17.26 26.48
CA ARG D 347 41.08 -16.12 26.11
C ARG D 347 40.24 -15.09 25.36
N LEU D 348 39.46 -15.56 24.39
CA LEU D 348 38.59 -14.65 23.65
C LEU D 348 37.50 -14.07 24.54
N GLU D 349 37.02 -14.86 25.48
CA GLU D 349 36.02 -14.36 26.43
C GLU D 349 36.60 -13.17 27.20
N PHE D 350 37.91 -13.16 27.43
CA PHE D 350 38.50 -12.01 28.11
C PHE D 350 38.37 -10.74 27.29
N VAL D 351 38.20 -10.87 25.98
CA VAL D 351 38.05 -9.71 25.10
C VAL D 351 36.59 -9.28 25.11
N ASN D 352 36.33 -8.04 25.51
CA ASN D 352 34.99 -7.49 25.49
C ASN D 352 34.81 -6.65 24.23
N GLY D 353 33.85 -7.03 23.40
CA GLY D 353 33.62 -6.39 22.12
C GLY D 353 33.00 -5.03 22.17
N TRP D 354 32.53 -4.62 23.32
CA TRP D 354 31.99 -3.30 23.40
C TRP D 354 33.07 -2.24 23.27
N TYR D 355 34.25 -2.50 23.83
CA TYR D 355 35.36 -1.56 23.71
C TYR D 355 35.88 -1.55 22.30
N ILE D 356 35.87 -2.69 21.63
CA ILE D 356 36.23 -2.72 20.22
C ILE D 356 35.25 -1.89 19.41
N LEU D 357 33.96 -2.03 19.70
CA LEU D 357 32.94 -1.25 18.99
C LEU D 357 33.16 0.23 19.25
N LEU D 358 33.50 0.58 20.48
CA LEU D 358 33.68 1.98 20.84
C LEU D 358 34.88 2.53 20.10
N VAL D 359 35.98 1.79 20.06
CA VAL D 359 37.17 2.25 19.35
C VAL D 359 36.87 2.44 17.87
N THR D 360 36.13 1.50 17.27
CA THR D 360 35.74 1.65 15.87
C THR D 360 34.91 2.90 15.67
N SER D 361 33.95 3.13 16.57
CA SER D 361 33.11 4.32 16.46
C SER D 361 33.93 5.59 16.63
N ASP D 362 34.89 5.60 17.54
CA ASP D 362 35.76 6.76 17.72
C ASP D 362 36.54 7.05 16.44
N VAL D 363 37.11 6.01 15.84
CA VAL D 363 37.89 6.20 14.61
C VAL D 363 37.01 6.74 13.49
N LEU D 364 35.80 6.17 13.35
CA LEU D 364 34.89 6.63 12.32
C LEU D 364 34.47 8.07 12.57
N THR D 365 34.18 8.42 13.83
CA THR D 365 33.79 9.78 14.15
C THR D 365 34.91 10.77 13.87
N ILE D 366 36.14 10.40 14.21
CA ILE D 366 37.28 11.29 13.94
C ILE D 366 37.46 11.47 12.44
N SER D 367 37.38 10.38 11.68
CA SER D 367 37.53 10.49 10.23
C SER D 367 36.44 11.37 9.63
N GLY D 368 35.19 11.16 10.07
CA GLY D 368 34.10 12.01 9.59
C GLY D 368 34.30 13.46 9.97
N THR D 369 34.74 13.74 11.19
CA THR D 369 34.95 15.10 11.62
C THR D 369 36.05 15.77 10.81
N VAL D 370 37.14 15.05 10.53
CA VAL D 370 38.22 15.60 9.73
C VAL D 370 37.75 15.88 8.32
N MET D 371 36.98 14.96 7.74
CA MET D 371 36.45 15.19 6.40
C MET D 371 35.49 16.38 6.39
N LYS D 372 34.68 16.53 7.43
CA LYS D 372 33.78 17.68 7.53
C LYS D 372 34.55 18.99 7.62
N ILE D 373 35.63 19.00 8.40
CA ILE D 373 36.49 20.17 8.48
C ILE D 373 37.10 20.49 7.11
N GLY D 374 37.52 19.46 6.39
CA GLY D 374 38.04 19.68 5.05
C GLY D 374 36.99 20.26 4.10
N ILE D 375 35.76 19.76 4.20
CA ILE D 375 34.69 20.28 3.36
C ILE D 375 34.40 21.73 3.68
N GLU D 376 34.32 22.07 4.97
CA GLU D 376 34.10 23.46 5.36
C GLU D 376 35.24 24.32 4.87
N ALA D 377 36.47 23.84 5.03
CA ALA D 377 37.63 24.57 4.55
C ALA D 377 37.67 24.66 3.03
N LYS D 378 36.79 23.94 2.33
CA LYS D 378 36.67 23.95 0.88
C LYS D 378 37.77 23.15 0.19
N ASN D 379 38.50 22.33 0.94
CA ASN D 379 39.48 21.42 0.34
C ASN D 379 38.85 20.12 -0.13
N LEU D 380 37.58 19.88 0.20
CA LEU D 380 36.90 18.64 -0.13
C LEU D 380 35.44 18.93 -0.43
N ALA D 381 34.89 18.24 -1.43
CA ALA D 381 33.44 18.19 -1.62
C ALA D 381 33.07 16.71 -1.80
N SER D 382 32.96 16.00 -0.68
CA SER D 382 32.40 14.65 -0.67
C SER D 382 31.39 14.63 0.46
N TYR D 383 30.20 15.13 0.18
CA TYR D 383 29.19 15.26 1.23
C TYR D 383 28.59 13.92 1.58
N ASP D 384 28.43 13.03 0.60
CA ASP D 384 27.81 11.74 0.87
C ASP D 384 28.71 10.87 1.75
N VAL D 385 30.00 10.82 1.45
CA VAL D 385 30.93 10.04 2.26
C VAL D 385 30.95 10.56 3.69
N CYS D 386 31.03 11.88 3.85
CA CYS D 386 31.04 12.47 5.18
C CYS D 386 29.75 12.19 5.93
N SER D 387 28.62 12.32 5.23
CA SER D 387 27.33 12.05 5.88
C SER D 387 27.26 10.61 6.33
N ILE D 388 27.74 9.68 5.51
CA ILE D 388 27.70 8.27 5.88
C ILE D 388 28.59 8.01 7.10
N LEU D 389 29.81 8.56 7.09
CA LEU D 389 30.69 8.37 8.23
C LEU D 389 30.07 8.91 9.51
N LEU D 390 29.54 10.13 9.46
CA LEU D 390 28.97 10.75 10.65
C LEU D 390 27.72 10.01 11.12
N GLY D 391 26.85 9.60 10.18
CA GLY D 391 25.64 8.90 10.57
C GLY D 391 25.91 7.53 11.17
N THR D 392 26.80 6.76 10.54
CA THR D 392 27.18 5.47 11.11
C THR D 392 27.82 5.65 12.48
N SER D 393 28.64 6.67 12.62
CA SER D 393 29.26 6.95 13.91
C SER D 393 28.18 7.25 14.94
N THR D 394 27.20 8.07 14.59
CA THR D 394 26.13 8.41 15.52
C THR D 394 25.37 7.17 15.96
N LEU D 395 25.04 6.29 15.01
CA LEU D 395 24.34 5.06 15.34
C LEU D 395 25.17 4.22 16.31
N LEU D 396 26.47 4.07 16.02
CA LEU D 396 27.33 3.24 16.86
C LEU D 396 27.51 3.85 18.23
N VAL D 397 27.61 5.18 18.31
CA VAL D 397 27.78 5.85 19.59
C VAL D 397 26.55 5.64 20.46
N TRP D 398 25.36 5.75 19.85
CA TRP D 398 24.13 5.48 20.60
C TRP D 398 24.09 4.02 21.06
N VAL D 399 24.46 3.09 20.20
CA VAL D 399 24.38 1.67 20.53
C VAL D 399 25.36 1.31 21.65
N GLY D 400 26.56 1.89 21.61
CA GLY D 400 27.60 1.50 22.54
C GLY D 400 27.25 1.68 24.00
N VAL D 401 26.32 2.60 24.31
CA VAL D 401 25.95 2.83 25.70
C VAL D 401 25.29 1.61 26.30
N ILE D 402 24.82 0.68 25.46
CA ILE D 402 24.24 -0.57 25.94
C ILE D 402 25.23 -1.39 26.77
N ARG D 403 26.52 -1.09 26.64
CA ARG D 403 27.53 -1.80 27.43
C ARG D 403 27.18 -1.79 28.91
N TYR D 404 26.77 -0.63 29.43
CA TYR D 404 26.51 -0.47 30.86
C TYR D 404 25.17 -1.04 31.29
N LEU D 405 24.32 -1.43 30.35
CA LEU D 405 23.09 -2.13 30.71
C LEU D 405 23.28 -3.63 30.83
N THR D 406 24.37 -4.17 30.31
CA THR D 406 24.59 -5.62 30.35
C THR D 406 24.96 -6.12 31.74
N PHE D 407 25.26 -5.24 32.69
CA PHE D 407 25.54 -5.65 34.06
C PHE D 407 24.29 -5.96 34.85
N PHE D 408 23.10 -5.70 34.29
CA PHE D 408 21.84 -5.89 35.00
C PHE D 408 20.93 -6.75 34.15
N HIS D 409 20.70 -7.99 34.60
CA HIS D 409 20.05 -8.99 33.76
C HIS D 409 18.64 -8.56 33.34
N LYS D 410 17.97 -7.79 34.19
CA LYS D 410 16.63 -7.33 33.82
C LYS D 410 16.65 -6.38 32.63
N TYR D 411 17.74 -5.63 32.46
CA TYR D 411 17.88 -4.71 31.35
C TYR D 411 18.63 -5.29 30.16
N ASN D 412 19.10 -6.53 30.27
CA ASN D 412 19.95 -7.14 29.24
C ASN D 412 19.24 -8.24 28.47
N ILE D 413 17.90 -8.25 28.45
CA ILE D 413 17.17 -9.34 27.81
C ILE D 413 17.57 -9.47 26.35
N LEU D 414 17.59 -8.37 25.61
CA LEU D 414 17.88 -8.43 24.19
C LEU D 414 19.27 -9.01 23.93
N ILE D 415 20.29 -8.46 24.58
CA ILE D 415 21.66 -8.86 24.32
C ILE D 415 21.89 -10.32 24.71
N ALA D 416 21.41 -10.71 25.90
CA ALA D 416 21.60 -12.08 26.36
C ALA D 416 20.89 -13.07 25.43
N THR D 417 19.64 -12.77 25.08
CA THR D 417 18.91 -13.64 24.15
C THR D 417 19.70 -13.77 22.87
N LEU D 418 20.13 -12.64 22.30
CA LEU D 418 20.83 -12.69 21.02
C LEU D 418 22.09 -13.53 21.12
N ARG D 419 22.85 -13.39 22.19
CA ARG D 419 24.07 -14.17 22.31
C ARG D 419 23.77 -15.65 22.44
N VAL D 420 22.68 -16.03 23.02
CA VAL D 420 22.40 -17.45 23.12
C VAL D 420 21.77 -17.97 21.82
N ALA D 421 20.99 -17.14 21.13
CA ALA D 421 20.30 -17.56 19.90
C ALA D 421 21.10 -17.54 18.63
N LEU D 422 22.15 -16.73 18.59
CA LEU D 422 22.84 -16.53 17.32
C LEU D 422 23.37 -17.81 16.69
N PRO D 423 24.01 -18.74 17.41
CA PRO D 423 24.51 -19.95 16.74
C PRO D 423 23.41 -20.74 16.03
N SER D 424 22.30 -21.02 16.72
CA SER D 424 21.22 -21.77 16.09
C SER D 424 20.61 -20.98 14.94
N VAL D 425 20.49 -19.66 15.11
CA VAL D 425 19.93 -18.84 14.04
C VAL D 425 20.80 -18.90 12.79
N MET D 426 22.11 -18.80 12.96
CA MET D 426 23.01 -18.88 11.80
C MET D 426 22.96 -20.25 11.15
N ARG D 427 22.92 -21.31 11.98
CA ARG D 427 22.84 -22.64 11.41
C ARG D 427 21.55 -22.84 10.61
N PHE D 428 20.43 -22.35 11.11
CA PHE D 428 19.16 -22.41 10.38
C PHE D 428 19.21 -21.58 9.09
N CYS D 429 19.78 -20.39 9.18
CA CYS D 429 19.88 -19.54 8.01
C CYS D 429 20.77 -20.14 6.92
N CYS D 430 21.71 -21.00 7.30
CA CYS D 430 22.48 -21.70 6.28
C CYS D 430 21.57 -22.42 5.30
N CYS D 431 20.60 -23.19 5.82
CA CYS D 431 19.68 -23.90 4.95
C CYS D 431 18.67 -22.95 4.30
N VAL D 432 18.27 -21.88 4.97
CA VAL D 432 17.28 -21.02 4.35
C VAL D 432 17.90 -20.25 3.18
N ALA D 433 19.20 -20.00 3.25
CA ALA D 433 19.85 -19.17 2.23
C ALA D 433 19.78 -19.82 0.84
N VAL D 434 20.00 -21.13 0.75
CA VAL D 434 19.98 -21.78 -0.56
C VAL D 434 18.60 -21.66 -1.20
N ILE D 435 17.55 -21.90 -0.42
CA ILE D 435 16.19 -21.76 -0.95
C ILE D 435 15.95 -20.32 -1.39
N TYR D 436 16.34 -19.36 -0.55
CA TYR D 436 16.10 -17.96 -0.86
C TYR D 436 16.82 -17.54 -2.14
N LEU D 437 18.08 -17.96 -2.31
CA LEU D 437 18.84 -17.60 -3.49
C LEU D 437 18.30 -18.28 -4.75
N GLY D 438 17.89 -19.54 -4.63
CA GLY D 438 17.25 -20.20 -5.76
C GLY D 438 16.01 -19.44 -6.22
N TYR D 439 15.16 -19.05 -5.28
CA TYR D 439 13.99 -18.26 -5.63
C TYR D 439 14.38 -16.93 -6.25
N CYS D 440 15.40 -16.27 -5.68
CA CYS D 440 15.81 -14.97 -6.19
C CYS D 440 16.22 -15.06 -7.65
N PHE D 441 17.11 -16.01 -7.97
CA PHE D 441 17.57 -16.13 -9.36
C PHE D 441 16.42 -16.53 -10.29
N CYS D 442 15.59 -17.49 -9.87
CA CYS D 442 14.48 -17.92 -10.71
C CYS D 442 13.55 -16.75 -11.02
N GLY D 443 13.15 -16.00 -9.99
CA GLY D 443 12.26 -14.88 -10.21
C GLY D 443 12.90 -13.76 -11.02
N TRP D 444 14.19 -13.52 -10.80
CA TRP D 444 14.87 -12.47 -11.53
C TRP D 444 14.88 -12.74 -13.02
N ILE D 445 15.18 -13.98 -13.42
CA ILE D 445 15.28 -14.25 -14.84
C ILE D 445 13.91 -14.50 -15.46
N VAL D 446 13.10 -15.34 -14.83
CA VAL D 446 11.82 -15.74 -15.43
C VAL D 446 10.85 -14.57 -15.45
N LEU D 447 10.71 -13.85 -14.34
CA LEU D 447 9.70 -12.81 -14.20
C LEU D 447 10.23 -11.39 -14.38
N GLY D 448 11.54 -11.21 -14.42
CA GLY D 448 12.12 -9.89 -14.52
C GLY D 448 11.64 -9.12 -15.73
N PRO D 449 11.58 -9.79 -16.89
CA PRO D 449 11.05 -9.11 -18.09
C PRO D 449 9.60 -8.69 -17.97
N TYR D 450 8.78 -9.40 -17.20
CA TYR D 450 7.35 -9.14 -17.16
C TYR D 450 6.88 -8.40 -15.92
N HIS D 451 7.67 -8.38 -14.85
CA HIS D 451 7.21 -7.89 -13.55
C HIS D 451 8.08 -6.71 -13.14
N VAL D 452 7.42 -5.58 -12.84
CA VAL D 452 8.15 -4.36 -12.51
C VAL D 452 9.03 -4.57 -11.28
N LYS D 453 8.55 -5.35 -10.33
CA LYS D 453 9.28 -5.59 -9.07
C LYS D 453 10.33 -6.70 -9.14
N PHE D 454 10.56 -7.24 -10.32
CA PHE D 454 11.60 -8.26 -10.48
C PHE D 454 12.64 -7.85 -11.52
N ARG D 455 12.84 -6.55 -11.70
CA ARG D 455 13.66 -6.06 -12.80
C ARG D 455 15.14 -6.33 -12.59
N SER D 456 15.63 -6.19 -11.36
CA SER D 456 17.04 -6.37 -11.06
C SER D 456 17.20 -7.30 -9.86
N LEU D 457 18.42 -7.79 -9.67
CA LEU D 457 18.67 -8.71 -8.57
C LEU D 457 18.37 -8.05 -7.22
N SER D 458 18.86 -6.83 -7.01
CA SER D 458 18.60 -6.15 -5.75
C SER D 458 17.11 -5.89 -5.57
N MET D 459 16.40 -5.52 -6.64
CA MET D 459 14.97 -5.30 -6.54
C MET D 459 14.23 -6.61 -6.29
N VAL D 460 14.66 -7.71 -6.90
CA VAL D 460 14.06 -9.01 -6.61
C VAL D 460 14.24 -9.36 -5.15
N SER D 461 15.44 -9.12 -4.62
CA SER D 461 15.68 -9.36 -3.20
C SER D 461 14.77 -8.51 -2.32
N GLU D 462 14.61 -7.23 -2.66
CA GLU D 462 13.71 -6.38 -1.90
C GLU D 462 12.28 -6.91 -1.94
N CYS D 463 11.81 -7.31 -3.12
CA CYS D 463 10.47 -7.85 -3.26
C CYS D 463 10.27 -9.09 -2.41
N LEU D 464 11.23 -10.02 -2.47
CA LEU D 464 11.10 -11.27 -1.72
C LEU D 464 11.18 -11.02 -0.22
N PHE D 465 12.09 -10.16 0.20
CA PHE D 465 12.22 -9.84 1.63
C PHE D 465 10.94 -9.21 2.16
N SER D 466 10.35 -8.29 1.39
CA SER D 466 9.08 -7.70 1.79
C SER D 466 7.96 -8.74 1.81
N LEU D 467 7.94 -9.65 0.84
CA LEU D 467 6.93 -10.70 0.84
C LEU D 467 7.05 -11.57 2.10
N ILE D 468 8.28 -11.89 2.50
CA ILE D 468 8.47 -12.66 3.73
C ILE D 468 7.80 -11.97 4.90
N ASN D 469 7.82 -10.64 4.89
CA ASN D 469 7.24 -9.86 5.98
C ASN D 469 5.77 -9.51 5.73
N GLY D 470 5.15 -10.11 4.72
CA GLY D 470 3.75 -9.90 4.44
C GLY D 470 3.41 -8.59 3.80
N ASP D 471 4.34 -7.97 3.10
CA ASP D 471 4.17 -6.61 2.59
C ASP D 471 4.04 -6.62 1.07
N ASP D 472 3.04 -5.89 0.58
CA ASP D 472 2.87 -5.61 -0.86
C ASP D 472 2.46 -6.87 -1.63
N MET D 473 1.76 -7.78 -0.96
CA MET D 473 1.39 -9.05 -1.59
C MET D 473 0.43 -8.92 -2.75
N PHE D 474 -0.72 -8.29 -2.55
CA PHE D 474 -1.72 -8.21 -3.62
C PHE D 474 -1.20 -7.43 -4.81
N VAL D 475 -0.42 -6.37 -4.58
CA VAL D 475 0.14 -5.62 -5.70
C VAL D 475 1.08 -6.50 -6.52
N THR D 476 1.84 -7.36 -5.85
CA THR D 476 2.70 -8.30 -6.57
C THR D 476 1.89 -9.24 -7.43
N PHE D 477 0.78 -9.77 -6.91
CA PHE D 477 -0.08 -10.62 -7.73
C PHE D 477 -0.71 -9.83 -8.89
N ALA D 478 -1.16 -8.61 -8.61
CA ALA D 478 -1.91 -7.83 -9.58
C ALA D 478 -1.02 -7.39 -10.74
N ALA D 479 0.26 -7.15 -10.49
CA ALA D 479 1.16 -6.84 -11.59
C ALA D 479 1.15 -7.94 -12.64
N MET D 480 1.04 -9.20 -12.21
CA MET D 480 0.91 -10.32 -13.14
C MET D 480 -0.49 -10.43 -13.72
N GLN D 481 -1.53 -10.16 -12.92
CA GLN D 481 -2.87 -10.15 -13.49
C GLN D 481 -3.00 -9.13 -14.61
N ALA D 482 -2.36 -7.98 -14.46
CA ALA D 482 -2.56 -6.89 -15.41
C ALA D 482 -2.17 -7.29 -16.82
N GLN D 483 -1.02 -7.96 -16.97
CA GLN D 483 -0.52 -8.34 -18.28
C GLN D 483 -0.41 -9.85 -18.46
N GLN D 484 -0.59 -10.63 -17.39
CA GLN D 484 -0.54 -12.08 -17.49
C GLN D 484 0.85 -12.54 -17.94
N GLY D 485 1.82 -11.62 -17.95
CA GLY D 485 3.06 -11.88 -18.63
C GLY D 485 2.88 -12.05 -20.11
N HIS D 486 1.73 -11.63 -20.64
CA HIS D 486 1.45 -11.70 -22.08
C HIS D 486 1.54 -13.15 -22.58
N SER D 487 1.46 -14.09 -21.64
CA SER D 487 1.42 -15.51 -21.93
C SER D 487 0.84 -16.24 -20.73
N SER D 488 -0.14 -17.12 -20.95
CA SER D 488 -0.78 -17.81 -19.85
C SER D 488 0.20 -18.69 -19.09
N LEU D 489 1.21 -19.23 -19.78
CA LEU D 489 2.21 -20.06 -19.11
C LEU D 489 3.02 -19.28 -18.08
N VAL D 490 3.47 -18.07 -18.45
CA VAL D 490 4.24 -17.26 -17.53
C VAL D 490 3.38 -16.85 -16.34
N TRP D 491 2.10 -16.52 -16.58
CA TRP D 491 1.21 -16.16 -15.49
C TRP D 491 1.01 -17.32 -14.53
N LEU D 492 0.80 -18.53 -15.06
CA LEU D 492 0.65 -19.70 -14.21
C LEU D 492 1.92 -19.94 -13.40
N PHE D 493 3.09 -19.80 -14.03
CA PHE D 493 4.33 -19.95 -13.29
C PHE D 493 4.43 -18.92 -12.18
N SER D 494 4.06 -17.67 -12.45
CA SER D 494 4.09 -16.65 -11.42
C SER D 494 3.17 -17.02 -10.26
N GLN D 495 1.99 -17.55 -10.57
CA GLN D 495 1.09 -18.01 -9.51
C GLN D 495 1.78 -19.04 -8.62
N LEU D 496 2.35 -20.07 -9.23
CA LEU D 496 3.00 -21.11 -8.44
C LEU D 496 4.17 -20.54 -7.65
N TYR D 497 5.00 -19.73 -8.30
CA TYR D 497 6.17 -19.15 -7.66
C TYR D 497 5.78 -18.36 -6.43
N LEU D 498 4.80 -17.45 -6.58
CA LEU D 498 4.45 -16.56 -5.49
C LEU D 498 3.74 -17.31 -4.37
N TYR D 499 2.75 -18.14 -4.70
CA TYR D 499 2.07 -18.88 -3.64
C TYR D 499 3.05 -19.74 -2.86
N SER D 500 3.92 -20.48 -3.56
CA SER D 500 4.85 -21.36 -2.88
C SER D 500 5.82 -20.57 -2.01
N PHE D 501 6.43 -19.51 -2.55
CA PHE D 501 7.39 -18.74 -1.77
C PHE D 501 6.73 -18.14 -0.54
N ILE D 502 5.57 -17.50 -0.73
CA ILE D 502 4.92 -16.83 0.39
C ILE D 502 4.54 -17.84 1.46
N SER D 503 3.90 -18.94 1.08
CA SER D 503 3.44 -19.90 2.10
C SER D 503 4.60 -20.59 2.81
N LEU D 504 5.66 -20.92 2.09
CA LEU D 504 6.82 -21.49 2.73
C LEU D 504 7.45 -20.51 3.71
N PHE D 505 7.79 -19.31 3.23
CA PHE D 505 8.62 -18.43 4.05
C PHE D 505 7.83 -17.83 5.21
N ILE D 506 6.56 -17.46 4.98
CA ILE D 506 5.77 -16.89 6.08
C ILE D 506 5.45 -17.96 7.11
N TYR D 507 4.95 -19.12 6.68
CA TYR D 507 4.40 -20.07 7.62
C TYR D 507 5.43 -21.00 8.24
N MET D 508 6.50 -21.37 7.53
CA MET D 508 7.47 -22.30 8.07
C MET D 508 8.76 -21.59 8.49
N VAL D 509 9.39 -20.87 7.56
CA VAL D 509 10.71 -20.32 7.84
C VAL D 509 10.64 -19.28 8.95
N LEU D 510 9.74 -18.31 8.81
CA LEU D 510 9.66 -17.24 9.81
C LEU D 510 9.17 -17.77 11.15
N SER D 511 8.19 -18.69 11.12
CA SER D 511 7.72 -19.29 12.36
C SER D 511 8.86 -19.98 13.10
N LEU D 512 9.67 -20.77 12.39
CA LEU D 512 10.77 -21.48 13.04
C LEU D 512 11.86 -20.51 13.51
N PHE D 513 12.13 -19.47 12.73
CA PHE D 513 13.11 -18.46 13.15
C PHE D 513 12.69 -17.82 14.46
N ILE D 514 11.42 -17.44 14.54
CA ILE D 514 10.92 -16.80 15.75
C ILE D 514 10.96 -17.82 16.89
N ALA D 515 10.60 -19.07 16.62
CA ALA D 515 10.65 -20.10 17.66
C ALA D 515 12.06 -20.23 18.23
N LEU D 516 13.08 -20.16 17.35
CA LEU D 516 14.45 -20.23 17.85
C LEU D 516 14.77 -19.04 18.75
N ILE D 517 14.35 -17.84 18.34
CA ILE D 517 14.61 -16.66 19.17
C ILE D 517 13.94 -16.80 20.55
N THR D 518 12.66 -17.15 20.56
CA THR D 518 11.94 -17.24 21.82
C THR D 518 12.43 -18.42 22.67
N GLY D 519 12.93 -19.46 22.01
CA GLY D 519 13.49 -20.58 22.74
C GLY D 519 14.73 -20.12 23.46
N ALA D 520 15.63 -19.40 22.79
CA ALA D 520 16.81 -18.84 23.43
C ALA D 520 16.41 -17.96 24.61
N TYR D 521 15.39 -17.12 24.42
CA TYR D 521 14.93 -16.28 25.51
C TYR D 521 14.43 -17.13 26.68
N ASP D 522 13.73 -18.22 26.39
CA ASP D 522 13.25 -19.11 27.44
C ASP D 522 14.40 -19.72 28.21
N THR D 523 15.50 -20.04 27.52
CA THR D 523 16.67 -20.54 28.22
C THR D 523 17.28 -19.48 29.13
N ILE D 524 17.33 -18.22 28.68
CA ILE D 524 18.03 -17.20 29.46
C ILE D 524 17.15 -16.47 30.47
N LYS D 525 15.83 -16.51 30.33
CA LYS D 525 14.99 -15.83 31.32
C LYS D 525 15.12 -16.52 32.67
N HIS D 526 15.14 -15.72 33.73
CA HIS D 526 15.38 -16.26 35.06
C HIS D 526 14.45 -17.41 35.40
N PRO D 527 13.14 -17.33 35.18
CA PRO D 527 12.24 -18.47 35.41
C PRO D 527 12.19 -19.42 34.22
#